data_1X6O
# 
_entry.id   1X6O 
# 
_audit_conform.dict_name       mmcif_pdbx.dic 
_audit_conform.dict_version    5.386 
_audit_conform.dict_location   http://mmcif.pdb.org/dictionaries/ascii/mmcif_pdbx.dic 
# 
loop_
_database_2.database_id 
_database_2.database_code 
_database_2.pdbx_database_accession 
_database_2.pdbx_DOI 
PDB   1X6O         pdb_00001x6o 10.2210/pdb1x6o/pdb 
RCSB  RCSB030006   ?            ?                   
WWPDB D_1000030006 ?            ?                   
# 
loop_
_pdbx_audit_revision_history.ordinal 
_pdbx_audit_revision_history.data_content_type 
_pdbx_audit_revision_history.major_revision 
_pdbx_audit_revision_history.minor_revision 
_pdbx_audit_revision_history.revision_date 
1 'Structure model' 1 0 2004-08-24 
2 'Structure model' 1 1 2008-04-30 
3 'Structure model' 1 2 2011-07-13 
4 'Structure model' 1 3 2018-01-31 
5 'Structure model' 1 4 2024-02-14 
# 
_pdbx_audit_revision_details.ordinal             1 
_pdbx_audit_revision_details.revision_ordinal    1 
_pdbx_audit_revision_details.data_content_type   'Structure model' 
_pdbx_audit_revision_details.provider            repository 
_pdbx_audit_revision_details.type                'Initial release' 
_pdbx_audit_revision_details.description         ? 
_pdbx_audit_revision_details.details             ? 
# 
loop_
_pdbx_audit_revision_group.ordinal 
_pdbx_audit_revision_group.revision_ordinal 
_pdbx_audit_revision_group.data_content_type 
_pdbx_audit_revision_group.group 
1 2 'Structure model' 'Version format compliance' 
2 3 'Structure model' Advisory                    
3 3 'Structure model' 'Version format compliance' 
4 4 'Structure model' 'Database references'       
5 5 'Structure model' 'Data collection'           
6 5 'Structure model' 'Database references'       
7 5 'Structure model' 'Derived calculations'      
# 
loop_
_pdbx_audit_revision_category.ordinal 
_pdbx_audit_revision_category.revision_ordinal 
_pdbx_audit_revision_category.data_content_type 
_pdbx_audit_revision_category.category 
1 4 'Structure model' citation_author 
2 5 'Structure model' chem_comp_atom  
3 5 'Structure model' chem_comp_bond  
4 5 'Structure model' database_2      
5 5 'Structure model' struct_site     
# 
loop_
_pdbx_audit_revision_item.ordinal 
_pdbx_audit_revision_item.revision_ordinal 
_pdbx_audit_revision_item.data_content_type 
_pdbx_audit_revision_item.item 
1 4 'Structure model' '_citation_author.name'               
2 5 'Structure model' '_database_2.pdbx_DOI'                
3 5 'Structure model' '_database_2.pdbx_database_accession' 
4 5 'Structure model' '_struct_site.pdbx_auth_asym_id'      
5 5 'Structure model' '_struct_site.pdbx_auth_comp_id'      
6 5 'Structure model' '_struct_site.pdbx_auth_seq_id'       
# 
_pdbx_database_status.status_code                     REL 
_pdbx_database_status.entry_id                        1X6O 
_pdbx_database_status.recvd_initial_deposition_date   2004-08-11 
_pdbx_database_status.deposit_site                    RCSB 
_pdbx_database_status.process_site                    RCSB 
_pdbx_database_status.SG_entry                        Y 
_pdbx_database_status.status_code_sf                  REL 
_pdbx_database_status.status_code_mr                  ? 
_pdbx_database_status.pdb_format_compatible           Y 
_pdbx_database_status.status_code_cs                  ? 
_pdbx_database_status.methods_development_category    ? 
_pdbx_database_status.status_code_nmr_data            ? 
# 
_pdbx_database_related.db_name        TargetDB 
_pdbx_database_related.db_id          Lbra003024AAA 
_pdbx_database_related.details        . 
_pdbx_database_related.content_type   unspecified 
# 
loop_
_audit_author.name 
_audit_author.pdbx_ordinal 
'Bosch, J.'                                                    1 
'Robien, M.A.'                                                 2 
'Hol, W.G.J.'                                                  3 
'Structural Genomics of Pathogenic Protozoa Consortium (SGPP)' 4 
# 
_citation.id                        primary 
_citation.title                     'Structural Analysis of Leishmania braziliensis eukaryotic initiation factor 5a' 
_citation.journal_abbrev            'To be Published' 
_citation.journal_volume            ? 
_citation.page_first                ? 
_citation.page_last                 ? 
_citation.year                      ? 
_citation.journal_id_ASTM           ? 
_citation.country                   ? 
_citation.journal_id_ISSN           ? 
_citation.journal_id_CSD            0353 
_citation.book_publisher            ? 
_citation.pdbx_database_id_PubMed   ? 
_citation.pdbx_database_id_DOI      ? 
# 
loop_
_citation_author.citation_id 
_citation_author.name 
_citation_author.ordinal 
_citation_author.identifier_ORCID 
primary 'Bosch, J.'                                             1 ? 
primary 'Robien, M.A.'                                          2 ? 
primary 'Hol, W.G.J.'                                           3 ? 
primary 'Structural Genomics of Pathogenic Protozoa Consortium' 4 ? 
# 
loop_
_entity.id 
_entity.type 
_entity.src_method 
_entity.pdbx_description 
_entity.formula_weight 
_entity.pdbx_number_of_molecules 
_entity.pdbx_ec 
_entity.pdbx_mutation 
_entity.pdbx_fragment 
_entity.details 
1 polymer     man 'eukaryotic initiation factor 5a' 18863.973 1   ? ? ? ? 
2 non-polymer syn 'DI(HYDROXYETHYL)ETHER'           106.120   1   ? ? ? ? 
3 water       nat water                             18.015    325 ? ? ? ? 
# 
_entity_poly.entity_id                      1 
_entity_poly.type                           'polypeptide(L)' 
_entity_poly.nstd_linkage                   no 
_entity_poly.nstd_monomer                   no 
_entity_poly.pdbx_seq_one_letter_code       
;MAHHHHHHMSDEDHDFSHQGGGDNASKTYPLAAGALKKGGYVCINGRPCKVIDLSVSKTGKHGHAKVSIVATDIFTGNRL
EDQAPSTHNVEVPFVKTYTYSVLDIQANEDPSLPAHLSLMDDEGESREDLDMPPDPALATQIKEQFDSGKDVLVVVVSAM
GTEQVLQTKNAAEK
;
_entity_poly.pdbx_seq_one_letter_code_can   
;MAHHHHHHMSDEDHDFSHQGGGDNASKTYPLAAGALKKGGYVCINGRPCKVIDLSVSKTGKHGHAKVSIVATDIFTGNRL
EDQAPSTHNVEVPFVKTYTYSVLDIQANEDPSLPAHLSLMDDEGESREDLDMPPDPALATQIKEQFDSGKDVLVVVVSAM
GTEQVLQTKNAAEK
;
_entity_poly.pdbx_strand_id                 A 
_entity_poly.pdbx_target_identifier         Lbra003024AAA 
# 
loop_
_pdbx_entity_nonpoly.entity_id 
_pdbx_entity_nonpoly.name 
_pdbx_entity_nonpoly.comp_id 
2 'DI(HYDROXYETHYL)ETHER' PEG 
3 water                   HOH 
# 
loop_
_entity_poly_seq.entity_id 
_entity_poly_seq.num 
_entity_poly_seq.mon_id 
_entity_poly_seq.hetero 
1 1   MET n 
1 2   ALA n 
1 3   HIS n 
1 4   HIS n 
1 5   HIS n 
1 6   HIS n 
1 7   HIS n 
1 8   HIS n 
1 9   MET n 
1 10  SER n 
1 11  ASP n 
1 12  GLU n 
1 13  ASP n 
1 14  HIS n 
1 15  ASP n 
1 16  PHE n 
1 17  SER n 
1 18  HIS n 
1 19  GLN n 
1 20  GLY n 
1 21  GLY n 
1 22  GLY n 
1 23  ASP n 
1 24  ASN n 
1 25  ALA n 
1 26  SER n 
1 27  LYS n 
1 28  THR n 
1 29  TYR n 
1 30  PRO n 
1 31  LEU n 
1 32  ALA n 
1 33  ALA n 
1 34  GLY n 
1 35  ALA n 
1 36  LEU n 
1 37  LYS n 
1 38  LYS n 
1 39  GLY n 
1 40  GLY n 
1 41  TYR n 
1 42  VAL n 
1 43  CYS n 
1 44  ILE n 
1 45  ASN n 
1 46  GLY n 
1 47  ARG n 
1 48  PRO n 
1 49  CYS n 
1 50  LYS n 
1 51  VAL n 
1 52  ILE n 
1 53  ASP n 
1 54  LEU n 
1 55  SER n 
1 56  VAL n 
1 57  SER n 
1 58  LYS n 
1 59  THR n 
1 60  GLY n 
1 61  LYS n 
1 62  HIS n 
1 63  GLY n 
1 64  HIS n 
1 65  ALA n 
1 66  LYS n 
1 67  VAL n 
1 68  SER n 
1 69  ILE n 
1 70  VAL n 
1 71  ALA n 
1 72  THR n 
1 73  ASP n 
1 74  ILE n 
1 75  PHE n 
1 76  THR n 
1 77  GLY n 
1 78  ASN n 
1 79  ARG n 
1 80  LEU n 
1 81  GLU n 
1 82  ASP n 
1 83  GLN n 
1 84  ALA n 
1 85  PRO n 
1 86  SER n 
1 87  THR n 
1 88  HIS n 
1 89  ASN n 
1 90  VAL n 
1 91  GLU n 
1 92  VAL n 
1 93  PRO n 
1 94  PHE n 
1 95  VAL n 
1 96  LYS n 
1 97  THR n 
1 98  TYR n 
1 99  THR n 
1 100 TYR n 
1 101 SER n 
1 102 VAL n 
1 103 LEU n 
1 104 ASP n 
1 105 ILE n 
1 106 GLN n 
1 107 ALA n 
1 108 ASN n 
1 109 GLU n 
1 110 ASP n 
1 111 PRO n 
1 112 SER n 
1 113 LEU n 
1 114 PRO n 
1 115 ALA n 
1 116 HIS n 
1 117 LEU n 
1 118 SER n 
1 119 LEU n 
1 120 MET n 
1 121 ASP n 
1 122 ASP n 
1 123 GLU n 
1 124 GLY n 
1 125 GLU n 
1 126 SER n 
1 127 ARG n 
1 128 GLU n 
1 129 ASP n 
1 130 LEU n 
1 131 ASP n 
1 132 MET n 
1 133 PRO n 
1 134 PRO n 
1 135 ASP n 
1 136 PRO n 
1 137 ALA n 
1 138 LEU n 
1 139 ALA n 
1 140 THR n 
1 141 GLN n 
1 142 ILE n 
1 143 LYS n 
1 144 GLU n 
1 145 GLN n 
1 146 PHE n 
1 147 ASP n 
1 148 SER n 
1 149 GLY n 
1 150 LYS n 
1 151 ASP n 
1 152 VAL n 
1 153 LEU n 
1 154 VAL n 
1 155 VAL n 
1 156 VAL n 
1 157 VAL n 
1 158 SER n 
1 159 ALA n 
1 160 MET n 
1 161 GLY n 
1 162 THR n 
1 163 GLU n 
1 164 GLN n 
1 165 VAL n 
1 166 LEU n 
1 167 GLN n 
1 168 THR n 
1 169 LYS n 
1 170 ASN n 
1 171 ALA n 
1 172 ALA n 
1 173 GLU n 
1 174 LYS n 
# 
_entity_src_gen.entity_id                          1 
_entity_src_gen.pdbx_src_id                        1 
_entity_src_gen.pdbx_alt_source_flag               sample 
_entity_src_gen.pdbx_seq_type                      ? 
_entity_src_gen.pdbx_beg_seq_num                   ? 
_entity_src_gen.pdbx_end_seq_num                   ? 
_entity_src_gen.gene_src_common_name               ? 
_entity_src_gen.gene_src_genus                     Leishmania 
_entity_src_gen.pdbx_gene_src_gene                 ? 
_entity_src_gen.gene_src_species                   ? 
_entity_src_gen.gene_src_strain                    ? 
_entity_src_gen.gene_src_tissue                    ? 
_entity_src_gen.gene_src_tissue_fraction           ? 
_entity_src_gen.gene_src_details                   ? 
_entity_src_gen.pdbx_gene_src_fragment             ? 
_entity_src_gen.pdbx_gene_src_scientific_name      'Leishmania braziliensis' 
_entity_src_gen.pdbx_gene_src_ncbi_taxonomy_id     5660 
_entity_src_gen.pdbx_gene_src_variant              ? 
_entity_src_gen.pdbx_gene_src_cell_line            ? 
_entity_src_gen.pdbx_gene_src_atcc                 ? 
_entity_src_gen.pdbx_gene_src_organ                ? 
_entity_src_gen.pdbx_gene_src_organelle            ? 
_entity_src_gen.pdbx_gene_src_cell                 ? 
_entity_src_gen.pdbx_gene_src_cellular_location    ? 
_entity_src_gen.host_org_common_name               ? 
_entity_src_gen.pdbx_host_org_scientific_name      'Escherichia coli' 
_entity_src_gen.pdbx_host_org_ncbi_taxonomy_id     562 
_entity_src_gen.host_org_genus                     Escherichia 
_entity_src_gen.pdbx_host_org_gene                 ? 
_entity_src_gen.pdbx_host_org_organ                ? 
_entity_src_gen.host_org_species                   ? 
_entity_src_gen.pdbx_host_org_tissue               ? 
_entity_src_gen.pdbx_host_org_tissue_fraction      ? 
_entity_src_gen.pdbx_host_org_strain               'BL21STAR(DE3)' 
_entity_src_gen.pdbx_host_org_variant              ? 
_entity_src_gen.pdbx_host_org_cell_line            ? 
_entity_src_gen.pdbx_host_org_atcc                 ? 
_entity_src_gen.pdbx_host_org_culture_collection   ? 
_entity_src_gen.pdbx_host_org_cell                 ? 
_entity_src_gen.pdbx_host_org_organelle            ? 
_entity_src_gen.pdbx_host_org_cellular_location    ? 
_entity_src_gen.pdbx_host_org_vector_type          'T7 SYSTEM' 
_entity_src_gen.pdbx_host_org_vector               ? 
_entity_src_gen.host_org_details                   ? 
_entity_src_gen.expression_system_id               ? 
_entity_src_gen.plasmid_name                       PET14B 
_entity_src_gen.plasmid_details                    ? 
_entity_src_gen.pdbx_description                   ? 
# 
loop_
_chem_comp.id 
_chem_comp.type 
_chem_comp.mon_nstd_flag 
_chem_comp.name 
_chem_comp.pdbx_synonyms 
_chem_comp.formula 
_chem_comp.formula_weight 
ALA 'L-peptide linking' y ALANINE                 ? 'C3 H7 N O2'     89.093  
ARG 'L-peptide linking' y ARGININE                ? 'C6 H15 N4 O2 1' 175.209 
ASN 'L-peptide linking' y ASPARAGINE              ? 'C4 H8 N2 O3'    132.118 
ASP 'L-peptide linking' y 'ASPARTIC ACID'         ? 'C4 H7 N O4'     133.103 
CYS 'L-peptide linking' y CYSTEINE                ? 'C3 H7 N O2 S'   121.158 
GLN 'L-peptide linking' y GLUTAMINE               ? 'C5 H10 N2 O3'   146.144 
GLU 'L-peptide linking' y 'GLUTAMIC ACID'         ? 'C5 H9 N O4'     147.129 
GLY 'peptide linking'   y GLYCINE                 ? 'C2 H5 N O2'     75.067  
HIS 'L-peptide linking' y HISTIDINE               ? 'C6 H10 N3 O2 1' 156.162 
HOH non-polymer         . WATER                   ? 'H2 O'           18.015  
ILE 'L-peptide linking' y ISOLEUCINE              ? 'C6 H13 N O2'    131.173 
LEU 'L-peptide linking' y LEUCINE                 ? 'C6 H13 N O2'    131.173 
LYS 'L-peptide linking' y LYSINE                  ? 'C6 H15 N2 O2 1' 147.195 
MET 'L-peptide linking' y METHIONINE              ? 'C5 H11 N O2 S'  149.211 
PEG non-polymer         . 'DI(HYDROXYETHYL)ETHER' ? 'C4 H10 O3'      106.120 
PHE 'L-peptide linking' y PHENYLALANINE           ? 'C9 H11 N O2'    165.189 
PRO 'L-peptide linking' y PROLINE                 ? 'C5 H9 N O2'     115.130 
SER 'L-peptide linking' y SERINE                  ? 'C3 H7 N O3'     105.093 
THR 'L-peptide linking' y THREONINE               ? 'C4 H9 N O3'     119.119 
TYR 'L-peptide linking' y TYROSINE                ? 'C9 H11 N O3'    181.189 
VAL 'L-peptide linking' y VALINE                  ? 'C5 H11 N O2'    117.146 
# 
loop_
_pdbx_poly_seq_scheme.asym_id 
_pdbx_poly_seq_scheme.entity_id 
_pdbx_poly_seq_scheme.seq_id 
_pdbx_poly_seq_scheme.mon_id 
_pdbx_poly_seq_scheme.ndb_seq_num 
_pdbx_poly_seq_scheme.pdb_seq_num 
_pdbx_poly_seq_scheme.auth_seq_num 
_pdbx_poly_seq_scheme.pdb_mon_id 
_pdbx_poly_seq_scheme.auth_mon_id 
_pdbx_poly_seq_scheme.pdb_strand_id 
_pdbx_poly_seq_scheme.pdb_ins_code 
_pdbx_poly_seq_scheme.hetero 
A 1 1   MET 1   -7  ?   ?   ?   A . n 
A 1 2   ALA 2   -6  ?   ?   ?   A . n 
A 1 3   HIS 3   -5  ?   ?   ?   A . n 
A 1 4   HIS 4   -4  ?   ?   ?   A . n 
A 1 5   HIS 5   -3  ?   ?   ?   A . n 
A 1 6   HIS 6   -2  ?   ?   ?   A . n 
A 1 7   HIS 7   -1  ?   ?   ?   A . n 
A 1 8   HIS 8   0   ?   ?   ?   A . n 
A 1 9   MET 9   1   ?   ?   ?   A . n 
A 1 10  SER 10  2   ?   ?   ?   A . n 
A 1 11  ASP 11  3   ?   ?   ?   A . n 
A 1 12  GLU 12  4   ?   ?   ?   A . n 
A 1 13  ASP 13  5   ?   ?   ?   A . n 
A 1 14  HIS 14  6   ?   ?   ?   A . n 
A 1 15  ASP 15  7   ?   ?   ?   A . n 
A 1 16  PHE 16  8   ?   ?   ?   A . n 
A 1 17  SER 17  9   ?   ?   ?   A . n 
A 1 18  HIS 18  10  ?   ?   ?   A . n 
A 1 19  GLN 19  11  ?   ?   ?   A . n 
A 1 20  GLY 20  12  ?   ?   ?   A . n 
A 1 21  GLY 21  13  ?   ?   ?   A . n 
A 1 22  GLY 22  14  ?   ?   ?   A . n 
A 1 23  ASP 23  15  ?   ?   ?   A . n 
A 1 24  ASN 24  16  ?   ?   ?   A . n 
A 1 25  ALA 25  17  ?   ?   ?   A . n 
A 1 26  SER 26  18  ?   ?   ?   A . n 
A 1 27  LYS 27  19  19  LYS LYS A . n 
A 1 28  THR 28  20  20  THR THR A . n 
A 1 29  TYR 29  21  21  TYR TYR A . n 
A 1 30  PRO 30  22  22  PRO PRO A . n 
A 1 31  LEU 31  23  23  LEU LEU A . n 
A 1 32  ALA 32  24  24  ALA ALA A . n 
A 1 33  ALA 33  25  25  ALA ALA A . n 
A 1 34  GLY 34  26  26  GLY GLY A . n 
A 1 35  ALA 35  27  27  ALA ALA A . n 
A 1 36  LEU 36  28  28  LEU LEU A . n 
A 1 37  LYS 37  29  29  LYS LYS A . n 
A 1 38  LYS 38  30  30  LYS LYS A . n 
A 1 39  GLY 39  31  31  GLY GLY A . n 
A 1 40  GLY 40  32  32  GLY GLY A . n 
A 1 41  TYR 41  33  33  TYR TYR A . n 
A 1 42  VAL 42  34  34  VAL VAL A . n 
A 1 43  CYS 43  35  35  CYS CYS A . n 
A 1 44  ILE 44  36  36  ILE ILE A . n 
A 1 45  ASN 45  37  37  ASN ASN A . n 
A 1 46  GLY 46  38  38  GLY GLY A . n 
A 1 47  ARG 47  39  39  ARG ARG A . n 
A 1 48  PRO 48  40  40  PRO PRO A . n 
A 1 49  CYS 49  41  41  CYS CYS A . n 
A 1 50  LYS 50  42  42  LYS LYS A . n 
A 1 51  VAL 51  43  43  VAL VAL A . n 
A 1 52  ILE 52  44  44  ILE ILE A . n 
A 1 53  ASP 53  45  45  ASP ASP A . n 
A 1 54  LEU 54  46  46  LEU LEU A . n 
A 1 55  SER 55  47  47  SER SER A . n 
A 1 56  VAL 56  48  48  VAL VAL A . n 
A 1 57  SER 57  49  49  SER SER A . n 
A 1 58  LYS 58  50  50  LYS ALA A . n 
A 1 59  THR 59  51  51  THR ALA A . n 
A 1 60  GLY 60  52  ?   ?   ?   A . n 
A 1 61  LYS 61  53  ?   ?   ?   A . n 
A 1 62  HIS 62  54  ?   ?   ?   A . n 
A 1 63  GLY 63  55  ?   ?   ?   A . n 
A 1 64  HIS 64  56  56  HIS HIS A . n 
A 1 65  ALA 65  57  57  ALA ALA A . n 
A 1 66  LYS 66  58  58  LYS LYS A . n 
A 1 67  VAL 67  59  59  VAL VAL A . n 
A 1 68  SER 68  60  60  SER SER A . n 
A 1 69  ILE 69  61  61  ILE ILE A . n 
A 1 70  VAL 70  62  62  VAL VAL A . n 
A 1 71  ALA 71  63  63  ALA ALA A . n 
A 1 72  THR 72  64  64  THR THR A . n 
A 1 73  ASP 73  65  65  ASP ASP A . n 
A 1 74  ILE 74  66  66  ILE ILE A . n 
A 1 75  PHE 75  67  67  PHE PHE A . n 
A 1 76  THR 76  68  68  THR THR A . n 
A 1 77  GLY 77  69  69  GLY GLY A . n 
A 1 78  ASN 78  70  70  ASN ASN A . n 
A 1 79  ARG 79  71  71  ARG ARG A . n 
A 1 80  LEU 80  72  72  LEU LEU A . n 
A 1 81  GLU 81  73  73  GLU GLU A . n 
A 1 82  ASP 82  74  74  ASP ASP A . n 
A 1 83  GLN 83  75  75  GLN GLN A . n 
A 1 84  ALA 84  76  76  ALA ALA A . n 
A 1 85  PRO 85  77  77  PRO PRO A . n 
A 1 86  SER 86  78  78  SER SER A . n 
A 1 87  THR 87  79  79  THR THR A . n 
A 1 88  HIS 88  80  80  HIS HIS A . n 
A 1 89  ASN 89  81  81  ASN ASN A . n 
A 1 90  VAL 90  82  82  VAL VAL A . n 
A 1 91  GLU 91  83  83  GLU GLU A . n 
A 1 92  VAL 92  84  84  VAL VAL A . n 
A 1 93  PRO 93  85  85  PRO PRO A . n 
A 1 94  PHE 94  86  86  PHE PHE A . n 
A 1 95  VAL 95  87  87  VAL VAL A . n 
A 1 96  LYS 96  88  88  LYS LYS A . n 
A 1 97  THR 97  89  89  THR THR A . n 
A 1 98  TYR 98  90  90  TYR TYR A . n 
A 1 99  THR 99  91  91  THR THR A . n 
A 1 100 TYR 100 92  92  TYR TYR A . n 
A 1 101 SER 101 93  93  SER SER A . n 
A 1 102 VAL 102 94  94  VAL VAL A . n 
A 1 103 LEU 103 95  95  LEU LEU A . n 
A 1 104 ASP 104 96  96  ASP ASP A . n 
A 1 105 ILE 105 97  97  ILE ILE A . n 
A 1 106 GLN 106 98  98  GLN GLN A . n 
A 1 107 ALA 107 99  99  ALA ALA A . n 
A 1 108 ASN 108 100 100 ASN ASN A . n 
A 1 109 GLU 109 101 101 GLU GLU A . n 
A 1 110 ASP 110 102 102 ASP ASP A . n 
A 1 111 PRO 111 103 103 PRO PRO A . n 
A 1 112 SER 112 104 104 SER SER A . n 
A 1 113 LEU 113 105 105 LEU LEU A . n 
A 1 114 PRO 114 106 106 PRO PRO A . n 
A 1 115 ALA 115 107 107 ALA ALA A . n 
A 1 116 HIS 116 108 108 HIS HIS A . n 
A 1 117 LEU 117 109 109 LEU LEU A . n 
A 1 118 SER 118 110 110 SER SER A . n 
A 1 119 LEU 119 111 111 LEU LEU A . n 
A 1 120 MET 120 112 112 MET MET A . n 
A 1 121 ASP 121 113 113 ASP ASP A . n 
A 1 122 ASP 122 114 114 ASP ASP A . n 
A 1 123 GLU 123 115 115 GLU GLU A . n 
A 1 124 GLY 124 116 116 GLY GLY A . n 
A 1 125 GLU 125 117 117 GLU GLU A . n 
A 1 126 SER 126 118 118 SER SER A . n 
A 1 127 ARG 127 119 119 ARG ARG A . n 
A 1 128 GLU 128 120 120 GLU GLU A . n 
A 1 129 ASP 129 121 121 ASP ASP A . n 
A 1 130 LEU 130 122 122 LEU LEU A . n 
A 1 131 ASP 131 123 123 ASP ASP A . n 
A 1 132 MET 132 124 124 MET MET A . n 
A 1 133 PRO 133 125 125 PRO PRO A . n 
A 1 134 PRO 134 126 126 PRO PRO A . n 
A 1 135 ASP 135 127 127 ASP ASP A . n 
A 1 136 PRO 136 128 128 PRO PRO A . n 
A 1 137 ALA 137 129 129 ALA ALA A . n 
A 1 138 LEU 138 130 130 LEU LEU A . n 
A 1 139 ALA 139 131 131 ALA ALA A . n 
A 1 140 THR 140 132 132 THR THR A . n 
A 1 141 GLN 141 133 133 GLN GLN A . n 
A 1 142 ILE 142 134 134 ILE ILE A . n 
A 1 143 LYS 143 135 135 LYS LYS A . n 
A 1 144 GLU 144 136 136 GLU GLU A . n 
A 1 145 GLN 145 137 137 GLN GLN A . n 
A 1 146 PHE 146 138 138 PHE PHE A . n 
A 1 147 ASP 147 139 139 ASP ASP A . n 
A 1 148 SER 148 140 140 SER SER A . n 
A 1 149 GLY 149 141 141 GLY GLY A . n 
A 1 150 LYS 150 142 142 LYS LYS A . n 
A 1 151 ASP 151 143 143 ASP ASP A . n 
A 1 152 VAL 152 144 144 VAL VAL A . n 
A 1 153 LEU 153 145 145 LEU LEU A . n 
A 1 154 VAL 154 146 146 VAL VAL A . n 
A 1 155 VAL 155 147 147 VAL VAL A . n 
A 1 156 VAL 156 148 148 VAL VAL A . n 
A 1 157 VAL 157 149 149 VAL VAL A . n 
A 1 158 SER 158 150 150 SER SER A . n 
A 1 159 ALA 159 151 151 ALA ALA A . n 
A 1 160 MET 160 152 152 MET MET A . n 
A 1 161 GLY 161 153 153 GLY GLY A . n 
A 1 162 THR 162 154 154 THR THR A . n 
A 1 163 GLU 163 155 155 GLU GLU A . n 
A 1 164 GLN 164 156 156 GLN GLN A . n 
A 1 165 VAL 165 157 157 VAL VAL A . n 
A 1 166 LEU 166 158 158 LEU LEU A . n 
A 1 167 GLN 167 159 159 GLN GLN A . n 
A 1 168 THR 168 160 160 THR THR A . n 
A 1 169 LYS 169 161 161 LYS LYS A . n 
A 1 170 ASN 170 162 162 ASN ASN A . n 
A 1 171 ALA 171 163 163 ALA ALA A . n 
A 1 172 ALA 172 164 164 ALA ALA A . n 
A 1 173 GLU 173 165 165 GLU ALA A . n 
A 1 174 LYS 174 166 ?   ?   ?   A . n 
# 
loop_
_pdbx_nonpoly_scheme.asym_id 
_pdbx_nonpoly_scheme.entity_id 
_pdbx_nonpoly_scheme.mon_id 
_pdbx_nonpoly_scheme.ndb_seq_num 
_pdbx_nonpoly_scheme.pdb_seq_num 
_pdbx_nonpoly_scheme.auth_seq_num 
_pdbx_nonpoly_scheme.pdb_mon_id 
_pdbx_nonpoly_scheme.auth_mon_id 
_pdbx_nonpoly_scheme.pdb_strand_id 
_pdbx_nonpoly_scheme.pdb_ins_code 
B 2 PEG 1   3802 3802 PEG PEG A . 
C 3 HOH 1   3803 1    HOH HOH A . 
C 3 HOH 2   3804 2    HOH HOH A . 
C 3 HOH 3   3805 3    HOH HOH A . 
C 3 HOH 4   3806 4    HOH HOH A . 
C 3 HOH 5   3807 5    HOH HOH A . 
C 3 HOH 6   3808 6    HOH HOH A . 
C 3 HOH 7   3809 7    HOH HOH A . 
C 3 HOH 8   3810 8    HOH HOH A . 
C 3 HOH 9   3811 9    HOH HOH A . 
C 3 HOH 10  3812 10   HOH HOH A . 
C 3 HOH 11  3813 11   HOH HOH A . 
C 3 HOH 12  3814 12   HOH HOH A . 
C 3 HOH 13  3815 13   HOH HOH A . 
C 3 HOH 14  3816 14   HOH HOH A . 
C 3 HOH 15  3817 15   HOH HOH A . 
C 3 HOH 16  3818 16   HOH HOH A . 
C 3 HOH 17  3819 17   HOH HOH A . 
C 3 HOH 18  3820 18   HOH HOH A . 
C 3 HOH 19  3821 19   HOH HOH A . 
C 3 HOH 20  3822 20   HOH HOH A . 
C 3 HOH 21  3823 21   HOH HOH A . 
C 3 HOH 22  3824 22   HOH HOH A . 
C 3 HOH 23  3825 23   HOH HOH A . 
C 3 HOH 24  3826 24   HOH HOH A . 
C 3 HOH 25  3827 25   HOH HOH A . 
C 3 HOH 26  3828 26   HOH HOH A . 
C 3 HOH 27  3829 27   HOH HOH A . 
C 3 HOH 28  3830 28   HOH HOH A . 
C 3 HOH 29  3831 29   HOH HOH A . 
C 3 HOH 30  3832 30   HOH HOH A . 
C 3 HOH 31  3833 31   HOH HOH A . 
C 3 HOH 32  3834 32   HOH HOH A . 
C 3 HOH 33  3835 33   HOH HOH A . 
C 3 HOH 34  3836 34   HOH HOH A . 
C 3 HOH 35  3837 35   HOH HOH A . 
C 3 HOH 36  3838 36   HOH HOH A . 
C 3 HOH 37  3839 37   HOH HOH A . 
C 3 HOH 38  3840 38   HOH HOH A . 
C 3 HOH 39  3841 39   HOH HOH A . 
C 3 HOH 40  3842 40   HOH HOH A . 
C 3 HOH 41  3843 41   HOH HOH A . 
C 3 HOH 42  3844 42   HOH HOH A . 
C 3 HOH 43  3845 43   HOH HOH A . 
C 3 HOH 44  3846 44   HOH HOH A . 
C 3 HOH 45  3847 45   HOH HOH A . 
C 3 HOH 46  3848 46   HOH HOH A . 
C 3 HOH 47  3849 47   HOH HOH A . 
C 3 HOH 48  3850 48   HOH HOH A . 
C 3 HOH 49  3851 49   HOH HOH A . 
C 3 HOH 50  3852 50   HOH HOH A . 
C 3 HOH 51  3853 51   HOH HOH A . 
C 3 HOH 52  3854 52   HOH HOH A . 
C 3 HOH 53  3855 53   HOH HOH A . 
C 3 HOH 54  3856 54   HOH HOH A . 
C 3 HOH 55  3857 55   HOH HOH A . 
C 3 HOH 56  3858 56   HOH HOH A . 
C 3 HOH 57  3859 57   HOH HOH A . 
C 3 HOH 58  3860 58   HOH HOH A . 
C 3 HOH 59  3861 59   HOH HOH A . 
C 3 HOH 60  3862 60   HOH HOH A . 
C 3 HOH 61  3863 61   HOH HOH A . 
C 3 HOH 62  3864 62   HOH HOH A . 
C 3 HOH 63  3865 63   HOH HOH A . 
C 3 HOH 64  3866 64   HOH HOH A . 
C 3 HOH 65  3867 65   HOH HOH A . 
C 3 HOH 66  3868 66   HOH HOH A . 
C 3 HOH 67  3869 67   HOH HOH A . 
C 3 HOH 68  3870 68   HOH HOH A . 
C 3 HOH 69  3871 69   HOH HOH A . 
C 3 HOH 70  3872 70   HOH HOH A . 
C 3 HOH 71  3873 71   HOH HOH A . 
C 3 HOH 72  3874 72   HOH HOH A . 
C 3 HOH 73  3875 73   HOH HOH A . 
C 3 HOH 74  3876 74   HOH HOH A . 
C 3 HOH 75  3877 75   HOH HOH A . 
C 3 HOH 76  3878 76   HOH HOH A . 
C 3 HOH 77  3879 77   HOH HOH A . 
C 3 HOH 78  3880 78   HOH HOH A . 
C 3 HOH 79  3881 79   HOH HOH A . 
C 3 HOH 80  3882 80   HOH HOH A . 
C 3 HOH 81  3883 81   HOH HOH A . 
C 3 HOH 82  3884 82   HOH HOH A . 
C 3 HOH 83  3885 83   HOH HOH A . 
C 3 HOH 84  3886 84   HOH HOH A . 
C 3 HOH 85  3887 85   HOH HOH A . 
C 3 HOH 86  3888 86   HOH HOH A . 
C 3 HOH 87  3889 87   HOH HOH A . 
C 3 HOH 88  3890 88   HOH HOH A . 
C 3 HOH 89  3891 89   HOH HOH A . 
C 3 HOH 90  3892 90   HOH HOH A . 
C 3 HOH 91  3893 91   HOH HOH A . 
C 3 HOH 92  3894 92   HOH HOH A . 
C 3 HOH 93  3895 93   HOH HOH A . 
C 3 HOH 94  3896 94   HOH HOH A . 
C 3 HOH 95  3897 95   HOH HOH A . 
C 3 HOH 96  3898 96   HOH HOH A . 
C 3 HOH 97  3899 97   HOH HOH A . 
C 3 HOH 98  3900 98   HOH HOH A . 
C 3 HOH 99  3901 99   HOH HOH A . 
C 3 HOH 100 3902 100  HOH HOH A . 
C 3 HOH 101 3903 101  HOH HOH A . 
C 3 HOH 102 3904 102  HOH HOH A . 
C 3 HOH 103 3905 103  HOH HOH A . 
C 3 HOH 104 3906 104  HOH HOH A . 
C 3 HOH 105 3907 105  HOH HOH A . 
C 3 HOH 106 3908 106  HOH HOH A . 
C 3 HOH 107 3909 107  HOH HOH A . 
C 3 HOH 108 3910 108  HOH HOH A . 
C 3 HOH 109 3911 109  HOH HOH A . 
C 3 HOH 110 3912 110  HOH HOH A . 
C 3 HOH 111 3913 111  HOH HOH A . 
C 3 HOH 112 3914 112  HOH HOH A . 
C 3 HOH 113 3915 113  HOH HOH A . 
C 3 HOH 114 3916 114  HOH HOH A . 
C 3 HOH 115 3917 115  HOH HOH A . 
C 3 HOH 116 3918 116  HOH HOH A . 
C 3 HOH 117 3919 117  HOH HOH A . 
C 3 HOH 118 3920 118  HOH HOH A . 
C 3 HOH 119 3921 119  HOH HOH A . 
C 3 HOH 120 3922 120  HOH HOH A . 
C 3 HOH 121 3923 121  HOH HOH A . 
C 3 HOH 122 3924 122  HOH HOH A . 
C 3 HOH 123 3925 123  HOH HOH A . 
C 3 HOH 124 3926 125  HOH HOH A . 
C 3 HOH 125 3927 126  HOH HOH A . 
C 3 HOH 126 3928 127  HOH HOH A . 
C 3 HOH 127 3929 128  HOH HOH A . 
C 3 HOH 128 3930 129  HOH HOH A . 
C 3 HOH 129 3931 130  HOH HOH A . 
C 3 HOH 130 3932 131  HOH HOH A . 
C 3 HOH 131 3933 132  HOH HOH A . 
C 3 HOH 132 3934 133  HOH HOH A . 
C 3 HOH 133 3935 134  HOH HOH A . 
C 3 HOH 134 3936 135  HOH HOH A . 
C 3 HOH 135 3937 136  HOH HOH A . 
C 3 HOH 136 3938 137  HOH HOH A . 
C 3 HOH 137 3939 139  HOH HOH A . 
C 3 HOH 138 3940 140  HOH HOH A . 
C 3 HOH 139 3941 141  HOH HOH A . 
C 3 HOH 140 3942 142  HOH HOH A . 
C 3 HOH 141 3943 143  HOH HOH A . 
C 3 HOH 142 3944 144  HOH HOH A . 
C 3 HOH 143 3945 145  HOH HOH A . 
C 3 HOH 144 3946 146  HOH HOH A . 
C 3 HOH 145 3947 147  HOH HOH A . 
C 3 HOH 146 3948 148  HOH HOH A . 
C 3 HOH 147 3949 149  HOH HOH A . 
C 3 HOH 148 3950 150  HOH HOH A . 
C 3 HOH 149 3951 151  HOH HOH A . 
C 3 HOH 150 3952 152  HOH HOH A . 
C 3 HOH 151 3953 153  HOH HOH A . 
C 3 HOH 152 3954 154  HOH HOH A . 
C 3 HOH 153 3955 155  HOH HOH A . 
C 3 HOH 154 3956 156  HOH HOH A . 
C 3 HOH 155 3957 157  HOH HOH A . 
C 3 HOH 156 3958 158  HOH HOH A . 
C 3 HOH 157 3959 159  HOH HOH A . 
C 3 HOH 158 3960 160  HOH HOH A . 
C 3 HOH 159 3961 161  HOH HOH A . 
C 3 HOH 160 3962 162  HOH HOH A . 
C 3 HOH 161 3963 163  HOH HOH A . 
C 3 HOH 162 3964 164  HOH HOH A . 
C 3 HOH 163 3965 165  HOH HOH A . 
C 3 HOH 164 3966 166  HOH HOH A . 
C 3 HOH 165 3967 167  HOH HOH A . 
C 3 HOH 166 3968 169  HOH HOH A . 
C 3 HOH 167 3969 170  HOH HOH A . 
C 3 HOH 168 3970 171  HOH HOH A . 
C 3 HOH 169 3971 172  HOH HOH A . 
C 3 HOH 170 3972 173  HOH HOH A . 
C 3 HOH 171 3973 174  HOH HOH A . 
C 3 HOH 172 3974 175  HOH HOH A . 
C 3 HOH 173 3975 176  HOH HOH A . 
C 3 HOH 174 3976 177  HOH HOH A . 
C 3 HOH 175 3977 178  HOH HOH A . 
C 3 HOH 176 3978 179  HOH HOH A . 
C 3 HOH 177 3979 180  HOH HOH A . 
C 3 HOH 178 3980 181  HOH HOH A . 
C 3 HOH 179 3981 182  HOH HOH A . 
C 3 HOH 180 3982 183  HOH HOH A . 
C 3 HOH 181 3983 184  HOH HOH A . 
C 3 HOH 182 3984 185  HOH HOH A . 
C 3 HOH 183 3985 186  HOH HOH A . 
C 3 HOH 184 3986 187  HOH HOH A . 
C 3 HOH 185 3987 188  HOH HOH A . 
C 3 HOH 186 3988 189  HOH HOH A . 
C 3 HOH 187 3989 190  HOH HOH A . 
C 3 HOH 188 3990 191  HOH HOH A . 
C 3 HOH 189 3991 192  HOH HOH A . 
C 3 HOH 190 3992 193  HOH HOH A . 
C 3 HOH 191 3993 194  HOH HOH A . 
C 3 HOH 192 3994 195  HOH HOH A . 
C 3 HOH 193 3995 196  HOH HOH A . 
C 3 HOH 194 3996 197  HOH HOH A . 
C 3 HOH 195 3997 198  HOH HOH A . 
C 3 HOH 196 3998 199  HOH HOH A . 
C 3 HOH 197 3999 200  HOH HOH A . 
C 3 HOH 198 4000 201  HOH HOH A . 
C 3 HOH 199 4001 202  HOH HOH A . 
C 3 HOH 200 4002 203  HOH HOH A . 
C 3 HOH 201 4003 204  HOH HOH A . 
C 3 HOH 202 4004 205  HOH HOH A . 
C 3 HOH 203 4005 206  HOH HOH A . 
C 3 HOH 204 4006 207  HOH HOH A . 
C 3 HOH 205 4007 208  HOH HOH A . 
C 3 HOH 206 4008 209  HOH HOH A . 
C 3 HOH 207 4009 210  HOH HOH A . 
C 3 HOH 208 4010 211  HOH HOH A . 
C 3 HOH 209 4011 212  HOH HOH A . 
C 3 HOH 210 4012 213  HOH HOH A . 
C 3 HOH 211 4013 214  HOH HOH A . 
C 3 HOH 212 4014 215  HOH HOH A . 
C 3 HOH 213 4015 216  HOH HOH A . 
C 3 HOH 214 4016 217  HOH HOH A . 
C 3 HOH 215 4017 218  HOH HOH A . 
C 3 HOH 216 4018 219  HOH HOH A . 
C 3 HOH 217 4019 220  HOH HOH A . 
C 3 HOH 218 4020 221  HOH HOH A . 
C 3 HOH 219 4021 222  HOH HOH A . 
C 3 HOH 220 4022 223  HOH HOH A . 
C 3 HOH 221 4023 224  HOH HOH A . 
C 3 HOH 222 4024 225  HOH HOH A . 
C 3 HOH 223 4025 226  HOH HOH A . 
C 3 HOH 224 4026 227  HOH HOH A . 
C 3 HOH 225 4027 228  HOH HOH A . 
C 3 HOH 226 4028 229  HOH HOH A . 
C 3 HOH 227 4029 230  HOH HOH A . 
C 3 HOH 228 4030 231  HOH HOH A . 
C 3 HOH 229 4031 232  HOH HOH A . 
C 3 HOH 230 4032 233  HOH HOH A . 
C 3 HOH 231 4033 234  HOH HOH A . 
C 3 HOH 232 4034 235  HOH HOH A . 
C 3 HOH 233 4035 236  HOH HOH A . 
C 3 HOH 234 4036 237  HOH HOH A . 
C 3 HOH 235 4037 238  HOH HOH A . 
C 3 HOH 236 4038 239  HOH HOH A . 
C 3 HOH 237 4039 240  HOH HOH A . 
C 3 HOH 238 4040 241  HOH HOH A . 
C 3 HOH 239 4041 242  HOH HOH A . 
C 3 HOH 240 4042 243  HOH HOH A . 
C 3 HOH 241 4043 244  HOH HOH A . 
C 3 HOH 242 4044 245  HOH HOH A . 
C 3 HOH 243 4045 246  HOH HOH A . 
C 3 HOH 244 4046 247  HOH HOH A . 
C 3 HOH 245 4047 248  HOH HOH A . 
C 3 HOH 246 4048 249  HOH HOH A . 
C 3 HOH 247 4049 250  HOH HOH A . 
C 3 HOH 248 4050 251  HOH HOH A . 
C 3 HOH 249 4051 252  HOH HOH A . 
C 3 HOH 250 4052 253  HOH HOH A . 
C 3 HOH 251 4053 254  HOH HOH A . 
C 3 HOH 252 4054 255  HOH HOH A . 
C 3 HOH 253 4055 256  HOH HOH A . 
C 3 HOH 254 4056 257  HOH HOH A . 
C 3 HOH 255 4057 258  HOH HOH A . 
C 3 HOH 256 4058 259  HOH HOH A . 
C 3 HOH 257 4059 260  HOH HOH A . 
C 3 HOH 258 4060 261  HOH HOH A . 
C 3 HOH 259 4061 262  HOH HOH A . 
C 3 HOH 260 4062 263  HOH HOH A . 
C 3 HOH 261 4063 264  HOH HOH A . 
C 3 HOH 262 4064 265  HOH HOH A . 
C 3 HOH 263 4065 266  HOH HOH A . 
C 3 HOH 264 4066 267  HOH HOH A . 
C 3 HOH 265 4067 268  HOH HOH A . 
C 3 HOH 266 4068 269  HOH HOH A . 
C 3 HOH 267 4069 270  HOH HOH A . 
C 3 HOH 268 4070 271  HOH HOH A . 
C 3 HOH 269 4071 272  HOH HOH A . 
C 3 HOH 270 4072 273  HOH HOH A . 
C 3 HOH 271 4073 274  HOH HOH A . 
C 3 HOH 272 4074 275  HOH HOH A . 
C 3 HOH 273 4075 276  HOH HOH A . 
C 3 HOH 274 4076 277  HOH HOH A . 
C 3 HOH 275 4077 278  HOH HOH A . 
C 3 HOH 276 4078 279  HOH HOH A . 
C 3 HOH 277 4079 280  HOH HOH A . 
C 3 HOH 278 4080 281  HOH HOH A . 
C 3 HOH 279 4081 282  HOH HOH A . 
C 3 HOH 280 4082 283  HOH HOH A . 
C 3 HOH 281 4083 284  HOH HOH A . 
C 3 HOH 282 4084 285  HOH HOH A . 
C 3 HOH 283 4085 286  HOH HOH A . 
C 3 HOH 284 4086 287  HOH HOH A . 
C 3 HOH 285 4087 288  HOH HOH A . 
C 3 HOH 286 4088 289  HOH HOH A . 
C 3 HOH 287 4089 290  HOH HOH A . 
C 3 HOH 288 4090 291  HOH HOH A . 
C 3 HOH 289 4091 292  HOH HOH A . 
C 3 HOH 290 4092 293  HOH HOH A . 
C 3 HOH 291 4093 294  HOH HOH A . 
C 3 HOH 292 4094 295  HOH HOH A . 
C 3 HOH 293 4095 296  HOH HOH A . 
C 3 HOH 294 4096 297  HOH HOH A . 
C 3 HOH 295 4097 298  HOH HOH A . 
C 3 HOH 296 4098 299  HOH HOH A . 
C 3 HOH 297 4099 301  HOH HOH A . 
C 3 HOH 298 4100 302  HOH HOH A . 
C 3 HOH 299 4101 303  HOH HOH A . 
C 3 HOH 300 4102 304  HOH HOH A . 
C 3 HOH 301 4103 306  HOH HOH A . 
C 3 HOH 302 4104 307  HOH HOH A . 
C 3 HOH 303 4105 308  HOH HOH A . 
C 3 HOH 304 4106 309  HOH HOH A . 
C 3 HOH 305 4107 310  HOH HOH A . 
C 3 HOH 306 4108 311  HOH HOH A . 
C 3 HOH 307 4109 312  HOH HOH A . 
C 3 HOH 308 4110 313  HOH HOH A . 
C 3 HOH 309 4111 314  HOH HOH A . 
C 3 HOH 310 4112 315  HOH HOH A . 
C 3 HOH 311 4113 316  HOH HOH A . 
C 3 HOH 312 4114 317  HOH HOH A . 
C 3 HOH 313 4115 318  HOH HOH A . 
C 3 HOH 314 4116 319  HOH HOH A . 
C 3 HOH 315 4117 320  HOH HOH A . 
C 3 HOH 316 4118 321  HOH HOH A . 
C 3 HOH 317 4119 322  HOH HOH A . 
C 3 HOH 318 4120 323  HOH HOH A . 
C 3 HOH 319 4121 324  HOH HOH A . 
C 3 HOH 320 4122 325  HOH HOH A . 
C 3 HOH 321 4123 326  HOH HOH A . 
C 3 HOH 322 4124 328  HOH HOH A . 
C 3 HOH 323 4125 330  HOH HOH A . 
C 3 HOH 324 4126 331  HOH HOH A . 
C 3 HOH 325 4127 332  HOH HOH A . 
# 
loop_
_pdbx_unobs_or_zero_occ_atoms.id 
_pdbx_unobs_or_zero_occ_atoms.PDB_model_num 
_pdbx_unobs_or_zero_occ_atoms.polymer_flag 
_pdbx_unobs_or_zero_occ_atoms.occupancy_flag 
_pdbx_unobs_or_zero_occ_atoms.auth_asym_id 
_pdbx_unobs_or_zero_occ_atoms.auth_comp_id 
_pdbx_unobs_or_zero_occ_atoms.auth_seq_id 
_pdbx_unobs_or_zero_occ_atoms.PDB_ins_code 
_pdbx_unobs_or_zero_occ_atoms.auth_atom_id 
_pdbx_unobs_or_zero_occ_atoms.label_alt_id 
_pdbx_unobs_or_zero_occ_atoms.label_asym_id 
_pdbx_unobs_or_zero_occ_atoms.label_comp_id 
_pdbx_unobs_or_zero_occ_atoms.label_seq_id 
_pdbx_unobs_or_zero_occ_atoms.label_atom_id 
1  1 Y 1 A LYS 50  ? CG  ? A LYS 58  CG  
2  1 Y 1 A LYS 50  ? CD  ? A LYS 58  CD  
3  1 Y 1 A LYS 50  ? CE  ? A LYS 58  CE  
4  1 Y 1 A LYS 50  ? NZ  ? A LYS 58  NZ  
5  1 Y 1 A THR 51  ? OG1 ? A THR 59  OG1 
6  1 Y 1 A THR 51  ? CG2 ? A THR 59  CG2 
7  1 Y 1 A GLU 165 ? CG  ? A GLU 173 CG  
8  1 Y 1 A GLU 165 ? CD  ? A GLU 173 CD  
9  1 Y 1 A GLU 165 ? OE1 ? A GLU 173 OE1 
10 1 Y 1 A GLU 165 ? OE2 ? A GLU 173 OE2 
# 
loop_
_software.name 
_software.classification 
_software.version 
_software.citation_id 
_software.pdbx_ordinal 
REFMAC refinement       5.2.0000  ? 1 
MOSFLM 'data reduction' .         ? 2 
CCP4   'data scaling'   '(SCALA)' ? 3 
SHARP  phasing          .         ? 4 
# 
_cell.entry_id           1X6O 
_cell.length_a           64.991 
_cell.length_b           64.991 
_cell.length_c           88.297 
_cell.angle_alpha        90.00 
_cell.angle_beta         90.00 
_cell.angle_gamma        120.00 
_cell.Z_PDB              6 
_cell.pdbx_unique_axis   ? 
_cell.length_a_esd       ? 
_cell.length_b_esd       ? 
_cell.length_c_esd       ? 
_cell.angle_alpha_esd    ? 
_cell.angle_beta_esd     ? 
_cell.angle_gamma_esd    ? 
# 
_symmetry.entry_id                         1X6O 
_symmetry.space_group_name_H-M             'P 32 2 1' 
_symmetry.pdbx_full_space_group_name_H-M   ? 
_symmetry.cell_setting                     ? 
_symmetry.Int_Tables_number                154 
_symmetry.space_group_name_Hall            ? 
# 
_exptl.entry_id          1X6O 
_exptl.method            'X-RAY DIFFRACTION' 
_exptl.crystals_number   2 
# 
_exptl_crystal.id                    1 
_exptl_crystal.density_meas          ? 
_exptl_crystal.density_Matthews      2.9 
_exptl_crystal.density_percent_sol   56.6 
_exptl_crystal.description           ? 
_exptl_crystal.F_000                 ? 
_exptl_crystal.preparation           ? 
# 
_exptl_crystal_grow.crystal_id      1 
_exptl_crystal_grow.method          'VAPOR DIFFUSION, SITTING DROP' 
_exptl_crystal_grow.temp            277 
_exptl_crystal_grow.temp_details    ? 
_exptl_crystal_grow.pH              4.0 
_exptl_crystal_grow.pdbx_details    
'PEG 400,  Potassium thiocyanate, Sodium Citrate, pH 4.0, VAPOR DIFFUSION, SITTING DROP, temperature 277K' 
_exptl_crystal_grow.pdbx_pH_range   . 
# 
loop_
_diffrn.id 
_diffrn.ambient_temp 
_diffrn.ambient_temp_details 
_diffrn.crystal_id 
1   100 ? 1 
2   ?   ? 1 
1,2 ?   ? 1 
# 
loop_
_diffrn_detector.diffrn_id 
_diffrn_detector.detector 
_diffrn_detector.type 
_diffrn_detector.pdbx_collection_date 
_diffrn_detector.details 
1 CCD 'ADSC QUANTUM 315' 2004-06-12 ? 
2 CCD 'ADSC QUANTUM 315' 2004-06-13 ? 
# 
loop_
_diffrn_radiation.diffrn_id 
_diffrn_radiation.wavelength_id 
_diffrn_radiation.pdbx_monochromatic_or_laue_m_l 
_diffrn_radiation.monochromator 
_diffrn_radiation.pdbx_diffrn_protocol 
_diffrn_radiation.pdbx_scattering_type 
1 1 M 'Double crystal' 'SINGLE WAVELENGTH' x-ray 
2 2 M ?                MAD                 x-ray 
# 
loop_
_diffrn_radiation_wavelength.id 
_diffrn_radiation_wavelength.wavelength 
_diffrn_radiation_wavelength.wt 
1 0.979251 1.0 
2 0.9791   1.0 
3 0.8434   1.0 
4 0.9793   1.0 
# 
loop_
_diffrn_source.diffrn_id 
_diffrn_source.source 
_diffrn_source.type 
_diffrn_source.pdbx_synchrotron_site 
_diffrn_source.pdbx_synchrotron_beamline 
_diffrn_source.pdbx_wavelength 
_diffrn_source.pdbx_wavelength_list 
1 SYNCHROTRON 'SSRL BEAMLINE BL9-2' SSRL BL9-2 0.979251 ?                    
2 SYNCHROTRON 'SSRL BEAMLINE BL9-1' SSRL BL9-1 ?        0.9791,0.8434,0.9793 
# 
_reflns.entry_id                     1X6O 
_reflns.observed_criterion_sigma_F   0 
_reflns.observed_criterion_sigma_I   -3 
_reflns.d_resolution_high            1.6 
_reflns.d_resolution_low             44 
_reflns.number_all                   ? 
_reflns.number_obs                   28757 
_reflns.percent_possible_obs         99.0 
_reflns.pdbx_Rmerge_I_obs            ? 
_reflns.pdbx_Rsym_value              0.048 
_reflns.pdbx_netI_over_sigmaI        12.2 
_reflns.B_iso_Wilson_estimate        19.523 
_reflns.pdbx_redundancy              3.1 
_reflns.R_free_details               ? 
_reflns.limit_h_max                  ? 
_reflns.limit_h_min                  ? 
_reflns.limit_k_max                  ? 
_reflns.limit_k_min                  ? 
_reflns.limit_l_max                  ? 
_reflns.limit_l_min                  ? 
_reflns.observed_criterion_F_max     ? 
_reflns.observed_criterion_F_min     ? 
_reflns.pdbx_chi_squared             ? 
_reflns.pdbx_scaling_rejects         ? 
_reflns.pdbx_ordinal                 1 
_reflns.pdbx_diffrn_id               1,2 
# 
_reflns_shell.d_res_high             1.6 
_reflns_shell.d_res_low              1.69 
_reflns_shell.percent_possible_all   99.9 
_reflns_shell.Rmerge_I_obs           ? 
_reflns_shell.pdbx_Rsym_value        0.386 
_reflns_shell.meanI_over_sigI_obs    2.7 
_reflns_shell.pdbx_redundancy        3.2 
_reflns_shell.percent_possible_obs   ? 
_reflns_shell.number_unique_all      4184 
_reflns_shell.number_measured_all    ? 
_reflns_shell.number_measured_obs    ? 
_reflns_shell.number_unique_obs      ? 
_reflns_shell.pdbx_chi_squared       ? 
_reflns_shell.pdbx_ordinal           1 
_reflns_shell.pdbx_diffrn_id         1,2 
# 
_refine.entry_id                                 1X6O 
_refine.ls_number_reflns_obs                     27121 
_refine.ls_number_reflns_all                     ? 
_refine.pdbx_ls_sigma_I                          ? 
_refine.pdbx_ls_sigma_F                          0 
_refine.pdbx_data_cutoff_high_absF               ? 
_refine.pdbx_data_cutoff_low_absF                ? 
_refine.pdbx_data_cutoff_high_rms_absF           ? 
_refine.ls_d_res_low                             10.00 
_refine.ls_d_res_high                            1.60 
_refine.ls_percent_reflns_obs                    98.91 
_refine.ls_R_factor_obs                          0.1765 
_refine.ls_R_factor_all                          0.1765 
_refine.ls_R_factor_R_work                       0.17444 
_refine.ls_R_factor_R_free                       0.21398 
_refine.ls_R_factor_R_free_error                 ? 
_refine.ls_R_factor_R_free_error_details         ? 
_refine.ls_percent_reflns_R_free                 5.1 
_refine.ls_number_reflns_R_free                  1460 
_refine.ls_number_parameters                     ? 
_refine.ls_number_restraints                     ? 
_refine.occupancy_min                            ? 
_refine.occupancy_max                            ? 
_refine.correlation_coeff_Fo_to_Fc               0.965 
_refine.correlation_coeff_Fo_to_Fc_free          0.949 
_refine.B_iso_mean                               35.824 
_refine.aniso_B[1][1]                            -0.15 
_refine.aniso_B[2][2]                            -0.15 
_refine.aniso_B[3][3]                            0.23 
_refine.aniso_B[1][2]                            -0.08 
_refine.aniso_B[1][3]                            0.00 
_refine.aniso_B[2][3]                            0.00 
_refine.solvent_model_details                    'BABINET MODEL WITH MASK' 
_refine.solvent_model_param_ksol                 ? 
_refine.solvent_model_param_bsol                 ? 
_refine.pdbx_solvent_vdw_probe_radii             1.20 
_refine.pdbx_solvent_ion_probe_radii             0.80 
_refine.pdbx_solvent_shrinkage_radii             0.80 
_refine.pdbx_ls_cross_valid_method               THROUGHOUT 
_refine.details                                  
'Seleno MAD used to solve higher resolution crystal, rigid body fit of MAD model was refined against native data' 
_refine.pdbx_starting_model                      ? 
_refine.pdbx_method_to_determine_struct          MAD 
_refine.pdbx_isotropic_thermal_model             'Isotropic with TLS (2 TLS groups per monomer)' 
_refine.pdbx_stereochemistry_target_values       'MAXIMUM LIKELIHOOD' 
_refine.pdbx_stereochem_target_val_spec_case     ? 
_refine.pdbx_R_Free_selection_details            RANDOM 
_refine.pdbx_overall_ESU_R                       0.073 
_refine.pdbx_overall_ESU_R_Free                  0.080 
_refine.overall_SU_ML                            0.051 
_refine.overall_SU_B                             2.762 
_refine.ls_redundancy_reflns_obs                 ? 
_refine.B_iso_min                                ? 
_refine.B_iso_max                                ? 
_refine.overall_SU_R_Cruickshank_DPI             ? 
_refine.overall_SU_R_free                        ? 
_refine.ls_wR_factor_R_free                      ? 
_refine.ls_wR_factor_R_work                      ? 
_refine.overall_FOM_free_R_set                   ? 
_refine.overall_FOM_work_R_set                   ? 
_refine.pdbx_refine_id                           'X-RAY DIFFRACTION' 
_refine.pdbx_TLS_residual_ADP_flag               'LIKELY RESIDUAL' 
_refine.pdbx_diffrn_id                           1 
_refine.pdbx_overall_phase_error                 ? 
_refine.pdbx_overall_SU_R_free_Cruickshank_DPI   ? 
_refine.pdbx_overall_SU_R_Blow_DPI               ? 
_refine.pdbx_overall_SU_R_free_Blow_DPI          ? 
# 
_refine_hist.pdbx_refine_id                   'X-RAY DIFFRACTION' 
_refine_hist.cycle_id                         LAST 
_refine_hist.pdbx_number_atoms_protein        1070 
_refine_hist.pdbx_number_atoms_nucleic_acid   0 
_refine_hist.pdbx_number_atoms_ligand         7 
_refine_hist.number_atoms_solvent             325 
_refine_hist.number_atoms_total               1402 
_refine_hist.d_res_high                       1.60 
_refine_hist.d_res_low                        10.00 
# 
loop_
_refine_ls_restr.type 
_refine_ls_restr.dev_ideal 
_refine_ls_restr.dev_ideal_target 
_refine_ls_restr.weight 
_refine_ls_restr.number 
_refine_ls_restr.pdbx_refine_id 
_refine_ls_restr.pdbx_restraint_function 
r_bond_refined_d         0.016  0.022  ? 1093 'X-RAY DIFFRACTION' ? 
r_bond_other_d           ?      ?      ? ?    'X-RAY DIFFRACTION' ? 
r_angle_refined_deg      1.624  1.976  ? 1484 'X-RAY DIFFRACTION' ? 
r_angle_other_deg        ?      ?      ? ?    'X-RAY DIFFRACTION' ? 
r_dihedral_angle_1_deg   6.127  5.000  ? 141  'X-RAY DIFFRACTION' ? 
r_dihedral_angle_2_deg   35.154 26.364 ? 44   'X-RAY DIFFRACTION' ? 
r_dihedral_angle_3_deg   11.509 15.000 ? 181  'X-RAY DIFFRACTION' ? 
r_dihedral_angle_4_deg   11.228 15.000 ? 3    'X-RAY DIFFRACTION' ? 
r_chiral_restr           0.131  0.200  ? 177  'X-RAY DIFFRACTION' ? 
r_gen_planes_refined     0.007  0.020  ? 810  'X-RAY DIFFRACTION' ? 
r_gen_planes_other       ?      ?      ? ?    'X-RAY DIFFRACTION' ? 
r_nbd_refined            0.206  0.200  ? 463  'X-RAY DIFFRACTION' ? 
r_nbd_other              ?      ?      ? ?    'X-RAY DIFFRACTION' ? 
r_nbtor_refined          ?      ?      ? ?    'X-RAY DIFFRACTION' ? 
r_nbtor_other            ?      ?      ? ?    'X-RAY DIFFRACTION' ? 
r_xyhbond_nbd_refined    0.159  0.200  ? 217  'X-RAY DIFFRACTION' ? 
r_xyhbond_nbd_other      ?      ?      ? ?    'X-RAY DIFFRACTION' ? 
r_metal_ion_refined      ?      ?      ? ?    'X-RAY DIFFRACTION' ? 
r_metal_ion_other        ?      ?      ? ?    'X-RAY DIFFRACTION' ? 
r_symmetry_vdw_refined   0.215  0.200  ? 49   'X-RAY DIFFRACTION' ? 
r_symmetry_vdw_other     ?      ?      ? ?    'X-RAY DIFFRACTION' ? 
r_symmetry_hbond_refined 0.235  0.200  ? 34   'X-RAY DIFFRACTION' ? 
r_symmetry_hbond_other   ?      ?      ? ?    'X-RAY DIFFRACTION' ? 
r_mcbond_it              2.481  4.000  ? 724  'X-RAY DIFFRACTION' ? 
r_mcbond_other           ?      ?      ? ?    'X-RAY DIFFRACTION' ? 
r_mcangle_it             3.564  6.000  ? 1155 'X-RAY DIFFRACTION' ? 
r_scbond_it              4.482  6.000  ? 399  'X-RAY DIFFRACTION' ? 
r_scangle_it             6.683  10.000 ? 329  'X-RAY DIFFRACTION' ? 
r_rigid_bond_restr       ?      ?      ? ?    'X-RAY DIFFRACTION' ? 
r_sphericity_free        ?      ?      ? ?    'X-RAY DIFFRACTION' ? 
r_sphericity_bonded      ?      ?      ? ?    'X-RAY DIFFRACTION' ? 
# 
_refine_ls_shell.pdbx_total_number_of_bins_used   10 
_refine_ls_shell.d_res_high                       1.600 
_refine_ls_shell.d_res_low                        1.684 
_refine_ls_shell.number_reflns_R_work             3852 
_refine_ls_shell.R_factor_R_work                  0.223 
_refine_ls_shell.percent_reflns_obs               ? 
_refine_ls_shell.R_factor_R_free                  0.265 
_refine_ls_shell.R_factor_R_free_error            ? 
_refine_ls_shell.percent_reflns_R_free            ? 
_refine_ls_shell.number_reflns_R_free             216 
_refine_ls_shell.number_reflns_obs                3852 
_refine_ls_shell.redundancy_reflns_obs            ? 
_refine_ls_shell.number_reflns_all                ? 
_refine_ls_shell.R_factor_all                     ? 
_refine_ls_shell.pdbx_refine_id                   'X-RAY DIFFRACTION' 
# 
_struct.entry_id                  1X6O 
_struct.title                     'Structural Analysis of Leishmania braziliensis eukaryotic initiation factor 5a' 
_struct.pdbx_model_details        ? 
_struct.pdbx_CASP_flag            ? 
_struct.pdbx_model_type_details   ? 
# 
_struct_keywords.entry_id        1X6O 
_struct_keywords.pdbx_keywords   TRANSLATION 
_struct_keywords.text            
'SGPP, STRUCTURAL GENOMICS, PSI, PROTEIN STRUCTURE INITIATIVE, Structural Genomics of Pathogenic Protozoa Consortium, TRANSLATION' 
# 
loop_
_struct_asym.id 
_struct_asym.pdbx_blank_PDB_chainid_flag 
_struct_asym.pdbx_modified 
_struct_asym.entity_id 
_struct_asym.details 
A N N 1 ? 
B N N 2 ? 
C N N 3 ? 
# 
_struct_ref.id                         1 
_struct_ref.entity_id                  1 
_struct_ref.db_name                    UNP 
_struct_ref.db_code                    A4HE05_LEIBR 
_struct_ref.pdbx_db_accession          A4HE05 
_struct_ref.pdbx_db_isoform            ? 
_struct_ref.pdbx_seq_one_letter_code   ? 
_struct_ref.pdbx_align_begin           ? 
# 
_struct_ref_seq.align_id                      1 
_struct_ref_seq.ref_id                        1 
_struct_ref_seq.pdbx_PDB_id_code              1X6O 
_struct_ref_seq.pdbx_strand_id                A 
_struct_ref_seq.seq_align_beg                 9 
_struct_ref_seq.pdbx_seq_align_beg_ins_code   ? 
_struct_ref_seq.seq_align_end                 174 
_struct_ref_seq.pdbx_seq_align_end_ins_code   ? 
_struct_ref_seq.pdbx_db_accession             A4HE05 
_struct_ref_seq.db_align_beg                  1 
_struct_ref_seq.pdbx_db_align_beg_ins_code    ? 
_struct_ref_seq.db_align_end                  166 
_struct_ref_seq.pdbx_db_align_end_ins_code    ? 
_struct_ref_seq.pdbx_auth_seq_align_beg       1 
_struct_ref_seq.pdbx_auth_seq_align_end       166 
# 
_pdbx_struct_assembly.id                   1 
_pdbx_struct_assembly.details              author_defined_assembly 
_pdbx_struct_assembly.method_details       ? 
_pdbx_struct_assembly.oligomeric_details   monomeric 
_pdbx_struct_assembly.oligomeric_count     1 
# 
_pdbx_struct_assembly_gen.assembly_id       1 
_pdbx_struct_assembly_gen.oper_expression   1 
_pdbx_struct_assembly_gen.asym_id_list      A,B,C 
# 
_pdbx_struct_oper_list.id                   1 
_pdbx_struct_oper_list.type                 'identity operation' 
_pdbx_struct_oper_list.name                 1_555 
_pdbx_struct_oper_list.symmetry_operation   x,y,z 
_pdbx_struct_oper_list.matrix[1][1]         1.0000000000 
_pdbx_struct_oper_list.matrix[1][2]         0.0000000000 
_pdbx_struct_oper_list.matrix[1][3]         0.0000000000 
_pdbx_struct_oper_list.vector[1]            0.0000000000 
_pdbx_struct_oper_list.matrix[2][1]         0.0000000000 
_pdbx_struct_oper_list.matrix[2][2]         1.0000000000 
_pdbx_struct_oper_list.matrix[2][3]         0.0000000000 
_pdbx_struct_oper_list.vector[2]            0.0000000000 
_pdbx_struct_oper_list.matrix[3][1]         0.0000000000 
_pdbx_struct_oper_list.matrix[3][2]         0.0000000000 
_pdbx_struct_oper_list.matrix[3][3]         1.0000000000 
_pdbx_struct_oper_list.vector[3]            0.0000000000 
# 
_struct_biol.id   1 
# 
loop_
_struct_conf.conf_type_id 
_struct_conf.id 
_struct_conf.pdbx_PDB_helix_id 
_struct_conf.beg_label_comp_id 
_struct_conf.beg_label_asym_id 
_struct_conf.beg_label_seq_id 
_struct_conf.pdbx_beg_PDB_ins_code 
_struct_conf.end_label_comp_id 
_struct_conf.end_label_asym_id 
_struct_conf.end_label_seq_id 
_struct_conf.pdbx_end_PDB_ins_code 
_struct_conf.beg_auth_comp_id 
_struct_conf.beg_auth_asym_id 
_struct_conf.beg_auth_seq_id 
_struct_conf.end_auth_comp_id 
_struct_conf.end_auth_asym_id 
_struct_conf.end_auth_seq_id 
_struct_conf.pdbx_PDB_helix_class 
_struct_conf.details 
_struct_conf.pdbx_PDB_helix_length 
HELX_P HELX_P1 1 GLY A 34  ? LEU A 36  ? GLY A 26  LEU A 28  5 ? 3  
HELX_P HELX_P2 2 ASP A 135 ? SER A 148 ? ASP A 127 SER A 140 1 ? 14 
# 
_struct_conf_type.id          HELX_P 
_struct_conf_type.criteria    ? 
_struct_conf_type.reference   ? 
# 
loop_
_struct_sheet.id 
_struct_sheet.type 
_struct_sheet.number_strands 
_struct_sheet.details 
A ? 2 ? 
B ? 4 ? 
C ? 5 ? 
# 
loop_
_struct_sheet_order.sheet_id 
_struct_sheet_order.range_id_1 
_struct_sheet_order.range_id_2 
_struct_sheet_order.offset 
_struct_sheet_order.sense 
A 1 2 ? anti-parallel 
B 1 2 ? anti-parallel 
B 2 3 ? anti-parallel 
B 3 4 ? anti-parallel 
C 1 2 ? anti-parallel 
C 2 3 ? anti-parallel 
C 3 4 ? anti-parallel 
C 4 5 ? anti-parallel 
# 
loop_
_struct_sheet_range.sheet_id 
_struct_sheet_range.id 
_struct_sheet_range.beg_label_comp_id 
_struct_sheet_range.beg_label_asym_id 
_struct_sheet_range.beg_label_seq_id 
_struct_sheet_range.pdbx_beg_PDB_ins_code 
_struct_sheet_range.end_label_comp_id 
_struct_sheet_range.end_label_asym_id 
_struct_sheet_range.end_label_seq_id 
_struct_sheet_range.pdbx_end_PDB_ins_code 
_struct_sheet_range.beg_auth_comp_id 
_struct_sheet_range.beg_auth_asym_id 
_struct_sheet_range.beg_auth_seq_id 
_struct_sheet_range.end_auth_comp_id 
_struct_sheet_range.end_auth_asym_id 
_struct_sheet_range.end_auth_seq_id 
A 1 THR A 28  ? ALA A 32  ? THR A 20  ALA A 24  
A 2 ASN A 89  ? PRO A 93  ? ASN A 81  PRO A 85  
B 1 TYR A 41  ? ILE A 44  ? TYR A 33  ILE A 36  
B 2 ARG A 47  ? VAL A 56  ? ARG A 39  VAL A 48  
B 3 LYS A 66  ? ASP A 73  ? LYS A 58  ASP A 65  
B 4 ARG A 79  ? PRO A 85  ? ARG A 71  PRO A 77  
C 1 SER A 126 ? ARG A 127 ? SER A 118 ARG A 119 
C 2 HIS A 116 ? MET A 120 ? HIS A 108 MET A 112 
C 3 LYS A 96  ? GLN A 106 ? LYS A 88  GLN A 98  
C 4 VAL A 152 ? ALA A 159 ? VAL A 144 ALA A 151 
C 5 THR A 162 ? ASN A 170 ? THR A 154 ASN A 162 
# 
loop_
_pdbx_struct_sheet_hbond.sheet_id 
_pdbx_struct_sheet_hbond.range_id_1 
_pdbx_struct_sheet_hbond.range_id_2 
_pdbx_struct_sheet_hbond.range_1_label_atom_id 
_pdbx_struct_sheet_hbond.range_1_label_comp_id 
_pdbx_struct_sheet_hbond.range_1_label_asym_id 
_pdbx_struct_sheet_hbond.range_1_label_seq_id 
_pdbx_struct_sheet_hbond.range_1_PDB_ins_code 
_pdbx_struct_sheet_hbond.range_1_auth_atom_id 
_pdbx_struct_sheet_hbond.range_1_auth_comp_id 
_pdbx_struct_sheet_hbond.range_1_auth_asym_id 
_pdbx_struct_sheet_hbond.range_1_auth_seq_id 
_pdbx_struct_sheet_hbond.range_2_label_atom_id 
_pdbx_struct_sheet_hbond.range_2_label_comp_id 
_pdbx_struct_sheet_hbond.range_2_label_asym_id 
_pdbx_struct_sheet_hbond.range_2_label_seq_id 
_pdbx_struct_sheet_hbond.range_2_PDB_ins_code 
_pdbx_struct_sheet_hbond.range_2_auth_atom_id 
_pdbx_struct_sheet_hbond.range_2_auth_comp_id 
_pdbx_struct_sheet_hbond.range_2_auth_asym_id 
_pdbx_struct_sheet_hbond.range_2_auth_seq_id 
A 1 2 N TYR A 29  ? N TYR A 21  O VAL A 92  ? O VAL A 84  
B 1 2 N VAL A 42  ? N VAL A 34  O CYS A 49  ? O CYS A 41  
B 2 3 N SER A 55  ? N SER A 47  O SER A 68  ? O SER A 60  
B 3 4 N VAL A 67  ? N VAL A 59  O ALA A 84  ? O ALA A 76  
C 1 2 O ARG A 127 ? O ARG A 119 N LEU A 119 ? N LEU A 111 
C 2 3 O HIS A 116 ? O HIS A 108 N GLN A 106 ? N GLN A 98  
C 3 4 N TYR A 98  ? N TYR A 90  O VAL A 156 ? O VAL A 148 
C 4 5 N LEU A 153 ? N LEU A 145 O LYS A 169 ? O LYS A 161 
# 
_struct_site.id                   AC1 
_struct_site.pdbx_evidence_code   Software 
_struct_site.pdbx_auth_asym_id    A 
_struct_site.pdbx_auth_comp_id    PEG 
_struct_site.pdbx_auth_seq_id     3802 
_struct_site.pdbx_auth_ins_code   ? 
_struct_site.pdbx_num_residues    10 
_struct_site.details              'BINDING SITE FOR RESIDUE PEG A 3802' 
# 
loop_
_struct_site_gen.id 
_struct_site_gen.site_id 
_struct_site_gen.pdbx_num_res 
_struct_site_gen.label_comp_id 
_struct_site_gen.label_asym_id 
_struct_site_gen.label_seq_id 
_struct_site_gen.pdbx_auth_ins_code 
_struct_site_gen.auth_comp_id 
_struct_site_gen.auth_asym_id 
_struct_site_gen.auth_seq_id 
_struct_site_gen.label_atom_id 
_struct_site_gen.label_alt_id 
_struct_site_gen.symmetry 
_struct_site_gen.details 
1  AC1 10 ALA A 65 ? ALA A 57   . ? 1_555 ? 
2  AC1 10 LYS A 66 ? LYS A 58   . ? 6_765 ? 
3  AC1 10 LYS A 66 ? LYS A 58   . ? 1_555 ? 
4  AC1 10 ALA A 84 ? ALA A 76   . ? 1_555 ? 
5  AC1 10 PRO A 85 ? PRO A 77   . ? 1_555 ? 
6  AC1 10 PRO A 85 ? PRO A 77   . ? 6_765 ? 
7  AC1 10 HOH C .  ? HOH A 4089 . ? 1_555 ? 
8  AC1 10 HOH C .  ? HOH A 4089 . ? 6_765 ? 
9  AC1 10 HOH C .  ? HOH A 4097 . ? 1_555 ? 
10 AC1 10 HOH C .  ? HOH A 4097 . ? 6_765 ? 
# 
_pdbx_validate_close_contact.id               1 
_pdbx_validate_close_contact.PDB_model_num    1 
_pdbx_validate_close_contact.auth_atom_id_1   OE1 
_pdbx_validate_close_contact.auth_asym_id_1   A 
_pdbx_validate_close_contact.auth_comp_id_1   GLN 
_pdbx_validate_close_contact.auth_seq_id_1    159 
_pdbx_validate_close_contact.PDB_ins_code_1   ? 
_pdbx_validate_close_contact.label_alt_id_1   A 
_pdbx_validate_close_contact.auth_atom_id_2   O 
_pdbx_validate_close_contact.auth_asym_id_2   A 
_pdbx_validate_close_contact.auth_comp_id_2   HOH 
_pdbx_validate_close_contact.auth_seq_id_2    4004 
_pdbx_validate_close_contact.PDB_ins_code_2   ? 
_pdbx_validate_close_contact.label_alt_id_2   ? 
_pdbx_validate_close_contact.dist             2.18 
# 
_pdbx_validate_symm_contact.id                1 
_pdbx_validate_symm_contact.PDB_model_num     1 
_pdbx_validate_symm_contact.auth_atom_id_1    O 
_pdbx_validate_symm_contact.auth_asym_id_1    A 
_pdbx_validate_symm_contact.auth_comp_id_1    HOH 
_pdbx_validate_symm_contact.auth_seq_id_1     3932 
_pdbx_validate_symm_contact.PDB_ins_code_1    ? 
_pdbx_validate_symm_contact.label_alt_id_1    ? 
_pdbx_validate_symm_contact.site_symmetry_1   1_555 
_pdbx_validate_symm_contact.auth_atom_id_2    O 
_pdbx_validate_symm_contact.auth_asym_id_2    A 
_pdbx_validate_symm_contact.auth_comp_id_2    HOH 
_pdbx_validate_symm_contact.auth_seq_id_2     4103 
_pdbx_validate_symm_contact.PDB_ins_code_2    ? 
_pdbx_validate_symm_contact.label_alt_id_2    ? 
_pdbx_validate_symm_contact.site_symmetry_2   6_765 
_pdbx_validate_symm_contact.dist              2.02 
# 
_pdbx_validate_torsion.id              1 
_pdbx_validate_torsion.PDB_model_num   1 
_pdbx_validate_torsion.auth_comp_id    PRO 
_pdbx_validate_torsion.auth_asym_id    A 
_pdbx_validate_torsion.auth_seq_id     126 
_pdbx_validate_torsion.PDB_ins_code    ? 
_pdbx_validate_torsion.label_alt_id    ? 
_pdbx_validate_torsion.phi             -77.14 
_pdbx_validate_torsion.psi             46.18 
# 
_pdbx_SG_project.id                    1 
_pdbx_SG_project.project_name          'PSI, Protein Structure Initiative' 
_pdbx_SG_project.full_name_of_center   'Structural Genomics of Pathogenic Protozoa Consortium' 
_pdbx_SG_project.initial_of_center     SGPP 
# 
loop_
_pdbx_struct_special_symmetry.id 
_pdbx_struct_special_symmetry.PDB_model_num 
_pdbx_struct_special_symmetry.auth_asym_id 
_pdbx_struct_special_symmetry.auth_comp_id 
_pdbx_struct_special_symmetry.auth_seq_id 
_pdbx_struct_special_symmetry.PDB_ins_code 
_pdbx_struct_special_symmetry.label_asym_id 
_pdbx_struct_special_symmetry.label_comp_id 
_pdbx_struct_special_symmetry.label_seq_id 
1 1 A PEG 3802 ? B PEG . 
2 1 A HOH 3813 ? C HOH . 
3 1 A HOH 4017 ? C HOH . 
# 
loop_
_pdbx_refine_tls.id 
_pdbx_refine_tls.details 
_pdbx_refine_tls.method 
_pdbx_refine_tls.origin_x 
_pdbx_refine_tls.origin_y 
_pdbx_refine_tls.origin_z 
_pdbx_refine_tls.T[1][1] 
_pdbx_refine_tls.T[2][2] 
_pdbx_refine_tls.T[3][3] 
_pdbx_refine_tls.T[1][2] 
_pdbx_refine_tls.T[1][3] 
_pdbx_refine_tls.T[2][3] 
_pdbx_refine_tls.L[1][1] 
_pdbx_refine_tls.L[2][2] 
_pdbx_refine_tls.L[3][3] 
_pdbx_refine_tls.L[1][2] 
_pdbx_refine_tls.L[1][3] 
_pdbx_refine_tls.L[2][3] 
_pdbx_refine_tls.S[1][1] 
_pdbx_refine_tls.S[1][2] 
_pdbx_refine_tls.S[1][3] 
_pdbx_refine_tls.S[2][1] 
_pdbx_refine_tls.S[2][2] 
_pdbx_refine_tls.S[2][3] 
_pdbx_refine_tls.S[3][1] 
_pdbx_refine_tls.S[3][2] 
_pdbx_refine_tls.S[3][3] 
_pdbx_refine_tls.pdbx_refine_id 
1 ? refined -9.2552 10.6606 -5.8417 -0.2469 -0.2278 -0.2352 -0.0029 -0.0120 -0.0029 3.6954 1.8998 1.7759 -1.4998 -0.3721 -0.1036 -0.0716 -0.0520 0.2138 0.0083  0.0319  -0.0065 0.0023 0.0080 0.0398 'X-RAY DIFFRACTION' 
2 ? refined 7.3467  -9.4091 4.7836  -0.2141 -0.1826 -0.2176 0.0316  0.0117  0.0317  4.3162 3.5696 4.7339 -2.1706 2.0247  -2.6578 0.1149  0.3846  0.1050 -0.2137 -0.2786 -0.1861 0.0674 0.1564 0.1638 'X-RAY DIFFRACTION' 
# 
loop_
_pdbx_refine_tls_group.id 
_pdbx_refine_tls_group.refine_tls_id 
_pdbx_refine_tls_group.beg_label_asym_id 
_pdbx_refine_tls_group.beg_label_seq_id 
_pdbx_refine_tls_group.beg_auth_seq_id 
_pdbx_refine_tls_group.end_label_asym_id 
_pdbx_refine_tls_group.end_label_seq_id 
_pdbx_refine_tls_group.end_auth_seq_id 
_pdbx_refine_tls_group.selection 
_pdbx_refine_tls_group.beg_auth_asym_id 
_pdbx_refine_tls_group.end_auth_asym_id 
_pdbx_refine_tls_group.pdbx_refine_id 
_pdbx_refine_tls_group.selection_details 
1 1 A 27 19 A 59  51  ? A A 'X-RAY DIFFRACTION' ? 
2 1 A 64 56 A 94  86  ? A A 'X-RAY DIFFRACTION' ? 
3 2 A 95 87 A 172 164 ? A A 'X-RAY DIFFRACTION' ? 
# 
_pdbx_database_remark.id     999 
_pdbx_database_remark.text   
;SEQUENCE
AT THE TIME OF PROCESSING THERE WAS NO SUITABLE 
SEQUENCE DATABASE REFERENCE FOR THIS PROTIEN.
;
# 
loop_
_pdbx_unobs_or_zero_occ_residues.id 
_pdbx_unobs_or_zero_occ_residues.PDB_model_num 
_pdbx_unobs_or_zero_occ_residues.polymer_flag 
_pdbx_unobs_or_zero_occ_residues.occupancy_flag 
_pdbx_unobs_or_zero_occ_residues.auth_asym_id 
_pdbx_unobs_or_zero_occ_residues.auth_comp_id 
_pdbx_unobs_or_zero_occ_residues.auth_seq_id 
_pdbx_unobs_or_zero_occ_residues.PDB_ins_code 
_pdbx_unobs_or_zero_occ_residues.label_asym_id 
_pdbx_unobs_or_zero_occ_residues.label_comp_id 
_pdbx_unobs_or_zero_occ_residues.label_seq_id 
1  1 Y 1 A MET -7  ? A MET 1   
2  1 Y 1 A ALA -6  ? A ALA 2   
3  1 Y 1 A HIS -5  ? A HIS 3   
4  1 Y 1 A HIS -4  ? A HIS 4   
5  1 Y 1 A HIS -3  ? A HIS 5   
6  1 Y 1 A HIS -2  ? A HIS 6   
7  1 Y 1 A HIS -1  ? A HIS 7   
8  1 Y 1 A HIS 0   ? A HIS 8   
9  1 Y 1 A MET 1   ? A MET 9   
10 1 Y 1 A SER 2   ? A SER 10  
11 1 Y 1 A ASP 3   ? A ASP 11  
12 1 Y 1 A GLU 4   ? A GLU 12  
13 1 Y 1 A ASP 5   ? A ASP 13  
14 1 Y 1 A HIS 6   ? A HIS 14  
15 1 Y 1 A ASP 7   ? A ASP 15  
16 1 Y 1 A PHE 8   ? A PHE 16  
17 1 Y 1 A SER 9   ? A SER 17  
18 1 Y 1 A HIS 10  ? A HIS 18  
19 1 Y 1 A GLN 11  ? A GLN 19  
20 1 Y 1 A GLY 12  ? A GLY 20  
21 1 Y 1 A GLY 13  ? A GLY 21  
22 1 Y 1 A GLY 14  ? A GLY 22  
23 1 Y 1 A ASP 15  ? A ASP 23  
24 1 Y 1 A ASN 16  ? A ASN 24  
25 1 Y 1 A ALA 17  ? A ALA 25  
26 1 Y 1 A SER 18  ? A SER 26  
27 1 Y 1 A GLY 52  ? A GLY 60  
28 1 Y 1 A LYS 53  ? A LYS 61  
29 1 Y 1 A HIS 54  ? A HIS 62  
30 1 Y 1 A GLY 55  ? A GLY 63  
31 1 Y 1 A LYS 166 ? A LYS 174 
# 
loop_
_chem_comp_atom.comp_id 
_chem_comp_atom.atom_id 
_chem_comp_atom.type_symbol 
_chem_comp_atom.pdbx_aromatic_flag 
_chem_comp_atom.pdbx_stereo_config 
_chem_comp_atom.pdbx_ordinal 
ALA N    N N N 1   
ALA CA   C N S 2   
ALA C    C N N 3   
ALA O    O N N 4   
ALA CB   C N N 5   
ALA OXT  O N N 6   
ALA H    H N N 7   
ALA H2   H N N 8   
ALA HA   H N N 9   
ALA HB1  H N N 10  
ALA HB2  H N N 11  
ALA HB3  H N N 12  
ALA HXT  H N N 13  
ARG N    N N N 14  
ARG CA   C N S 15  
ARG C    C N N 16  
ARG O    O N N 17  
ARG CB   C N N 18  
ARG CG   C N N 19  
ARG CD   C N N 20  
ARG NE   N N N 21  
ARG CZ   C N N 22  
ARG NH1  N N N 23  
ARG NH2  N N N 24  
ARG OXT  O N N 25  
ARG H    H N N 26  
ARG H2   H N N 27  
ARG HA   H N N 28  
ARG HB2  H N N 29  
ARG HB3  H N N 30  
ARG HG2  H N N 31  
ARG HG3  H N N 32  
ARG HD2  H N N 33  
ARG HD3  H N N 34  
ARG HE   H N N 35  
ARG HH11 H N N 36  
ARG HH12 H N N 37  
ARG HH21 H N N 38  
ARG HH22 H N N 39  
ARG HXT  H N N 40  
ASN N    N N N 41  
ASN CA   C N S 42  
ASN C    C N N 43  
ASN O    O N N 44  
ASN CB   C N N 45  
ASN CG   C N N 46  
ASN OD1  O N N 47  
ASN ND2  N N N 48  
ASN OXT  O N N 49  
ASN H    H N N 50  
ASN H2   H N N 51  
ASN HA   H N N 52  
ASN HB2  H N N 53  
ASN HB3  H N N 54  
ASN HD21 H N N 55  
ASN HD22 H N N 56  
ASN HXT  H N N 57  
ASP N    N N N 58  
ASP CA   C N S 59  
ASP C    C N N 60  
ASP O    O N N 61  
ASP CB   C N N 62  
ASP CG   C N N 63  
ASP OD1  O N N 64  
ASP OD2  O N N 65  
ASP OXT  O N N 66  
ASP H    H N N 67  
ASP H2   H N N 68  
ASP HA   H N N 69  
ASP HB2  H N N 70  
ASP HB3  H N N 71  
ASP HD2  H N N 72  
ASP HXT  H N N 73  
CYS N    N N N 74  
CYS CA   C N R 75  
CYS C    C N N 76  
CYS O    O N N 77  
CYS CB   C N N 78  
CYS SG   S N N 79  
CYS OXT  O N N 80  
CYS H    H N N 81  
CYS H2   H N N 82  
CYS HA   H N N 83  
CYS HB2  H N N 84  
CYS HB3  H N N 85  
CYS HG   H N N 86  
CYS HXT  H N N 87  
GLN N    N N N 88  
GLN CA   C N S 89  
GLN C    C N N 90  
GLN O    O N N 91  
GLN CB   C N N 92  
GLN CG   C N N 93  
GLN CD   C N N 94  
GLN OE1  O N N 95  
GLN NE2  N N N 96  
GLN OXT  O N N 97  
GLN H    H N N 98  
GLN H2   H N N 99  
GLN HA   H N N 100 
GLN HB2  H N N 101 
GLN HB3  H N N 102 
GLN HG2  H N N 103 
GLN HG3  H N N 104 
GLN HE21 H N N 105 
GLN HE22 H N N 106 
GLN HXT  H N N 107 
GLU N    N N N 108 
GLU CA   C N S 109 
GLU C    C N N 110 
GLU O    O N N 111 
GLU CB   C N N 112 
GLU CG   C N N 113 
GLU CD   C N N 114 
GLU OE1  O N N 115 
GLU OE2  O N N 116 
GLU OXT  O N N 117 
GLU H    H N N 118 
GLU H2   H N N 119 
GLU HA   H N N 120 
GLU HB2  H N N 121 
GLU HB3  H N N 122 
GLU HG2  H N N 123 
GLU HG3  H N N 124 
GLU HE2  H N N 125 
GLU HXT  H N N 126 
GLY N    N N N 127 
GLY CA   C N N 128 
GLY C    C N N 129 
GLY O    O N N 130 
GLY OXT  O N N 131 
GLY H    H N N 132 
GLY H2   H N N 133 
GLY HA2  H N N 134 
GLY HA3  H N N 135 
GLY HXT  H N N 136 
HIS N    N N N 137 
HIS CA   C N S 138 
HIS C    C N N 139 
HIS O    O N N 140 
HIS CB   C N N 141 
HIS CG   C Y N 142 
HIS ND1  N Y N 143 
HIS CD2  C Y N 144 
HIS CE1  C Y N 145 
HIS NE2  N Y N 146 
HIS OXT  O N N 147 
HIS H    H N N 148 
HIS H2   H N N 149 
HIS HA   H N N 150 
HIS HB2  H N N 151 
HIS HB3  H N N 152 
HIS HD1  H N N 153 
HIS HD2  H N N 154 
HIS HE1  H N N 155 
HIS HE2  H N N 156 
HIS HXT  H N N 157 
HOH O    O N N 158 
HOH H1   H N N 159 
HOH H2   H N N 160 
ILE N    N N N 161 
ILE CA   C N S 162 
ILE C    C N N 163 
ILE O    O N N 164 
ILE CB   C N S 165 
ILE CG1  C N N 166 
ILE CG2  C N N 167 
ILE CD1  C N N 168 
ILE OXT  O N N 169 
ILE H    H N N 170 
ILE H2   H N N 171 
ILE HA   H N N 172 
ILE HB   H N N 173 
ILE HG12 H N N 174 
ILE HG13 H N N 175 
ILE HG21 H N N 176 
ILE HG22 H N N 177 
ILE HG23 H N N 178 
ILE HD11 H N N 179 
ILE HD12 H N N 180 
ILE HD13 H N N 181 
ILE HXT  H N N 182 
LEU N    N N N 183 
LEU CA   C N S 184 
LEU C    C N N 185 
LEU O    O N N 186 
LEU CB   C N N 187 
LEU CG   C N N 188 
LEU CD1  C N N 189 
LEU CD2  C N N 190 
LEU OXT  O N N 191 
LEU H    H N N 192 
LEU H2   H N N 193 
LEU HA   H N N 194 
LEU HB2  H N N 195 
LEU HB3  H N N 196 
LEU HG   H N N 197 
LEU HD11 H N N 198 
LEU HD12 H N N 199 
LEU HD13 H N N 200 
LEU HD21 H N N 201 
LEU HD22 H N N 202 
LEU HD23 H N N 203 
LEU HXT  H N N 204 
LYS N    N N N 205 
LYS CA   C N S 206 
LYS C    C N N 207 
LYS O    O N N 208 
LYS CB   C N N 209 
LYS CG   C N N 210 
LYS CD   C N N 211 
LYS CE   C N N 212 
LYS NZ   N N N 213 
LYS OXT  O N N 214 
LYS H    H N N 215 
LYS H2   H N N 216 
LYS HA   H N N 217 
LYS HB2  H N N 218 
LYS HB3  H N N 219 
LYS HG2  H N N 220 
LYS HG3  H N N 221 
LYS HD2  H N N 222 
LYS HD3  H N N 223 
LYS HE2  H N N 224 
LYS HE3  H N N 225 
LYS HZ1  H N N 226 
LYS HZ2  H N N 227 
LYS HZ3  H N N 228 
LYS HXT  H N N 229 
MET N    N N N 230 
MET CA   C N S 231 
MET C    C N N 232 
MET O    O N N 233 
MET CB   C N N 234 
MET CG   C N N 235 
MET SD   S N N 236 
MET CE   C N N 237 
MET OXT  O N N 238 
MET H    H N N 239 
MET H2   H N N 240 
MET HA   H N N 241 
MET HB2  H N N 242 
MET HB3  H N N 243 
MET HG2  H N N 244 
MET HG3  H N N 245 
MET HE1  H N N 246 
MET HE2  H N N 247 
MET HE3  H N N 248 
MET HXT  H N N 249 
PEG C1   C N N 250 
PEG O1   O N N 251 
PEG C2   C N N 252 
PEG O2   O N N 253 
PEG C3   C N N 254 
PEG C4   C N N 255 
PEG O4   O N N 256 
PEG H11  H N N 257 
PEG H12  H N N 258 
PEG HO1  H N N 259 
PEG H21  H N N 260 
PEG H22  H N N 261 
PEG H31  H N N 262 
PEG H32  H N N 263 
PEG H41  H N N 264 
PEG H42  H N N 265 
PEG HO4  H N N 266 
PHE N    N N N 267 
PHE CA   C N S 268 
PHE C    C N N 269 
PHE O    O N N 270 
PHE CB   C N N 271 
PHE CG   C Y N 272 
PHE CD1  C Y N 273 
PHE CD2  C Y N 274 
PHE CE1  C Y N 275 
PHE CE2  C Y N 276 
PHE CZ   C Y N 277 
PHE OXT  O N N 278 
PHE H    H N N 279 
PHE H2   H N N 280 
PHE HA   H N N 281 
PHE HB2  H N N 282 
PHE HB3  H N N 283 
PHE HD1  H N N 284 
PHE HD2  H N N 285 
PHE HE1  H N N 286 
PHE HE2  H N N 287 
PHE HZ   H N N 288 
PHE HXT  H N N 289 
PRO N    N N N 290 
PRO CA   C N S 291 
PRO C    C N N 292 
PRO O    O N N 293 
PRO CB   C N N 294 
PRO CG   C N N 295 
PRO CD   C N N 296 
PRO OXT  O N N 297 
PRO H    H N N 298 
PRO HA   H N N 299 
PRO HB2  H N N 300 
PRO HB3  H N N 301 
PRO HG2  H N N 302 
PRO HG3  H N N 303 
PRO HD2  H N N 304 
PRO HD3  H N N 305 
PRO HXT  H N N 306 
SER N    N N N 307 
SER CA   C N S 308 
SER C    C N N 309 
SER O    O N N 310 
SER CB   C N N 311 
SER OG   O N N 312 
SER OXT  O N N 313 
SER H    H N N 314 
SER H2   H N N 315 
SER HA   H N N 316 
SER HB2  H N N 317 
SER HB3  H N N 318 
SER HG   H N N 319 
SER HXT  H N N 320 
THR N    N N N 321 
THR CA   C N S 322 
THR C    C N N 323 
THR O    O N N 324 
THR CB   C N R 325 
THR OG1  O N N 326 
THR CG2  C N N 327 
THR OXT  O N N 328 
THR H    H N N 329 
THR H2   H N N 330 
THR HA   H N N 331 
THR HB   H N N 332 
THR HG1  H N N 333 
THR HG21 H N N 334 
THR HG22 H N N 335 
THR HG23 H N N 336 
THR HXT  H N N 337 
TYR N    N N N 338 
TYR CA   C N S 339 
TYR C    C N N 340 
TYR O    O N N 341 
TYR CB   C N N 342 
TYR CG   C Y N 343 
TYR CD1  C Y N 344 
TYR CD2  C Y N 345 
TYR CE1  C Y N 346 
TYR CE2  C Y N 347 
TYR CZ   C Y N 348 
TYR OH   O N N 349 
TYR OXT  O N N 350 
TYR H    H N N 351 
TYR H2   H N N 352 
TYR HA   H N N 353 
TYR HB2  H N N 354 
TYR HB3  H N N 355 
TYR HD1  H N N 356 
TYR HD2  H N N 357 
TYR HE1  H N N 358 
TYR HE2  H N N 359 
TYR HH   H N N 360 
TYR HXT  H N N 361 
VAL N    N N N 362 
VAL CA   C N S 363 
VAL C    C N N 364 
VAL O    O N N 365 
VAL CB   C N N 366 
VAL CG1  C N N 367 
VAL CG2  C N N 368 
VAL OXT  O N N 369 
VAL H    H N N 370 
VAL H2   H N N 371 
VAL HA   H N N 372 
VAL HB   H N N 373 
VAL HG11 H N N 374 
VAL HG12 H N N 375 
VAL HG13 H N N 376 
VAL HG21 H N N 377 
VAL HG22 H N N 378 
VAL HG23 H N N 379 
VAL HXT  H N N 380 
# 
loop_
_chem_comp_bond.comp_id 
_chem_comp_bond.atom_id_1 
_chem_comp_bond.atom_id_2 
_chem_comp_bond.value_order 
_chem_comp_bond.pdbx_aromatic_flag 
_chem_comp_bond.pdbx_stereo_config 
_chem_comp_bond.pdbx_ordinal 
ALA N   CA   sing N N 1   
ALA N   H    sing N N 2   
ALA N   H2   sing N N 3   
ALA CA  C    sing N N 4   
ALA CA  CB   sing N N 5   
ALA CA  HA   sing N N 6   
ALA C   O    doub N N 7   
ALA C   OXT  sing N N 8   
ALA CB  HB1  sing N N 9   
ALA CB  HB2  sing N N 10  
ALA CB  HB3  sing N N 11  
ALA OXT HXT  sing N N 12  
ARG N   CA   sing N N 13  
ARG N   H    sing N N 14  
ARG N   H2   sing N N 15  
ARG CA  C    sing N N 16  
ARG CA  CB   sing N N 17  
ARG CA  HA   sing N N 18  
ARG C   O    doub N N 19  
ARG C   OXT  sing N N 20  
ARG CB  CG   sing N N 21  
ARG CB  HB2  sing N N 22  
ARG CB  HB3  sing N N 23  
ARG CG  CD   sing N N 24  
ARG CG  HG2  sing N N 25  
ARG CG  HG3  sing N N 26  
ARG CD  NE   sing N N 27  
ARG CD  HD2  sing N N 28  
ARG CD  HD3  sing N N 29  
ARG NE  CZ   sing N N 30  
ARG NE  HE   sing N N 31  
ARG CZ  NH1  sing N N 32  
ARG CZ  NH2  doub N N 33  
ARG NH1 HH11 sing N N 34  
ARG NH1 HH12 sing N N 35  
ARG NH2 HH21 sing N N 36  
ARG NH2 HH22 sing N N 37  
ARG OXT HXT  sing N N 38  
ASN N   CA   sing N N 39  
ASN N   H    sing N N 40  
ASN N   H2   sing N N 41  
ASN CA  C    sing N N 42  
ASN CA  CB   sing N N 43  
ASN CA  HA   sing N N 44  
ASN C   O    doub N N 45  
ASN C   OXT  sing N N 46  
ASN CB  CG   sing N N 47  
ASN CB  HB2  sing N N 48  
ASN CB  HB3  sing N N 49  
ASN CG  OD1  doub N N 50  
ASN CG  ND2  sing N N 51  
ASN ND2 HD21 sing N N 52  
ASN ND2 HD22 sing N N 53  
ASN OXT HXT  sing N N 54  
ASP N   CA   sing N N 55  
ASP N   H    sing N N 56  
ASP N   H2   sing N N 57  
ASP CA  C    sing N N 58  
ASP CA  CB   sing N N 59  
ASP CA  HA   sing N N 60  
ASP C   O    doub N N 61  
ASP C   OXT  sing N N 62  
ASP CB  CG   sing N N 63  
ASP CB  HB2  sing N N 64  
ASP CB  HB3  sing N N 65  
ASP CG  OD1  doub N N 66  
ASP CG  OD2  sing N N 67  
ASP OD2 HD2  sing N N 68  
ASP OXT HXT  sing N N 69  
CYS N   CA   sing N N 70  
CYS N   H    sing N N 71  
CYS N   H2   sing N N 72  
CYS CA  C    sing N N 73  
CYS CA  CB   sing N N 74  
CYS CA  HA   sing N N 75  
CYS C   O    doub N N 76  
CYS C   OXT  sing N N 77  
CYS CB  SG   sing N N 78  
CYS CB  HB2  sing N N 79  
CYS CB  HB3  sing N N 80  
CYS SG  HG   sing N N 81  
CYS OXT HXT  sing N N 82  
GLN N   CA   sing N N 83  
GLN N   H    sing N N 84  
GLN N   H2   sing N N 85  
GLN CA  C    sing N N 86  
GLN CA  CB   sing N N 87  
GLN CA  HA   sing N N 88  
GLN C   O    doub N N 89  
GLN C   OXT  sing N N 90  
GLN CB  CG   sing N N 91  
GLN CB  HB2  sing N N 92  
GLN CB  HB3  sing N N 93  
GLN CG  CD   sing N N 94  
GLN CG  HG2  sing N N 95  
GLN CG  HG3  sing N N 96  
GLN CD  OE1  doub N N 97  
GLN CD  NE2  sing N N 98  
GLN NE2 HE21 sing N N 99  
GLN NE2 HE22 sing N N 100 
GLN OXT HXT  sing N N 101 
GLU N   CA   sing N N 102 
GLU N   H    sing N N 103 
GLU N   H2   sing N N 104 
GLU CA  C    sing N N 105 
GLU CA  CB   sing N N 106 
GLU CA  HA   sing N N 107 
GLU C   O    doub N N 108 
GLU C   OXT  sing N N 109 
GLU CB  CG   sing N N 110 
GLU CB  HB2  sing N N 111 
GLU CB  HB3  sing N N 112 
GLU CG  CD   sing N N 113 
GLU CG  HG2  sing N N 114 
GLU CG  HG3  sing N N 115 
GLU CD  OE1  doub N N 116 
GLU CD  OE2  sing N N 117 
GLU OE2 HE2  sing N N 118 
GLU OXT HXT  sing N N 119 
GLY N   CA   sing N N 120 
GLY N   H    sing N N 121 
GLY N   H2   sing N N 122 
GLY CA  C    sing N N 123 
GLY CA  HA2  sing N N 124 
GLY CA  HA3  sing N N 125 
GLY C   O    doub N N 126 
GLY C   OXT  sing N N 127 
GLY OXT HXT  sing N N 128 
HIS N   CA   sing N N 129 
HIS N   H    sing N N 130 
HIS N   H2   sing N N 131 
HIS CA  C    sing N N 132 
HIS CA  CB   sing N N 133 
HIS CA  HA   sing N N 134 
HIS C   O    doub N N 135 
HIS C   OXT  sing N N 136 
HIS CB  CG   sing N N 137 
HIS CB  HB2  sing N N 138 
HIS CB  HB3  sing N N 139 
HIS CG  ND1  sing Y N 140 
HIS CG  CD2  doub Y N 141 
HIS ND1 CE1  doub Y N 142 
HIS ND1 HD1  sing N N 143 
HIS CD2 NE2  sing Y N 144 
HIS CD2 HD2  sing N N 145 
HIS CE1 NE2  sing Y N 146 
HIS CE1 HE1  sing N N 147 
HIS NE2 HE2  sing N N 148 
HIS OXT HXT  sing N N 149 
HOH O   H1   sing N N 150 
HOH O   H2   sing N N 151 
ILE N   CA   sing N N 152 
ILE N   H    sing N N 153 
ILE N   H2   sing N N 154 
ILE CA  C    sing N N 155 
ILE CA  CB   sing N N 156 
ILE CA  HA   sing N N 157 
ILE C   O    doub N N 158 
ILE C   OXT  sing N N 159 
ILE CB  CG1  sing N N 160 
ILE CB  CG2  sing N N 161 
ILE CB  HB   sing N N 162 
ILE CG1 CD1  sing N N 163 
ILE CG1 HG12 sing N N 164 
ILE CG1 HG13 sing N N 165 
ILE CG2 HG21 sing N N 166 
ILE CG2 HG22 sing N N 167 
ILE CG2 HG23 sing N N 168 
ILE CD1 HD11 sing N N 169 
ILE CD1 HD12 sing N N 170 
ILE CD1 HD13 sing N N 171 
ILE OXT HXT  sing N N 172 
LEU N   CA   sing N N 173 
LEU N   H    sing N N 174 
LEU N   H2   sing N N 175 
LEU CA  C    sing N N 176 
LEU CA  CB   sing N N 177 
LEU CA  HA   sing N N 178 
LEU C   O    doub N N 179 
LEU C   OXT  sing N N 180 
LEU CB  CG   sing N N 181 
LEU CB  HB2  sing N N 182 
LEU CB  HB3  sing N N 183 
LEU CG  CD1  sing N N 184 
LEU CG  CD2  sing N N 185 
LEU CG  HG   sing N N 186 
LEU CD1 HD11 sing N N 187 
LEU CD1 HD12 sing N N 188 
LEU CD1 HD13 sing N N 189 
LEU CD2 HD21 sing N N 190 
LEU CD2 HD22 sing N N 191 
LEU CD2 HD23 sing N N 192 
LEU OXT HXT  sing N N 193 
LYS N   CA   sing N N 194 
LYS N   H    sing N N 195 
LYS N   H2   sing N N 196 
LYS CA  C    sing N N 197 
LYS CA  CB   sing N N 198 
LYS CA  HA   sing N N 199 
LYS C   O    doub N N 200 
LYS C   OXT  sing N N 201 
LYS CB  CG   sing N N 202 
LYS CB  HB2  sing N N 203 
LYS CB  HB3  sing N N 204 
LYS CG  CD   sing N N 205 
LYS CG  HG2  sing N N 206 
LYS CG  HG3  sing N N 207 
LYS CD  CE   sing N N 208 
LYS CD  HD2  sing N N 209 
LYS CD  HD3  sing N N 210 
LYS CE  NZ   sing N N 211 
LYS CE  HE2  sing N N 212 
LYS CE  HE3  sing N N 213 
LYS NZ  HZ1  sing N N 214 
LYS NZ  HZ2  sing N N 215 
LYS NZ  HZ3  sing N N 216 
LYS OXT HXT  sing N N 217 
MET N   CA   sing N N 218 
MET N   H    sing N N 219 
MET N   H2   sing N N 220 
MET CA  C    sing N N 221 
MET CA  CB   sing N N 222 
MET CA  HA   sing N N 223 
MET C   O    doub N N 224 
MET C   OXT  sing N N 225 
MET CB  CG   sing N N 226 
MET CB  HB2  sing N N 227 
MET CB  HB3  sing N N 228 
MET CG  SD   sing N N 229 
MET CG  HG2  sing N N 230 
MET CG  HG3  sing N N 231 
MET SD  CE   sing N N 232 
MET CE  HE1  sing N N 233 
MET CE  HE2  sing N N 234 
MET CE  HE3  sing N N 235 
MET OXT HXT  sing N N 236 
PEG C1  O1   sing N N 237 
PEG C1  C2   sing N N 238 
PEG C1  H11  sing N N 239 
PEG C1  H12  sing N N 240 
PEG O1  HO1  sing N N 241 
PEG C2  O2   sing N N 242 
PEG C2  H21  sing N N 243 
PEG C2  H22  sing N N 244 
PEG O2  C3   sing N N 245 
PEG C3  C4   sing N N 246 
PEG C3  H31  sing N N 247 
PEG C3  H32  sing N N 248 
PEG C4  O4   sing N N 249 
PEG C4  H41  sing N N 250 
PEG C4  H42  sing N N 251 
PEG O4  HO4  sing N N 252 
PHE N   CA   sing N N 253 
PHE N   H    sing N N 254 
PHE N   H2   sing N N 255 
PHE CA  C    sing N N 256 
PHE CA  CB   sing N N 257 
PHE CA  HA   sing N N 258 
PHE C   O    doub N N 259 
PHE C   OXT  sing N N 260 
PHE CB  CG   sing N N 261 
PHE CB  HB2  sing N N 262 
PHE CB  HB3  sing N N 263 
PHE CG  CD1  doub Y N 264 
PHE CG  CD2  sing Y N 265 
PHE CD1 CE1  sing Y N 266 
PHE CD1 HD1  sing N N 267 
PHE CD2 CE2  doub Y N 268 
PHE CD2 HD2  sing N N 269 
PHE CE1 CZ   doub Y N 270 
PHE CE1 HE1  sing N N 271 
PHE CE2 CZ   sing Y N 272 
PHE CE2 HE2  sing N N 273 
PHE CZ  HZ   sing N N 274 
PHE OXT HXT  sing N N 275 
PRO N   CA   sing N N 276 
PRO N   CD   sing N N 277 
PRO N   H    sing N N 278 
PRO CA  C    sing N N 279 
PRO CA  CB   sing N N 280 
PRO CA  HA   sing N N 281 
PRO C   O    doub N N 282 
PRO C   OXT  sing N N 283 
PRO CB  CG   sing N N 284 
PRO CB  HB2  sing N N 285 
PRO CB  HB3  sing N N 286 
PRO CG  CD   sing N N 287 
PRO CG  HG2  sing N N 288 
PRO CG  HG3  sing N N 289 
PRO CD  HD2  sing N N 290 
PRO CD  HD3  sing N N 291 
PRO OXT HXT  sing N N 292 
SER N   CA   sing N N 293 
SER N   H    sing N N 294 
SER N   H2   sing N N 295 
SER CA  C    sing N N 296 
SER CA  CB   sing N N 297 
SER CA  HA   sing N N 298 
SER C   O    doub N N 299 
SER C   OXT  sing N N 300 
SER CB  OG   sing N N 301 
SER CB  HB2  sing N N 302 
SER CB  HB3  sing N N 303 
SER OG  HG   sing N N 304 
SER OXT HXT  sing N N 305 
THR N   CA   sing N N 306 
THR N   H    sing N N 307 
THR N   H2   sing N N 308 
THR CA  C    sing N N 309 
THR CA  CB   sing N N 310 
THR CA  HA   sing N N 311 
THR C   O    doub N N 312 
THR C   OXT  sing N N 313 
THR CB  OG1  sing N N 314 
THR CB  CG2  sing N N 315 
THR CB  HB   sing N N 316 
THR OG1 HG1  sing N N 317 
THR CG2 HG21 sing N N 318 
THR CG2 HG22 sing N N 319 
THR CG2 HG23 sing N N 320 
THR OXT HXT  sing N N 321 
TYR N   CA   sing N N 322 
TYR N   H    sing N N 323 
TYR N   H2   sing N N 324 
TYR CA  C    sing N N 325 
TYR CA  CB   sing N N 326 
TYR CA  HA   sing N N 327 
TYR C   O    doub N N 328 
TYR C   OXT  sing N N 329 
TYR CB  CG   sing N N 330 
TYR CB  HB2  sing N N 331 
TYR CB  HB3  sing N N 332 
TYR CG  CD1  doub Y N 333 
TYR CG  CD2  sing Y N 334 
TYR CD1 CE1  sing Y N 335 
TYR CD1 HD1  sing N N 336 
TYR CD2 CE2  doub Y N 337 
TYR CD2 HD2  sing N N 338 
TYR CE1 CZ   doub Y N 339 
TYR CE1 HE1  sing N N 340 
TYR CE2 CZ   sing Y N 341 
TYR CE2 HE2  sing N N 342 
TYR CZ  OH   sing N N 343 
TYR OH  HH   sing N N 344 
TYR OXT HXT  sing N N 345 
VAL N   CA   sing N N 346 
VAL N   H    sing N N 347 
VAL N   H2   sing N N 348 
VAL CA  C    sing N N 349 
VAL CA  CB   sing N N 350 
VAL CA  HA   sing N N 351 
VAL C   O    doub N N 352 
VAL C   OXT  sing N N 353 
VAL CB  CG1  sing N N 354 
VAL CB  CG2  sing N N 355 
VAL CB  HB   sing N N 356 
VAL CG1 HG11 sing N N 357 
VAL CG1 HG12 sing N N 358 
VAL CG1 HG13 sing N N 359 
VAL CG2 HG21 sing N N 360 
VAL CG2 HG22 sing N N 361 
VAL CG2 HG23 sing N N 362 
VAL OXT HXT  sing N N 363 
# 
_atom_sites.entry_id                    1X6O 
_atom_sites.fract_transf_matrix[1][1]   -0.00023054 
_atom_sites.fract_transf_matrix[1][2]   -0.00894360 
_atom_sites.fract_transf_matrix[1][3]   -0.01535070 
_atom_sites.fract_transf_matrix[2][1]   0.00010108 
_atom_sites.fract_transf_matrix[2][2]   -0.01776659 
_atom_sites.fract_transf_matrix[2][3]   0.00006722 
_atom_sites.fract_transf_matrix[3][1]   -0.01132293 
_atom_sites.fract_transf_matrix[3][2]   -0.00006364 
_atom_sites.fract_transf_matrix[3][3]   0.00020713 
_atom_sites.fract_transf_vector[1]      0.922920 
_atom_sites.fract_transf_vector[2]      0.368950 
_atom_sites.fract_transf_vector[3]      0.139469 
# 
loop_
_atom_type.symbol 
C 
N 
O 
S 
# 
loop_
_atom_site.group_PDB 
_atom_site.id 
_atom_site.type_symbol 
_atom_site.label_atom_id 
_atom_site.label_alt_id 
_atom_site.label_comp_id 
_atom_site.label_asym_id 
_atom_site.label_entity_id 
_atom_site.label_seq_id 
_atom_site.pdbx_PDB_ins_code 
_atom_site.Cartn_x 
_atom_site.Cartn_y 
_atom_site.Cartn_z 
_atom_site.occupancy 
_atom_site.B_iso_or_equiv 
_atom_site.pdbx_formal_charge 
_atom_site.auth_seq_id 
_atom_site.auth_comp_id 
_atom_site.auth_asym_id 
_atom_site.auth_atom_id 
_atom_site.pdbx_PDB_model_num 
ATOM   1    N N   . LYS A 1 27  ? -13.850 -1.956  2.691   1.00 48.61 ? 19   LYS A N   1 
ATOM   2    C CA  . LYS A 1 27  ? -14.425 -1.333  1.475   1.00 37.12 ? 19   LYS A CA  1 
ATOM   3    C C   . LYS A 1 27  ? -14.082 0.147   1.393   1.00 33.63 ? 19   LYS A C   1 
ATOM   4    O O   . LYS A 1 27  ? -12.889 0.492   1.486   1.00 29.42 ? 19   LYS A O   1 
ATOM   5    C CB  . LYS A 1 27  ? -15.917 -1.586  1.375   1.00 31.70 ? 19   LYS A CB  1 
ATOM   6    C CG  . LYS A 1 27  ? -16.693 -1.512  2.707   1.00 33.97 ? 19   LYS A CG  1 
ATOM   7    C CD  . LYS A 1 27  ? -18.226 -1.614  2.443   1.00 45.45 ? 19   LYS A CD  1 
ATOM   8    C CE  . LYS A 1 27  ? -18.854 -0.250  1.987   1.00 44.90 ? 19   LYS A CE  1 
ATOM   9    N NZ  . LYS A 1 27  ? -18.224 0.362   0.771   1.00 39.54 ? 19   LYS A NZ  1 
ATOM   10   N N   . THR A 1 28  ? -15.094 1.007   1.189   1.00 32.36 ? 20   THR A N   1 
ATOM   11   C CA  . THR A 1 28  ? -14.818 2.424   0.920   1.00 27.70 ? 20   THR A CA  1 
ATOM   12   C C   . THR A 1 28  ? -15.890 3.228   1.668   1.00 28.15 ? 20   THR A C   1 
ATOM   13   O O   . THR A 1 28  ? -16.867 2.675   2.177   1.00 30.40 ? 20   THR A O   1 
ATOM   14   C CB  . THR A 1 28  ? -14.911 2.794   -0.550  1.00 30.49 ? 20   THR A CB  1 
ATOM   15   O OG1 . THR A 1 28  ? -16.266 2.532   -0.991  1.00 34.64 ? 20   THR A OG1 1 
ATOM   16   C CG2 . THR A 1 28  ? -13.996 1.890   -1.404  1.00 32.31 ? 20   THR A CG2 1 
ATOM   17   N N   . TYR A 1 29  ? -15.589 4.507   1.784   1.00 29.60 ? 21   TYR A N   1 
ATOM   18   C CA  . TYR A 1 29  ? -16.564 5.479   2.275   1.00 28.79 ? 21   TYR A CA  1 
ATOM   19   C C   . TYR A 1 29  ? -16.567 6.702   1.358   1.00 29.08 ? 21   TYR A C   1 
ATOM   20   O O   . TYR A 1 29  ? -15.584 7.002   0.662   1.00 31.16 ? 21   TYR A O   1 
ATOM   21   C CB  . TYR A 1 29  ? -16.231 5.875   3.711   1.00 29.67 ? 21   TYR A CB  1 
ATOM   22   C CG  . TYR A 1 29  ? -14.862 6.482   3.960   1.00 28.95 ? 21   TYR A CG  1 
ATOM   23   C CD1 . TYR A 1 29  ? -13.771 5.647   4.204   1.00 29.40 ? 21   TYR A CD1 1 
ATOM   24   C CD2 . TYR A 1 29  ? -14.672 7.879   4.003   1.00 31.11 ? 21   TYR A CD2 1 
ATOM   25   C CE1 . TYR A 1 29  ? -12.562 6.169   4.488   1.00 31.02 ? 21   TYR A CE1 1 
ATOM   26   C CE2 . TYR A 1 29  ? -13.420 8.411   4.270   1.00 31.47 ? 21   TYR A CE2 1 
ATOM   27   C CZ  . TYR A 1 29  ? -12.379 7.545   4.496   1.00 33.38 ? 21   TYR A CZ  1 
ATOM   28   O OH  . TYR A 1 29  ? -11.105 8.002   4.822   1.00 35.68 ? 21   TYR A OH  1 
ATOM   29   N N   . PRO A 1 30  ? -17.707 7.400   1.311   1.00 29.54 ? 22   PRO A N   1 
ATOM   30   C CA  . PRO A 1 30  ? -17.798 8.571   0.427   1.00 28.82 ? 22   PRO A CA  1 
ATOM   31   C C   . PRO A 1 30  ? -17.123 9.842   0.952   1.00 30.55 ? 22   PRO A C   1 
ATOM   32   O O   . PRO A 1 30  ? -17.072 10.077  2.196   1.00 31.03 ? 22   PRO A O   1 
ATOM   33   C CB  . PRO A 1 30  ? -19.323 8.786   0.343   1.00 29.12 ? 22   PRO A CB  1 
ATOM   34   C CG  . PRO A 1 30  ? -19.892 8.285   1.668   1.00 27.70 ? 22   PRO A CG  1 
ATOM   35   C CD  . PRO A 1 30  ? -18.998 7.084   1.958   1.00 27.34 ? 22   PRO A CD  1 
ATOM   36   N N   . LEU A 1 31  ? -16.697 10.692  0.012   1.00 29.14 ? 23   LEU A N   1 
ATOM   37   C CA  . LEU A 1 31  ? -16.110 11.991  0.339   1.00 29.99 ? 23   LEU A CA  1 
ATOM   38   C C   . LEU A 1 31  ? -16.431 12.939  -0.831  1.00 28.92 ? 23   LEU A C   1 
ATOM   39   O O   . LEU A 1 31  ? -16.336 12.498  -2.001  1.00 30.28 ? 23   LEU A O   1 
ATOM   40   C CB  . LEU A 1 31  ? -14.595 11.855  0.561   1.00 30.06 ? 23   LEU A CB  1 
ATOM   41   C CG  . LEU A 1 31  ? -13.833 13.167  0.764   1.00 32.26 ? 23   LEU A CG  1 
ATOM   42   C CD1 . LEU A 1 31  ? -14.204 13.834  2.065   1.00 37.65 ? 23   LEU A CD1 1 
ATOM   43   C CD2 . LEU A 1 31  ? -12.350 12.971  0.686   1.00 32.34 ? 23   LEU A CD2 1 
ATOM   44   N N   . ALA A 1 32  ? -16.875 14.168  -0.562  1.00 30.18 ? 24   ALA A N   1 
ATOM   45   C CA  . ALA A 1 32  ? -17.126 15.112  -1.669  1.00 28.55 ? 24   ALA A CA  1 
ATOM   46   C C   . ALA A 1 32  ? -15.806 15.285  -2.431  1.00 31.43 ? 24   ALA A C   1 
ATOM   47   O O   . ALA A 1 32  ? -14.741 15.453  -1.827  1.00 31.13 ? 24   ALA A O   1 
ATOM   48   C CB  . ALA A 1 32  ? -17.547 16.461  -1.130  1.00 27.32 ? 24   ALA A CB  1 
ATOM   49   N N   . ALA A 1 33  ? -15.844 15.275  -3.769  1.00 29.45 ? 25   ALA A N   1 
ATOM   50   C CA  . ALA A 1 33  ? -14.569 15.418  -4.488  1.00 28.25 ? 25   ALA A CA  1 
ATOM   51   C C   . ALA A 1 33  ? -13.897 16.766  -4.170  1.00 29.19 ? 25   ALA A C   1 
ATOM   52   O O   . ALA A 1 33  ? -12.641 16.833  -4.100  1.00 30.65 ? 25   ALA A O   1 
ATOM   53   C CB  . ALA A 1 33  ? -14.857 15.323  -5.982  1.00 30.08 ? 25   ALA A CB  1 
ATOM   54   N N   . GLY A 1 34  ? -14.701 17.809  -3.904  1.00 31.26 ? 26   GLY A N   1 
ATOM   55   C CA  . GLY A 1 34  ? -14.146 19.113  -3.529  1.00 31.93 ? 26   GLY A CA  1 
ATOM   56   C C   . GLY A 1 34  ? -13.374 19.104  -2.196  1.00 31.91 ? 26   GLY A C   1 
ATOM   57   O O   . GLY A 1 34  ? -12.642 20.066  -1.910  1.00 36.26 ? 26   GLY A O   1 
ATOM   58   N N   . ALA A 1 35  ? -13.564 18.055  -1.409  1.00 29.69 ? 27   ALA A N   1 
ATOM   59   C CA  . ALA A 1 35  ? -12.893 17.895  -0.102  1.00 30.59 ? 27   ALA A CA  1 
ATOM   60   C C   . ALA A 1 35  ? -11.609 17.088  -0.162  1.00 27.54 ? 27   ALA A C   1 
ATOM   61   O O   . ALA A 1 35  ? -10.860 17.074  0.827   1.00 32.23 ? 27   ALA A O   1 
ATOM   62   C CB  . ALA A 1 35  ? -13.843 17.277  0.923   1.00 34.20 ? 27   ALA A CB  1 
ATOM   63   N N   . LEU A 1 36  ? -11.327 16.430  -1.296  1.00 30.13 ? 28   LEU A N   1 
ATOM   64   C CA  . LEU A 1 36  ? -10.085 15.673  -1.458  1.00 29.94 ? 28   LEU A CA  1 
ATOM   65   C C   . LEU A 1 36  ? -8.896  16.609  -1.344  1.00 31.30 ? 28   LEU A C   1 
ATOM   66   O O   . LEU A 1 36  ? -8.949  17.742  -1.839  1.00 33.80 ? 28   LEU A O   1 
ATOM   67   C CB  . LEU A 1 36  ? -10.053 15.021  -2.854  1.00 32.25 ? 28   LEU A CB  1 
ATOM   68   C CG  . LEU A 1 36  ? -10.727 13.674  -3.033  1.00 41.90 ? 28   LEU A CG  1 
ATOM   69   C CD1 . LEU A 1 36  ? -10.704 13.354  -4.556  1.00 41.37 ? 28   LEU A CD1 1 
ATOM   70   C CD2 . LEU A 1 36  ? -9.951  12.571  -2.235  1.00 42.62 ? 28   LEU A CD2 1 
ATOM   71   N N   . LYS A 1 37  ? -7.818  16.136  -0.705  1.00 30.82 ? 29   LYS A N   1 
ATOM   72   C CA  . LYS A 1 37  ? -6.581  16.920  -0.617  1.00 29.66 ? 29   LYS A CA  1 
ATOM   73   C C   . LYS A 1 37  ? -5.409  16.083  -1.150  1.00 32.53 ? 29   LYS A C   1 
ATOM   74   O O   . LYS A 1 37  ? -5.413  14.858  -1.085  1.00 32.68 ? 29   LYS A O   1 
ATOM   75   C CB  . LYS A 1 37  ? -6.313  17.231  0.853   1.00 33.24 ? 29   LYS A CB  1 
ATOM   76   C CG  . LYS A 1 37  ? -7.418  18.126  1.483   1.00 34.88 ? 29   LYS A CG  1 
ATOM   77   C CD  . LYS A 1 37  ? -6.972  19.546  1.665   1.00 45.83 ? 29   LYS A CD  1 
ATOM   78   C CE  . LYS A 1 37  ? -8.000  20.381  2.450   1.00 48.60 ? 29   LYS A CE  1 
ATOM   79   N NZ  . LYS A 1 37  ? -9.193  20.766  1.630   1.00 51.61 ? 29   LYS A NZ  1 
ATOM   80   N N   . LYS A 1 38  ? -4.362  16.781  -1.620  1.00 30.11 ? 30   LYS A N   1 
ATOM   81   C CA  . LYS A 1 38  ? -3.133  16.088  -1.979  1.00 27.02 ? 30   LYS A CA  1 
ATOM   82   C C   . LYS A 1 38  ? -2.629  15.311  -0.761  1.00 29.46 ? 30   LYS A C   1 
ATOM   83   O O   . LYS A 1 38  ? -2.626  15.807  0.374   1.00 32.66 ? 30   LYS A O   1 
ATOM   84   C CB  . LYS A 1 38  ? -2.075  17.113  -2.400  1.00 28.82 ? 30   LYS A CB  1 
ATOM   85   C CG  . LYS A 1 38  ? -0.781  16.523  -2.875  1.00 29.95 ? 30   LYS A CG  1 
ATOM   86   C CD  . LYS A 1 38  ? 0.126   17.610  -3.441  1.00 28.81 ? 30   LYS A CD  1 
ATOM   87   C CE  . LYS A 1 38  ? 1.521   16.997  -3.713  1.00 31.79 ? 30   LYS A CE  1 
ATOM   88   N NZ  . LYS A 1 38  ? 2.493   18.013  -4.312  1.00 34.76 ? 30   LYS A NZ  1 
ATOM   89   N N   . GLY A 1 39  ? -2.230  14.075  -1.050  1.00 31.14 ? 31   GLY A N   1 
ATOM   90   C CA  . GLY A 1 39  ? -1.785  13.130  -0.036  1.00 33.16 ? 31   GLY A CA  1 
ATOM   91   C C   . GLY A 1 39  ? -2.898  12.223  0.482   1.00 32.94 ? 31   GLY A C   1 
ATOM   92   O O   . GLY A 1 39  ? -2.589  11.232  1.184   1.00 35.34 ? 31   GLY A O   1 
ATOM   93   N N   . GLY A 1 40  ? -4.153  12.558  0.206   1.00 30.57 ? 32   GLY A N   1 
ATOM   94   C CA  . GLY A 1 40  ? -5.286  11.769  0.700   1.00 32.77 ? 32   GLY A CA  1 
ATOM   95   C C   . GLY A 1 40  ? -5.475  10.504  -0.121  1.00 35.89 ? 32   GLY A C   1 
ATOM   96   O O   . GLY A 1 40  ? -5.029  10.420  -1.273  1.00 34.00 ? 32   GLY A O   1 
ATOM   97   N N   . TYR A 1 41  ? -6.115  9.490   0.470   1.00 32.87 ? 33   TYR A N   1 
ATOM   98   C CA  . TYR A 1 41  ? -6.473  8.300   -0.297  1.00 29.89 ? 33   TYR A CA  1 
ATOM   99   C C   . TYR A 1 41  ? -7.743  8.533   -1.134  1.00 30.76 ? 33   TYR A C   1 
ATOM   100  O O   . TYR A 1 41  ? -8.665  9.333   -0.753  1.00 31.43 ? 33   TYR A O   1 
ATOM   101  C CB  . TYR A 1 41  ? -6.747  7.131   0.665   1.00 30.79 ? 33   TYR A CB  1 
ATOM   102  C CG  . TYR A 1 41  ? -5.528  6.613   1.376   1.00 32.18 ? 33   TYR A CG  1 
ATOM   103  C CD1 . TYR A 1 41  ? -4.534  5.966   0.661   1.00 32.63 ? 33   TYR A CD1 1 
ATOM   104  C CD2 . TYR A 1 41  ? -5.380  6.747   2.755   1.00 32.37 ? 33   TYR A CD2 1 
ATOM   105  C CE1 . TYR A 1 41  ? -3.396  5.444   1.313   1.00 34.53 ? 33   TYR A CE1 1 
ATOM   106  C CE2 . TYR A 1 41  ? -4.226  6.272   3.406   1.00 33.29 ? 33   TYR A CE2 1 
ATOM   107  C CZ  . TYR A 1 41  ? -3.255  5.614   2.676   1.00 36.65 ? 33   TYR A CZ  1 
ATOM   108  O OH  . TYR A 1 41  ? -2.131  5.112   3.323   1.00 38.89 ? 33   TYR A OH  1 
ATOM   109  N N   . VAL A 1 42  ? -7.836  7.813   -2.255  1.00 30.91 ? 34   VAL A N   1 
ATOM   110  C CA  . VAL A 1 42  ? -9.008  7.868   -3.097  1.00 30.60 ? 34   VAL A CA  1 
ATOM   111  C C   . VAL A 1 42  ? -9.017  6.595   -3.960  1.00 34.06 ? 34   VAL A C   1 
ATOM   112  O O   . VAL A 1 42  ? -7.918  6.049   -4.212  1.00 33.48 ? 34   VAL A O   1 
ATOM   113  C CB  . VAL A 1 42  ? -8.963  9.132   -4.024  1.00 34.11 ? 34   VAL A CB  1 
ATOM   114  C CG1 . VAL A 1 42  ? -7.793  9.029   -5.033  1.00 33.79 ? 34   VAL A CG1 1 
ATOM   115  C CG2 . VAL A 1 42  ? -10.283 9.346   -4.752  1.00 34.32 ? 34   VAL A CG2 1 
ATOM   116  N N   . CYS A 1 43  ? -10.207 6.152   -4.393  1.00 33.20 ? 35   CYS A N   1 
ATOM   117  C CA  . CYS A 1 43  ? -10.241 5.041   -5.351  1.00 33.51 ? 35   CYS A CA  1 
ATOM   118  C C   . CYS A 1 43  ? -10.464 5.635   -6.725  1.00 33.49 ? 35   CYS A C   1 
ATOM   119  O O   . CYS A 1 43  ? -11.318 6.519   -6.943  1.00 34.51 ? 35   CYS A O   1 
ATOM   120  C CB  . CYS A 1 43  ? -11.396 4.130   -5.084  1.00 33.24 ? 35   CYS A CB  1 
ATOM   121  S SG  . CYS A 1 43  ? -10.991 3.063   -3.666  1.00 40.57 ? 35   CYS A SG  1 
ATOM   122  N N   . ILE A 1 44  ? -9.713  5.096   -7.683  1.00 31.49 ? 36   ILE A N   1 
ATOM   123  C CA  . ILE A 1 44  ? -9.981  5.391   -9.099  1.00 29.83 ? 36   ILE A CA  1 
ATOM   124  C C   . ILE A 1 44  ? -10.049 4.037   -9.774  1.00 30.26 ? 36   ILE A C   1 
ATOM   125  O O   . ILE A 1 44  ? -9.124  3.223   -9.632  1.00 31.06 ? 36   ILE A O   1 
ATOM   126  C CB  . ILE A 1 44  ? -8.834  6.194   -9.742  1.00 30.70 ? 36   ILE A CB  1 
ATOM   127  C CG1 . ILE A 1 44  ? -8.753  7.592   -9.054  1.00 30.78 ? 36   ILE A CG1 1 
ATOM   128  C CG2 . ILE A 1 44  ? -9.088  6.369   -11.293 1.00 30.52 ? 36   ILE A CG2 1 
ATOM   129  C CD1 . ILE A 1 44  ? -7.516  8.378   -9.468  1.00 34.12 ? 36   ILE A CD1 1 
ATOM   130  N N   . ASN A 1 45  ? -11.130 3.783   -10.522 1.00 29.03 ? 37   ASN A N   1 
ATOM   131  C CA  . ASN A 1 45  ? -11.300 2.511   -11.214 1.00 27.84 ? 37   ASN A CA  1 
ATOM   132  C C   . ASN A 1 45  ? -11.154 1.308   -10.276 1.00 28.35 ? 37   ASN A C   1 
ATOM   133  O O   . ASN A 1 45  ? -10.636 0.248   -10.696 1.00 32.11 ? 37   ASN A O   1 
ATOM   134  C CB  . ASN A 1 45  ? -10.293 2.400   -12.347 1.00 28.62 ? 37   ASN A CB  1 
ATOM   135  C CG  . ASN A 1 45  ? -10.519 3.444   -13.431 1.00 30.97 ? 37   ASN A CG  1 
ATOM   136  O OD1 . ASN A 1 45  ? -11.654 3.904   -13.611 1.00 32.20 ? 37   ASN A OD1 1 
ATOM   137  N ND2 . ASN A 1 45  ? -9.500  3.728   -14.206 1.00 32.41 ? 37   ASN A ND2 1 
ATOM   138  N N   . GLY A 1 46  ? -11.591 1.501   -9.038  1.00 31.15 ? 38   GLY A N   1 
ATOM   139  C CA  . GLY A 1 46  ? -11.595 0.388   -8.086  1.00 33.55 ? 38   GLY A CA  1 
ATOM   140  C C   . GLY A 1 46  ? -10.240 0.174   -7.432  1.00 34.53 ? 38   GLY A C   1 
ATOM   141  O O   . GLY A 1 46  ? -10.075 -0.773  -6.649  1.00 36.24 ? 38   GLY A O   1 
ATOM   142  N N   . ARG A 1 47  ? -9.260  1.009   -7.758  1.00 30.35 ? 39   ARG A N   1 
ATOM   143  C CA  . ARG A 1 47  ? -7.922  0.845   -7.199  1.00 29.32 ? 39   ARG A CA  1 
ATOM   144  C C   . ARG A 1 47  ? -7.654  1.840   -6.088  1.00 29.58 ? 39   ARG A C   1 
ATOM   145  O O   . ARG A 1 47  ? -7.982  3.039   -6.234  1.00 30.85 ? 39   ARG A O   1 
ATOM   146  C CB  . ARG A 1 47  ? -6.883  1.138   -8.296  1.00 31.25 ? 39   ARG A CB  1 
ATOM   147  C CG  . ARG A 1 47  ? -6.987  0.157   -9.471  1.00 30.11 ? 39   ARG A CG  1 
ATOM   148  C CD  . ARG A 1 47  ? -6.744  -1.323  -9.065  1.00 30.05 ? 39   ARG A CD  1 
ATOM   149  N NE  . ARG A 1 47  ? -5.498  -1.403  -8.308  1.00 29.66 ? 39   ARG A NE  1 
ATOM   150  C CZ  . ARG A 1 47  ? -5.051  -2.484  -7.684  1.00 35.56 ? 39   ARG A CZ  1 
ATOM   151  N NH1 . ARG A 1 47  ? -5.691  -3.661  -7.821  1.00 36.80 ? 39   ARG A NH1 1 
ATOM   152  N NH2 . ARG A 1 47  ? -3.943  -2.407  -6.944  1.00 33.79 ? 39   ARG A NH2 1 
ATOM   153  N N   . PRO A 1 48  ? -6.990  1.420   -5.022  1.00 29.51 ? 40   PRO A N   1 
ATOM   154  C CA  . PRO A 1 48  ? -6.724  2.357   -3.926  1.00 27.77 ? 40   PRO A CA  1 
ATOM   155  C C   . PRO A 1 48  ? -5.464  3.152   -4.197  1.00 31.71 ? 40   PRO A C   1 
ATOM   156  O O   . PRO A 1 48  ? -4.389  2.583   -4.475  1.00 31.28 ? 40   PRO A O   1 
ATOM   157  C CB  . PRO A 1 48  ? -6.503  1.438   -2.722  1.00 29.05 ? 40   PRO A CB  1 
ATOM   158  C CG  . PRO A 1 48  ? -5.855  0.142   -3.363  1.00 29.26 ? 40   PRO A CG  1 
ATOM   159  C CD  . PRO A 1 48  ? -6.518  0.056   -4.744  1.00 29.76 ? 40   PRO A CD  1 
ATOM   160  N N   . CYS A 1 49  ? -5.613  4.470   -4.163  1.00 31.29 ? 41   CYS A N   1 
ATOM   161  C CA  . CYS A 1 49  ? -4.536  5.385   -4.573  1.00 31.94 ? 41   CYS A CA  1 
ATOM   162  C C   . CYS A 1 49  ? -4.302  6.489   -3.571  1.00 33.16 ? 41   CYS A C   1 
ATOM   163  O O   . CYS A 1 49  ? -5.152  6.740   -2.723  1.00 33.28 ? 41   CYS A O   1 
ATOM   164  C CB  . CYS A 1 49  ? -4.896  6.066   -5.909  1.00 33.30 ? 41   CYS A CB  1 
ATOM   165  S SG  . CYS A 1 49  ? -5.221  4.935   -7.295  1.00 33.27 ? 41   CYS A SG  1 
ATOM   166  N N   . LYS A 1 50  ? -3.139  7.119   -3.682  1.00 31.81 ? 42   LYS A N   1 
ATOM   167  C CA  . LYS A 1 50  ? -2.881  8.349   -2.913  1.00 31.47 ? 42   LYS A CA  1 
ATOM   168  C C   . LYS A 1 50  ? -2.782  9.508   -3.904  1.00 33.16 ? 42   LYS A C   1 
ATOM   169  O O   . LYS A 1 50  ? -2.100  9.408   -4.926  1.00 31.71 ? 42   LYS A O   1 
ATOM   170  C CB  . LYS A 1 50  ? -1.586  8.187   -2.123  1.00 36.64 ? 42   LYS A CB  1 
ATOM   171  C CG  . LYS A 1 50  ? -1.184  9.380   -1.359  1.00 42.97 ? 42   LYS A CG  1 
ATOM   172  C CD  . LYS A 1 50  ? -0.048  9.034   -0.362  1.00 49.92 ? 42   LYS A CD  1 
ATOM   173  C CE  . LYS A 1 50  ? -0.322  7.755   0.451   1.00 58.82 ? 42   LYS A CE  1 
ATOM   174  N NZ  . LYS A 1 50  ? 0.693   7.585   1.577   1.00 61.35 ? 42   LYS A NZ  1 
ATOM   175  N N   . VAL A 1 51  ? -3.536  10.569  -3.637  1.00 31.05 ? 43   VAL A N   1 
ATOM   176  C CA  . VAL A 1 51  ? -3.547  11.767  -4.520  1.00 29.44 ? 43   VAL A CA  1 
ATOM   177  C C   . VAL A 1 51  ? -2.171  12.430  -4.540  1.00 29.12 ? 43   VAL A C   1 
ATOM   178  O O   . VAL A 1 51  ? -1.602  12.781  -3.493  1.00 31.71 ? 43   VAL A O   1 
ATOM   179  C CB  . VAL A 1 51  ? -4.602  12.796  -4.020  1.00 30.26 ? 43   VAL A CB  1 
ATOM   180  C CG1 . VAL A 1 51  ? -4.558  14.109  -4.823  1.00 33.54 ? 43   VAL A CG1 1 
ATOM   181  C CG2 . VAL A 1 51  ? -5.988  12.168  -4.074  1.00 32.86 ? 43   VAL A CG2 1 
ATOM   182  N N   . ILE A 1 52  ? -1.637  12.605  -5.759  1.00 29.32 ? 44   ILE A N   1 
ATOM   183  C CA  . ILE A 1 52  ? -0.372  13.304  -5.932  1.00 27.89 ? 44   ILE A CA  1 
ATOM   184  C C   . ILE A 1 52  ? -0.509  14.671  -6.613  1.00 27.28 ? 44   ILE A C   1 
ATOM   185  O O   . ILE A 1 52  ? 0.430   15.490  -6.521  1.00 28.17 ? 44   ILE A O   1 
ATOM   186  C CB  . ILE A 1 52  ? 0.702   12.421  -6.666  1.00 30.17 ? 44   ILE A CB  1 
ATOM   187  C CG1 . ILE A 1 52  ? 0.230   12.000  -8.064  1.00 31.09 ? 44   ILE A CG1 1 
ATOM   188  C CG2 . ILE A 1 52  ? 1.086   11.247  -5.759  1.00 31.09 ? 44   ILE A CG2 1 
ATOM   189  C CD1 . ILE A 1 52  ? 1.371   11.424  -8.921  1.00 30.41 ? 44   ILE A CD1 1 
ATOM   190  N N   . ASP A 1 53  ? -1.622  14.918  -7.308  1.00 27.37 ? 45   ASP A N   1 
ATOM   191  C CA  . ASP A 1 53  ? -1.881  16.276  -7.827  1.00 27.79 ? 45   ASP A CA  1 
ATOM   192  C C   . ASP A 1 53  ? -3.363  16.516  -7.831  1.00 29.66 ? 45   ASP A C   1 
ATOM   193  O O   . ASP A 1 53  ? -4.154  15.604  -8.087  1.00 28.91 ? 45   ASP A O   1 
ATOM   194  C CB  . ASP A 1 53  ? -1.402  16.454  -9.263  1.00 28.39 ? 45   ASP A CB  1 
ATOM   195  C CG  . ASP A 1 53  ? 0.045   16.156  -9.430  1.00 29.14 ? 45   ASP A CG  1 
ATOM   196  O OD1 . ASP A 1 53  ? 0.874   17.076  -9.251  1.00 29.52 ? 45   ASP A OD1 1 
ATOM   197  O OD2 . ASP A 1 53  ? 0.452   15.030  -9.823  1.00 31.69 ? 45   ASP A OD2 1 
ATOM   198  N N   . LEU A 1 54  ? -3.738  17.749  -7.550  1.00 28.06 ? 46   LEU A N   1 
ATOM   199  C CA  . LEU A 1 54  ? -5.130  18.163  -7.660  1.00 30.12 ? 46   LEU A CA  1 
ATOM   200  C C   . LEU A 1 54  ? -5.222  19.495  -8.361  1.00 28.55 ? 46   LEU A C   1 
ATOM   201  O O   . LEU A 1 54  ? -4.308  20.366  -8.251  1.00 28.66 ? 46   LEU A O   1 
ATOM   202  C CB  . LEU A 1 54  ? -5.713  18.384  -6.266  1.00 32.65 ? 46   LEU A CB  1 
ATOM   203  C CG  . LEU A 1 54  ? -6.174  17.165  -5.464  1.00 40.50 ? 46   LEU A CG  1 
ATOM   204  C CD1 . LEU A 1 54  ? -6.569  17.633  -4.044  1.00 47.35 ? 46   LEU A CD1 1 
ATOM   205  C CD2 . LEU A 1 54  ? -7.342  16.339  -6.131  1.00 40.54 ? 46   LEU A CD2 1 
ATOM   206  N N   . SER A 1 55  ? -6.311  19.693  -9.099  1.00 28.76 ? 47   SER A N   1 
ATOM   207  C CA  . SER A 1 55  ? -6.533  20.990  -9.753  1.00 28.83 ? 47   SER A CA  1 
ATOM   208  C C   . SER A 1 55  ? -8.040  21.203  -9.713  1.00 30.68 ? 47   SER A C   1 
ATOM   209  O O   . SER A 1 55  ? -8.791  20.212  -9.722  1.00 32.51 ? 47   SER A O   1 
ATOM   210  C CB  . SER A 1 55  ? -6.111  20.869  -11.228 1.00 30.43 ? 47   SER A CB  1 
ATOM   211  O OG  . SER A 1 55  ? -6.166  22.141  -11.876 1.00 44.64 ? 47   SER A OG  1 
ATOM   212  N N   . VAL A 1 56  ? -8.487  22.454  -9.636  1.00 28.82 ? 48   VAL A N   1 
ATOM   213  C CA  . VAL A 1 56  ? -9.917  22.724  -9.680  1.00 28.77 ? 48   VAL A CA  1 
ATOM   214  C C   . VAL A 1 56  ? -10.155 23.787  -10.782 1.00 31.33 ? 48   VAL A C   1 
ATOM   215  O O   . VAL A 1 56  ? -9.345  24.692  -10.993 1.00 31.18 ? 48   VAL A O   1 
ATOM   216  C CB  . VAL A 1 56  ? -10.426 23.165  -8.293  1.00 31.96 ? 48   VAL A CB  1 
ATOM   217  C CG1 . VAL A 1 56  ? -11.950 23.329  -8.257  1.00 37.57 ? 48   VAL A CG1 1 
ATOM   218  C CG2 . VAL A 1 56  ? -10.016 22.216  -7.235  1.00 35.16 ? 48   VAL A CG2 1 
ATOM   219  N N   . SER A 1 57  ? -11.236 23.636  -11.534 1.00 32.20 ? 49   SER A N   1 
ATOM   220  C CA  . SER A 1 57  ? -11.611 24.629  -12.535 1.00 33.24 ? 49   SER A CA  1 
ATOM   221  C C   . SER A 1 57  ? -12.121 25.877  -11.792 1.00 45.03 ? 49   SER A C   1 
ATOM   222  O O   . SER A 1 57  ? -12.461 25.805  -10.606 1.00 45.97 ? 49   SER A O   1 
ATOM   223  C CB  . SER A 1 57  ? -12.747 24.052  -13.346 1.00 39.20 ? 49   SER A CB  1 
ATOM   224  O OG  . SER A 1 57  ? -13.875 23.970  -12.485 1.00 34.53 ? 49   SER A OG  1 
ATOM   225  N N   . LYS A 1 58  ? -12.183 27.024  -12.469 1.00 49.17 ? 50   LYS A N   1 
ATOM   226  C CA  . LYS A 1 58  ? -12.853 28.183  -11.874 1.00 53.23 ? 50   LYS A CA  1 
ATOM   227  C C   . LYS A 1 58  ? -14.302 27.786  -11.532 1.00 54.67 ? 50   LYS A C   1 
ATOM   228  O O   . LYS A 1 58  ? -14.919 26.988  -12.254 1.00 53.96 ? 50   LYS A O   1 
ATOM   229  C CB  . LYS A 1 58  ? -12.802 29.383  -12.811 1.00 53.18 ? 50   LYS A CB  1 
ATOM   230  N N   . THR A 1 59  ? -14.811 28.295  -10.409 1.00 56.85 ? 51   THR A N   1 
ATOM   231  C CA  . THR A 1 59  ? -16.144 27.926  -9.914  1.00 58.12 ? 51   THR A CA  1 
ATOM   232  C C   . THR A 1 59  ? -17.264 28.573  -10.721 1.00 58.96 ? 51   THR A C   1 
ATOM   233  O O   . THR A 1 59  ? -17.253 29.785  -10.946 1.00 60.98 ? 51   THR A O   1 
ATOM   234  C CB  . THR A 1 59  ? -16.289 28.259  -8.422  1.00 58.31 ? 51   THR A CB  1 
ATOM   235  N N   . HIS A 1 64  ? -20.668 25.468  -9.225  1.00 61.62 ? 56   HIS A N   1 
ATOM   236  C CA  . HIS A 1 64  ? -19.588 24.659  -8.648  1.00 59.75 ? 56   HIS A CA  1 
ATOM   237  C C   . HIS A 1 64  ? -18.365 24.544  -9.589  1.00 54.84 ? 56   HIS A C   1 
ATOM   238  O O   . HIS A 1 64  ? -18.176 25.348  -10.511 1.00 55.19 ? 56   HIS A O   1 
ATOM   239  C CB  . HIS A 1 64  ? -20.080 23.252  -8.225  1.00 62.74 ? 56   HIS A CB  1 
ATOM   240  C CG  . HIS A 1 64  ? -21.233 23.257  -7.260  1.00 67.72 ? 56   HIS A CG  1 
ATOM   241  N ND1 . HIS A 1 64  ? -22.513 22.892  -7.628  1.00 72.23 ? 56   HIS A ND1 1 
ATOM   242  C CD2 . HIS A 1 64  ? -21.296 23.558  -5.939  1.00 70.03 ? 56   HIS A CD2 1 
ATOM   243  C CE1 . HIS A 1 64  ? -23.316 22.979  -6.580  1.00 71.47 ? 56   HIS A CE1 1 
ATOM   244  N NE2 . HIS A 1 64  ? -22.601 23.380  -5.542  1.00 69.84 ? 56   HIS A NE2 1 
ATOM   245  N N   . ALA A 1 65  ? -17.549 23.523  -9.356  1.00 46.25 ? 57   ALA A N   1 
ATOM   246  C CA  . ALA A 1 65  ? -16.245 23.430  -9.975  1.00 37.24 ? 57   ALA A CA  1 
ATOM   247  C C   . ALA A 1 65  ? -15.990 21.970  -10.373 1.00 36.80 ? 57   ALA A C   1 
ATOM   248  O O   . ALA A 1 65  ? -16.714 21.086  -9.934  1.00 37.03 ? 57   ALA A O   1 
ATOM   249  C CB  . ALA A 1 65  ? -15.210 23.881  -8.993  1.00 43.91 ? 57   ALA A CB  1 
ATOM   250  N N   . LYS A 1 66  ? -15.003 21.741  -11.232 1.00 28.78 ? 58   LYS A N   1 
ATOM   251  C CA  . LYS A 1 66  ? -14.596 20.402  -11.611 1.00 29.22 ? 58   LYS A CA  1 
ATOM   252  C C   . LYS A 1 66  ? -13.253 20.155  -10.954 1.00 28.61 ? 58   LYS A C   1 
ATOM   253  O O   . LYS A 1 66  ? -12.338 21.021  -11.056 1.00 30.47 ? 58   LYS A O   1 
ATOM   254  C CB  . LYS A 1 66  ? -14.412 20.308  -13.108 1.00 31.81 ? 58   LYS A CB  1 
ATOM   255  C CG  . LYS A 1 66  ? -13.952 18.965  -13.639 1.00 33.56 ? 58   LYS A CG  1 
ATOM   256  C CD  . LYS A 1 66  ? -14.076 18.993  -15.156 1.00 41.07 ? 58   LYS A CD  1 
ATOM   257  C CE  . LYS A 1 66  ? -13.417 17.792  -15.775 1.00 46.03 ? 58   LYS A CE  1 
ATOM   258  N NZ  . LYS A 1 66  ? -13.650 17.883  -17.257 1.00 42.85 ? 58   LYS A NZ  1 
ATOM   259  N N   . VAL A 1 67  ? -13.142 18.993  -10.323 1.00 27.36 ? 59   VAL A N   1 
ATOM   260  C CA  . VAL A 1 67  ? -11.909 18.578  -9.636  1.00 27.83 ? 59   VAL A CA  1 
ATOM   261  C C   . VAL A 1 67  ? -11.188 17.554  -10.517 1.00 30.69 ? 59   VAL A C   1 
ATOM   262  O O   . VAL A 1 67  ? -11.770 16.522  -10.885 1.00 30.87 ? 59   VAL A O   1 
ATOM   263  C CB  . VAL A 1 67  ? -12.252 17.967  -8.248  1.00 28.51 ? 59   VAL A CB  1 
ATOM   264  C CG1 . VAL A 1 67  ? -10.963 17.473  -7.534  1.00 29.30 ? 59   VAL A CG1 1 
ATOM   265  C CG2 . VAL A 1 67  ? -12.965 18.991  -7.350  1.00 28.56 ? 59   VAL A CG2 1 
ATOM   266  N N   . SER A 1 68  ? -9.910  17.816  -10.813 1.00 27.87 ? 60   SER A N   1 
ATOM   267  C CA  . SER A 1 68  ? -9.072  16.893  -11.600 1.00 28.82 ? 60   SER A CA  1 
ATOM   268  C C   . SER A 1 68  ? -8.007  16.314  -10.694 1.00 29.33 ? 60   SER A C   1 
ATOM   269  O O   . SER A 1 68  ? -7.278  17.093  -10.025 1.00 29.75 ? 60   SER A O   1 
ATOM   270  C CB  . SER A 1 68  ? -8.400  17.579  -12.783 1.00 32.60 ? 60   SER A CB  1 
ATOM   271  O OG  . SER A 1 68  ? -9.396  18.064  -13.709 1.00 31.88 ? 60   SER A OG  1 
ATOM   272  N N   . ILE A 1 69  ? -7.880  14.985  -10.690 1.00 28.39 ? 61   ILE A N   1 
ATOM   273  C CA  . ILE A 1 69  ? -7.068  14.259  -9.722  1.00 28.66 ? 61   ILE A CA  1 
ATOM   274  C C   . ILE A 1 69  ? -5.996  13.465  -10.483 1.00 32.77 ? 61   ILE A C   1 
ATOM   275  O O   . ILE A 1 69  ? -6.315  12.875  -11.527 1.00 31.19 ? 61   ILE A O   1 
ATOM   276  C CB  . ILE A 1 69  ? -8.044  13.155  -9.045  1.00 32.78 ? 61   ILE A CB  1 
ATOM   277  C CG1 . ILE A 1 69  ? -9.251  13.876  -8.381  1.00 38.38 ? 61   ILE A CG1 1 
ATOM   278  C CG2 . ILE A 1 69  ? -7.292  12.287  -8.043  1.00 38.47 ? 61   ILE A CG2 1 
ATOM   279  C CD1 . ILE A 1 69  ? -10.464 12.997  -7.998  1.00 38.64 ? 61   ILE A CD1 1 
ATOM   280  N N   . VAL A 1 70  ? -4.755  13.405  -9.966  1.00 30.33 ? 62   VAL A N   1 
ATOM   281  C CA  . VAL A 1 70  ? -3.755  12.429  -10.428 1.00 29.37 ? 62   VAL A CA  1 
ATOM   282  C C   . VAL A 1 70  ? -3.362  11.712  -9.145  1.00 30.10 ? 62   VAL A C   1 
ATOM   283  O O   . VAL A 1 70  ? -3.197  12.343  -8.087  1.00 29.85 ? 62   VAL A O   1 
ATOM   284  C CB  . VAL A 1 70  ? -2.468  13.093  -10.995 1.00 28.49 ? 62   VAL A CB  1 
ATOM   285  C CG1 . VAL A 1 70  ? -1.473  12.065  -11.423 1.00 31.18 ? 62   VAL A CG1 1 
ATOM   286  C CG2 . VAL A 1 70  ? -2.802  14.026  -12.166 1.00 29.52 ? 62   VAL A CG2 1 
ATOM   287  N N   . ALA A 1 71  ? -3.314  10.377  -9.208  1.00 30.49 ? 63   ALA A N   1 
ATOM   288  C CA  . ALA A 1 71  ? -3.066  9.597   -7.977  1.00 29.81 ? 63   ALA A CA  1 
ATOM   289  C C   . ALA A 1 71  ? -2.266  8.377   -8.322  1.00 30.64 ? 63   ALA A C   1 
ATOM   290  O O   . ALA A 1 71  ? -2.245  7.948   -9.471  1.00 33.97 ? 63   ALA A O   1 
ATOM   291  C CB  . ALA A 1 71  ? -4.426  9.224   -7.281  1.00 33.19 ? 63   ALA A CB  1 
ATOM   292  N N   . THR A 1 72  ? -1.563  7.877   -7.324  1.00 29.84 ? 64   THR A N   1 
ATOM   293  C CA  . THR A 1 72  ? -0.678  6.714   -7.494  1.00 30.74 ? 64   THR A CA  1 
ATOM   294  C C   . THR A 1 72  ? -1.249  5.534   -6.713  1.00 32.11 ? 64   THR A C   1 
ATOM   295  O O   . THR A 1 72  ? -1.522  5.629   -5.505  1.00 31.66 ? 64   THR A O   1 
ATOM   296  C CB  . THR A 1 72  ? 0.705   7.016   -6.947  1.00 32.25 ? 64   THR A CB  1 
ATOM   297  O OG1 . THR A 1 72  ? 1.263   8.090   -7.729  1.00 32.83 ? 64   THR A OG1 1 
ATOM   298  C CG2 . THR A 1 72  ? 1.666   5.831   -7.179  1.00 33.15 ? 64   THR A CG2 1 
ATOM   299  N N   . ASP A 1 73  ? -1.441  4.437   -7.448  1.00 30.17 ? 65   ASP A N   1 
ATOM   300  C CA  . ASP A 1 73  ? -1.903  3.174   -6.875  1.00 30.10 ? 65   ASP A CA  1 
ATOM   301  C C   . ASP A 1 73  ? -0.930  2.720   -5.801  1.00 28.43 ? 65   ASP A C   1 
ATOM   302  O O   . ASP A 1 73  ? 0.290   2.616   -6.046  1.00 30.54 ? 65   ASP A O   1 
ATOM   303  C CB  . ASP A 1 73  ? -1.955  2.172   -8.018  1.00 29.72 ? 65   ASP A CB  1 
ATOM   304  C CG  . ASP A 1 73  ? -2.612  0.872   -7.634  1.00 32.43 ? 65   ASP A CG  1 
ATOM   305  O OD1 . ASP A 1 73  ? -2.188  0.201   -6.632  1.00 30.77 ? 65   ASP A OD1 1 
ATOM   306  O OD2 . ASP A 1 73  ? -3.594  0.471   -8.286  1.00 32.27 ? 65   ASP A OD2 1 
ATOM   307  N N   . ILE A 1 74  ? -1.450  2.517   -4.591  1.00 29.44 ? 66   ILE A N   1 
ATOM   308  C CA  . ILE A 1 74  ? -0.558  2.231   -3.456  1.00 30.43 ? 66   ILE A CA  1 
ATOM   309  C C   . ILE A 1 74  ? 0.096   0.862   -3.546  1.00 32.65 ? 66   ILE A C   1 
ATOM   310  O O   . ILE A 1 74  ? 1.090   0.592   -2.822  1.00 32.96 ? 66   ILE A O   1 
ATOM   311  C CB  . ILE A 1 74  ? -1.247  2.406   -2.077  1.00 30.60 ? 66   ILE A CB  1 
ATOM   312  C CG1 . ILE A 1 74  ? -2.357  1.375   -1.867  1.00 29.92 ? 66   ILE A CG1 1 
ATOM   313  C CG2 . ILE A 1 74  ? -1.732  3.848   -1.930  1.00 32.81 ? 66   ILE A CG2 1 
ATOM   314  C CD1 . ILE A 1 74  ? -3.006  1.452   -0.446  1.00 29.66 ? 66   ILE A CD1 1 
ATOM   315  N N   . PHE A 1 75  ? -0.443  -0.007  -4.407  1.00 29.49 ? 67   PHE A N   1 
ATOM   316  C CA  . PHE A 1 75  ? 0.107   -1.354  -4.555  1.00 28.53 ? 67   PHE A CA  1 
ATOM   317  C C   . PHE A 1 75  ? 0.887   -1.602  -5.817  1.00 28.55 ? 67   PHE A C   1 
ATOM   318  O O   . PHE A 1 75  ? 1.852   -2.375  -5.803  1.00 32.05 ? 67   PHE A O   1 
ATOM   319  C CB  . PHE A 1 75  ? -1.014  -2.403  -4.428  1.00 29.39 ? 67   PHE A CB  1 
ATOM   320  C CG  . PHE A 1 75  ? -1.679  -2.403  -3.060  1.00 27.97 ? 67   PHE A CG  1 
ATOM   321  C CD1 . PHE A 1 75  ? -0.924  -2.613  -1.905  1.00 28.88 ? 67   PHE A CD1 1 
ATOM   322  C CD2 . PHE A 1 75  ? -3.060  -2.218  -2.926  1.00 29.47 ? 67   PHE A CD2 1 
ATOM   323  C CE1 . PHE A 1 75  ? -1.551  -2.639  -0.610  1.00 30.52 ? 67   PHE A CE1 1 
ATOM   324  C CE2 . PHE A 1 75  ? -3.693  -2.221  -1.675  1.00 28.65 ? 67   PHE A CE2 1 
ATOM   325  C CZ  . PHE A 1 75  ? -2.925  -2.474  -0.497  1.00 30.73 ? 67   PHE A CZ  1 
ATOM   326  N N   . THR A 1 76  ? 0.461   -0.985  -6.927  1.00 28.67 ? 68   THR A N   1 
ATOM   327  C CA  . THR A 1 76  ? 1.174   -1.229  -8.196  1.00 27.68 ? 68   THR A CA  1 
ATOM   328  C C   . THR A 1 76  ? 2.096   -0.069  -8.590  1.00 27.67 ? 68   THR A C   1 
ATOM   329  O O   . THR A 1 76  ? 2.965   -0.228  -9.485  1.00 30.96 ? 68   THR A O   1 
ATOM   330  C CB  . THR A 1 76  ? 0.215   -1.413  -9.374  1.00 28.75 ? 68   THR A CB  1 
ATOM   331  O OG1 . THR A 1 76  ? -0.517  -0.167  -9.540  1.00 29.47 ? 68   THR A OG1 1 
ATOM   332  C CG2 . THR A 1 76  ? -0.847  -2.475  -9.108  1.00 31.13 ? 68   THR A CG2 1 
ATOM   333  N N   . GLY A 1 77  ? 1.869   1.088   -7.981  1.00 29.22 ? 69   GLY A N   1 
ATOM   334  C CA  . GLY A 1 77  ? 2.658   2.276   -8.314  1.00 31.97 ? 69   GLY A CA  1 
ATOM   335  C C   . GLY A 1 77  ? 2.209   2.936   -9.592  1.00 33.28 ? 69   GLY A C   1 
ATOM   336  O O   . GLY A 1 77  ? 2.805   3.931   -10.028 1.00 32.78 ? 69   GLY A O   1 
ATOM   337  N N   . ASN A 1 78  ? 1.143   2.422   -10.206 1.00 28.88 ? 70   ASN A N   1 
ATOM   338  C CA  . ASN A 1 78  ? 0.647   3.031   -11.457 1.00 30.34 ? 70   ASN A CA  1 
ATOM   339  C C   . ASN A 1 78  ? 0.021   4.385   -11.237 1.00 29.42 ? 70   ASN A C   1 
ATOM   340  O O   . ASN A 1 78  ? -0.566  4.663   -10.152 1.00 30.24 ? 70   ASN A O   1 
ATOM   341  C CB  . ASN A 1 78  ? -0.392  2.132   -12.121 1.00 29.85 ? 70   ASN A CB  1 
ATOM   342  C CG  . ASN A 1 78  ? 0.180   0.815   -12.603 1.00 35.97 ? 70   ASN A CG  1 
ATOM   343  O OD1 . ASN A 1 78  ? 1.369   0.718   -12.894 1.00 41.48 ? 70   ASN A OD1 1 
ATOM   344  N ND2 . ASN A 1 78  ? -0.685  -0.206  -12.735 1.00 35.80 ? 70   ASN A ND2 1 
ATOM   345  N N   . ARG A 1 79  ? 0.122   5.225   -12.263 1.00 32.14 ? 71   ARG A N   1 
ATOM   346  C CA  . ARG A 1 79  ? -0.470  6.573   -12.232 1.00 31.66 ? 71   ARG A CA  1 
ATOM   347  C C   . ARG A 1 79  ? -1.866  6.506   -12.821 1.00 32.26 ? 71   ARG A C   1 
ATOM   348  O O   . ARG A 1 79  ? -2.068  6.027   -13.959 1.00 34.67 ? 71   ARG A O   1 
ATOM   349  C CB  . ARG A 1 79  ? 0.377   7.497   -13.106 1.00 33.52 ? 71   ARG A CB  1 
ATOM   350  C CG  . ARG A 1 79  ? -0.170  8.916   -13.250 1.00 36.17 ? 71   ARG A CG  1 
ATOM   351  C CD  . ARG A 1 79  ? 0.585   9.684   -14.364 1.00 40.03 ? 71   ARG A CD  1 
ATOM   352  N NE  . ARG A 1 79  ? -0.124  10.904  -14.804 1.00 44.36 ? 71   ARG A NE  1 
ATOM   353  C CZ  . ARG A 1 79  ? 0.275   12.118  -14.474 1.00 48.38 ? 71   ARG A CZ  1 
ATOM   354  N NH1 . ARG A 1 79  ? 1.348   12.284  -13.705 1.00 51.05 ? 71   ARG A NH1 1 
ATOM   355  N NH2 . ARG A 1 79  ? -0.390  13.174  -14.911 1.00 49.23 ? 71   ARG A NH2 1 
ATOM   356  N N   . LEU A 1 80  ? -2.839  6.975   -12.044 1.00 29.89 ? 72   LEU A N   1 
ATOM   357  C CA  . LEU A 1 80  ? -4.232  6.980   -12.488 1.00 29.61 ? 72   LEU A CA  1 
ATOM   358  C C   . LEU A 1 80  ? -4.771  8.404   -12.401 1.00 31.79 ? 72   LEU A C   1 
ATOM   359  O O   . LEU A 1 80  ? -4.302  9.227   -11.585 1.00 32.93 ? 72   LEU A O   1 
ATOM   360  C CB  . LEU A 1 80  ? -5.064  6.057   -11.598 1.00 33.05 ? 72   LEU A CB  1 
ATOM   361  C CG  . LEU A 1 80  ? -4.738  4.562   -11.759 1.00 36.48 ? 72   LEU A CG  1 
ATOM   362  C CD1 . LEU A 1 80  ? -5.485  3.669   -10.824 1.00 41.95 ? 72   LEU A CD1 1 
ATOM   363  C CD2 . LEU A 1 80  ? -5.031  4.108   -13.197 1.00 46.58 ? 72   LEU A CD2 1 
ATOM   364  N N   . GLU A 1 81  ? -5.721  8.731   -13.268 1.00 31.09 ? 73   GLU A N   1 
ATOM   365  C CA  . GLU A 1 81  ? -6.275  10.079  -13.275 1.00 30.75 ? 73   GLU A CA  1 
ATOM   366  C C   . GLU A 1 81  ? -7.788  9.946   -13.241 1.00 31.11 ? 73   GLU A C   1 
ATOM   367  O O   . GLU A 1 81  ? -8.355  8.959   -13.792 1.00 32.40 ? 73   GLU A O   1 
ATOM   368  C CB  . GLU A 1 81  ? -5.899  10.803  -14.558 1.00 33.71 ? 73   GLU A CB  1 
ATOM   369  C CG  . GLU A 1 81  ? -4.390  10.967  -14.721 1.00 34.83 ? 73   GLU A CG  1 
ATOM   370  C CD  . GLU A 1 81  ? -4.015  11.970  -15.812 1.00 50.79 ? 73   GLU A CD  1 
ATOM   371  O OE1 . GLU A 1 81  ? -4.832  12.859  -16.136 1.00 58.88 ? 73   GLU A OE1 1 
ATOM   372  O OE2 . GLU A 1 81  ? -2.882  11.895  -16.337 1.00 54.34 ? 73   GLU A OE2 1 
ATOM   373  N N   . ASP A 1 82  ? -8.444  10.963  -12.679 1.00 31.08 ? 74   ASP A N   1 
ATOM   374  C CA  . ASP A 1 82  ? -9.925  11.018  -12.716 1.00 29.30 ? 74   ASP A CA  1 
ATOM   375  C C   . ASP A 1 82  ? -10.362 12.467  -12.565 1.00 32.74 ? 74   ASP A C   1 
ATOM   376  O O   . ASP A 1 82  ? -9.581  13.314  -12.127 1.00 31.16 ? 74   ASP A O   1 
ATOM   377  C CB  . ASP A 1 82  ? -10.502 10.169  -11.592 1.00 31.62 ? 74   ASP A CB  1 
ATOM   378  C CG  . ASP A 1 82  ? -11.911 9.741   -11.839 1.00 36.11 ? 74   ASP A CG  1 
ATOM   379  O OD1 . ASP A 1 82  ? -12.485 9.895   -12.958 1.00 32.95 ? 74   ASP A OD1 1 
ATOM   380  O OD2 . ASP A 1 82  ? -12.485 9.177   -10.907 1.00 39.01 ? 74   ASP A OD2 1 
ATOM   381  N N   . GLN A 1 83  ? -11.592 12.767  -12.961 1.00 29.49 ? 75   GLN A N   1 
ATOM   382  C CA  . GLN A 1 83  ? -12.119 14.131  -12.758 1.00 27.59 ? 75   GLN A CA  1 
ATOM   383  C C   . GLN A 1 83  ? -13.559 13.984  -12.372 1.00 29.97 ? 75   GLN A C   1 
ATOM   384  O O   . GLN A 1 83  ? -14.211 13.025  -12.812 1.00 31.00 ? 75   GLN A O   1 
ATOM   385  C CB  . GLN A 1 83  ? -12.069 15.002  -14.022 1.00 28.47 ? 75   GLN A CB  1 
ATOM   386  C CG  . GLN A 1 83  ? -10.684 15.037  -14.685 1.00 29.61 ? 75   GLN A CG  1 
ATOM   387  C CD  . GLN A 1 83  ? -10.474 13.824  -15.568 1.00 34.38 ? 75   GLN A CD  1 
ATOM   388  O OE1 . GLN A 1 83  ? -11.403 13.447  -16.328 1.00 36.55 ? 75   GLN A OE1 1 
ATOM   389  N NE2 . GLN A 1 83  ? -9.296  13.187  -15.469 1.00 36.73 ? 75   GLN A NE2 1 
ATOM   390  N N   . ALA A 1 84  ? -14.059 14.918  -11.571 1.00 29.80 ? 76   ALA A N   1 
ATOM   391  C CA  . ALA A 1 84  ? -15.455 14.823  -11.094 1.00 29.25 ? 76   ALA A CA  1 
ATOM   392  C C   . ALA A 1 84  ? -15.933 16.206  -10.700 1.00 28.87 ? 76   ALA A C   1 
ATOM   393  O O   . ALA A 1 84  ? -15.134 17.063  -10.317 1.00 28.80 ? 76   ALA A O   1 
ATOM   394  C CB  . ALA A 1 84  ? -15.484 13.968  -9.857  1.00 35.15 ? 76   ALA A CB  1 
ATOM   395  N N   . PRO A 1 85  ? -17.224 16.431  -10.710 1.00 27.76 ? 77   PRO A N   1 
ATOM   396  C CA  . PRO A 1 85  ? -17.769 17.652  -10.082 1.00 26.46 ? 77   PRO A CA  1 
ATOM   397  C C   . PRO A 1 85  ? -17.418 17.710  -8.619  1.00 27.78 ? 77   PRO A C   1 
ATOM   398  O O   . PRO A 1 85  ? -17.323 16.697  -7.942  1.00 29.03 ? 77   PRO A O   1 
ATOM   399  C CB  . PRO A 1 85  ? -19.289 17.465  -10.208 1.00 29.77 ? 77   PRO A CB  1 
ATOM   400  C CG  . PRO A 1 85  ? -19.446 16.406  -11.298 1.00 33.46 ? 77   PRO A CG  1 
ATOM   401  C CD  . PRO A 1 85  ? -18.295 15.554  -11.257 1.00 29.49 ? 77   PRO A CD  1 
ATOM   402  N N   . SER A 1 86  ? -17.210 18.926  -8.119  1.00 27.84 ? 78   SER A N   1 
ATOM   403  C CA  . SER A 1 86  ? -16.837 19.026  -6.709  1.00 30.02 ? 78   SER A CA  1 
ATOM   404  C C   . SER A 1 86  ? -17.868 18.441  -5.772  1.00 28.45 ? 78   SER A C   1 
ATOM   405  O O   . SER A 1 86  ? -17.505 18.065  -4.630  1.00 33.34 ? 78   SER A O   1 
ATOM   406  C CB  . SER A 1 86  ? -16.608 20.497  -6.335  1.00 29.61 ? 78   SER A CB  1 
ATOM   407  O OG  . SER A 1 86  ? -17.768 21.289  -6.595  1.00 35.63 ? 78   SER A OG  1 
ATOM   408  N N   . THR A 1 87  ? -19.135 18.332  -6.210  1.00 29.35 ? 79   THR A N   1 
ATOM   409  C CA  . THR A 1 87  ? -20.205 17.775  -5.381  1.00 31.17 ? 79   THR A CA  1 
ATOM   410  C C   . THR A 1 87  ? -20.387 16.271  -5.550  1.00 30.60 ? 79   THR A C   1 
ATOM   411  O O   . THR A 1 87  ? -21.261 15.680  -4.890  1.00 31.55 ? 79   THR A O   1 
ATOM   412  C CB  . THR A 1 87  ? -21.533 18.435  -5.718  1.00 34.42 ? 79   THR A CB  1 
ATOM   413  O OG1 . THR A 1 87  ? -21.741 18.413  -7.144  1.00 33.40 ? 79   THR A OG1 1 
ATOM   414  C CG2 . THR A 1 87  ? -21.479 19.949  -5.362  1.00 36.61 ? 79   THR A CG2 1 
ATOM   415  N N   . HIS A 1 88  ? -19.650 15.667  -6.496  1.00 28.19 ? 80   HIS A N   1 
ATOM   416  C CA  . HIS A 1 88  ? -19.751 14.213  -6.665  1.00 28.33 ? 80   HIS A CA  1 
ATOM   417  C C   . HIS A 1 88  ? -19.014 13.559  -5.512  1.00 29.45 ? 80   HIS A C   1 
ATOM   418  O O   . HIS A 1 88  ? -17.957 14.042  -5.123  1.00 31.58 ? 80   HIS A O   1 
ATOM   419  C CB  . HIS A 1 88  ? -19.106 13.843  -8.020  1.00 28.79 ? 80   HIS A CB  1 
ATOM   420  C CG  . HIS A 1 88  ? -18.813 12.393  -8.174  1.00 28.81 ? 80   HIS A CG  1 
ATOM   421  N ND1 . HIS A 1 88  ? -19.786 11.471  -8.514  1.00 30.98 ? 80   HIS A ND1 1 
ATOM   422  C CD2 . HIS A 1 88  ? -17.668 11.699  -7.974  1.00 31.40 ? 80   HIS A CD2 1 
ATOM   423  C CE1 . HIS A 1 88  ? -19.220 10.273  -8.571  1.00 30.45 ? 80   HIS A CE1 1 
ATOM   424  N NE2 . HIS A 1 88  ? -17.948 10.376  -8.248  1.00 32.74 ? 80   HIS A NE2 1 
ATOM   425  N N   . ASN A 1 89  ? -19.561 12.454  -4.975  1.00 29.26 ? 81   ASN A N   1 
ATOM   426  C CA  . ASN A 1 89  ? -18.833 11.743  -3.958  1.00 28.29 ? 81   ASN A CA  1 
ATOM   427  C C   . ASN A 1 89  ? -17.886 10.698  -4.558  1.00 32.26 ? 81   ASN A C   1 
ATOM   428  O O   . ASN A 1 89  ? -18.346 9.779   -5.225  1.00 35.41 ? 81   ASN A O   1 
ATOM   429  C CB  . ASN A 1 89  ? -19.832 11.065  -3.053  1.00 30.27 ? 81   ASN A CB  1 
ATOM   430  C CG  . ASN A 1 89  ? -20.714 12.078  -2.371  1.00 29.70 ? 81   ASN A CG  1 
ATOM   431  O OD1 . ASN A 1 89  ? -20.179 13.049  -1.814  1.00 31.53 ? 81   ASN A OD1 1 
ATOM   432  N ND2 . ASN A 1 89  ? -22.019 11.910  -2.431  1.00 30.72 ? 81   ASN A ND2 1 
ATOM   433  N N   . VAL A 1 90  ? -16.609 10.893  -4.321  1.00 31.68 ? 82   VAL A N   1 
ATOM   434  C CA  . VAL A 1 90  ? -15.596 9.875   -4.690  1.00 34.21 ? 82   VAL A CA  1 
ATOM   435  C C   . VAL A 1 90  ? -15.636 8.799   -3.602  1.00 37.61 ? 82   VAL A C   1 
ATOM   436  O O   . VAL A 1 90  ? -16.235 9.029   -2.523  1.00 34.74 ? 82   VAL A O   1 
ATOM   437  C CB  . VAL A 1 90  ? -14.186 10.474  -4.815  1.00 35.70 ? 82   VAL A CB  1 
ATOM   438  C CG1 . VAL A 1 90  ? -14.125 11.545  -5.898  1.00 36.59 ? 82   VAL A CG1 1 
ATOM   439  C CG2 . VAL A 1 90  ? -13.657 11.030  -3.434  1.00 35.82 ? 82   VAL A CG2 1 
ATOM   440  N N   . GLU A 1 91  ? -15.105 7.606   -3.892  1.00 34.40 ? 83   GLU A N   1 
ATOM   441  C CA  . GLU A 1 91  ? -14.963 6.590   -2.835  1.00 33.06 ? 83   GLU A CA  1 
ATOM   442  C C   . GLU A 1 91  ? -13.545 6.639   -2.311  1.00 34.85 ? 83   GLU A C   1 
ATOM   443  O O   . GLU A 1 91  ? -12.579 6.773   -3.056  1.00 34.69 ? 83   GLU A O   1 
ATOM   444  C CB  . GLU A 1 91  ? -15.222 5.187   -3.396  1.00 38.32 ? 83   GLU A CB  1 
ATOM   445  C CG  . GLU A 1 91  ? -16.649 4.930   -3.860  1.00 48.24 ? 83   GLU A CG  1 
ATOM   446  C CD  . GLU A 1 91  ? -16.681 3.764   -4.848  1.00 63.19 ? 83   GLU A CD  1 
ATOM   447  O OE1 . GLU A 1 91  ? -15.758 3.668   -5.694  1.00 70.79 ? 83   GLU A OE1 1 
ATOM   448  O OE2 . GLU A 1 91  ? -17.607 2.932   -4.774  1.00 68.46 ? 83   GLU A OE2 1 
ATOM   449  N N   . VAL A 1 92  ? -13.411 6.566   -0.987  1.00 29.02 ? 84   VAL A N   1 
ATOM   450  C CA  . VAL A 1 92  ? -12.108 6.564   -0.315  1.00 29.50 ? 84   VAL A CA  1 
ATOM   451  C C   . VAL A 1 92  ? -11.964 5.184   0.283   1.00 28.51 ? 84   VAL A C   1 
ATOM   452  O O   . VAL A 1 92  ? -12.856 4.706   0.952   1.00 28.56 ? 84   VAL A O   1 
ATOM   453  C CB  . VAL A 1 92  ? -12.042 7.625   0.789   1.00 30.43 ? 84   VAL A CB  1 
ATOM   454  C CG1 . VAL A 1 92  ? -10.698 7.604   1.508   1.00 30.49 ? 84   VAL A CG1 1 
ATOM   455  C CG2 . VAL A 1 92  ? -12.311 9.033   0.242   1.00 33.18 ? 84   VAL A CG2 1 
ATOM   456  N N   . PRO A 1 93  ? -10.843 4.507   0.061   1.00 29.74 ? 85   PRO A N   1 
ATOM   457  C CA  . PRO A 1 93  ? -10.697 3.171   0.649   1.00 28.13 ? 85   PRO A CA  1 
ATOM   458  C C   . PRO A 1 93  ? -10.435 3.268   2.135   1.00 29.13 ? 85   PRO A C   1 
ATOM   459  O O   . PRO A 1 93  ? -9.633  4.137   2.572   1.00 31.92 ? 85   PRO A O   1 
ATOM   460  C CB  . PRO A 1 93  ? -9.418  2.610   -0.036  1.00 28.65 ? 85   PRO A CB  1 
ATOM   461  C CG  . PRO A 1 93  ? -8.601  3.858   -0.326  1.00 29.15 ? 85   PRO A CG  1 
ATOM   462  C CD  . PRO A 1 93  ? -9.661  4.915   -0.726  1.00 29.67 ? 85   PRO A CD  1 
ATOM   463  N N   . PHE A 1 94  ? -11.000 2.320   2.870   1.00 27.74 ? 86   PHE A N   1 
ATOM   464  C CA  . PHE A 1 94  ? -10.524 2.014   4.214   1.00 29.80 ? 86   PHE A CA  1 
ATOM   465  C C   . PHE A 1 94  ? -9.124  1.431   4.056   1.00 33.09 ? 86   PHE A C   1 
ATOM   466  O O   . PHE A 1 94  ? -8.908  0.517   3.248   1.00 33.04 ? 86   PHE A O   1 
ATOM   467  C CB  . PHE A 1 94  ? -11.466 1.044   4.912   1.00 29.81 ? 86   PHE A CB  1 
ATOM   468  C CG  . PHE A 1 94  ? -12.771 1.685   5.357   1.00 26.79 ? 86   PHE A CG  1 
ATOM   469  C CD1 . PHE A 1 94  ? -12.771 2.638   6.388   1.00 32.88 ? 86   PHE A CD1 1 
ATOM   470  C CD2 . PHE A 1 94  ? -13.979 1.313   4.798   1.00 35.71 ? 86   PHE A CD2 1 
ATOM   471  C CE1 . PHE A 1 94  ? -13.967 3.229   6.841   1.00 30.95 ? 86   PHE A CE1 1 
ATOM   472  C CE2 . PHE A 1 94  ? -15.204 1.912   5.235   1.00 33.59 ? 86   PHE A CE2 1 
ATOM   473  C CZ  . PHE A 1 94  ? -15.186 2.878   6.259   1.00 32.88 ? 86   PHE A CZ  1 
ATOM   474  N N   . VAL A 1 95  ? -8.163  1.951   4.810   1.00 26.69 ? 87   VAL A N   1 
ATOM   475  C CA  . VAL A 1 95  ? -6.806  1.464   4.717   1.00 24.12 ? 87   VAL A CA  1 
ATOM   476  C C   . VAL A 1 95  ? -6.388  0.966   6.110   1.00 31.05 ? 87   VAL A C   1 
ATOM   477  O O   . VAL A 1 95  ? -6.625  1.661   7.117   1.00 32.38 ? 87   VAL A O   1 
ATOM   478  C CB  . VAL A 1 95  ? -5.863  2.548   4.146   1.00 26.45 ? 87   VAL A CB  1 
ATOM   479  C CG1 . VAL A 1 95  ? -4.411  2.079   4.140   1.00 31.09 ? 87   VAL A CG1 1 
ATOM   480  C CG2 . VAL A 1 95  ? -6.275  2.970   2.736   1.00 25.66 ? 87   VAL A CG2 1 
ATOM   481  N N   . LYS A 1 96  ? -5.915  -0.265  6.173   1.00 30.19 ? 88   LYS A N   1 
ATOM   482  C CA  . LYS A 1 96  ? -5.444  -0.799  7.458   1.00 32.30 ? 88   LYS A CA  1 
ATOM   483  C C   . LYS A 1 96  ? -3.970  -1.104  7.371   1.00 30.17 ? 88   LYS A C   1 
ATOM   484  O O   . LYS A 1 96  ? -3.480  -1.471  6.329   1.00 31.33 ? 88   LYS A O   1 
ATOM   485  C CB  . LYS A 1 96  ? -6.192  -2.089  7.822   1.00 36.73 ? 88   LYS A CB  1 
ATOM   486  C CG  . LYS A 1 96  ? -7.691  -1.919  8.143   1.00 47.77 ? 88   LYS A CG  1 
ATOM   487  C CD  . LYS A 1 96  ? -7.948  -1.183  9.471   1.00 62.81 ? 88   LYS A CD  1 
ATOM   488  C CE  . LYS A 1 96  ? -7.287  -1.855  10.698  1.00 66.55 ? 88   LYS A CE  1 
ATOM   489  N NZ  . LYS A 1 96  ? -7.979  -3.099  11.178  1.00 68.79 ? 88   LYS A NZ  1 
ATOM   490  N N   . THR A 1 97  ? -3.255  -0.973  8.488   1.00 30.48 ? 89   THR A N   1 
ATOM   491  C CA  . THR A 1 97  ? -1.810  -1.243  8.482   1.00 28.22 ? 89   THR A CA  1 
ATOM   492  C C   . THR A 1 97  ? -1.497  -2.154  9.664   1.00 31.11 ? 89   THR A C   1 
ATOM   493  O O   . THR A 1 97  ? -2.092  -2.035  10.735  1.00 31.35 ? 89   THR A O   1 
ATOM   494  C CB  . THR A 1 97  ? -1.027  0.065   8.625   1.00 34.51 ? 89   THR A CB  1 
ATOM   495  O OG1 . THR A 1 97  ? -1.434  0.975   7.582   1.00 39.06 ? 89   THR A OG1 1 
ATOM   496  C CG2 . THR A 1 97  ? 0.397   -0.149  8.312   1.00 37.60 ? 89   THR A CG2 1 
ATOM   497  N N   . TYR A 1 98  ? -0.568  -3.062  9.437   1.00 27.65 ? 90   TYR A N   1 
ATOM   498  C CA  . TYR A 1 98  ? -0.082  -3.912  10.528  1.00 30.61 ? 90   TYR A CA  1 
ATOM   499  C C   . TYR A 1 98  ? 1.388   -4.169  10.360  1.00 34.61 ? 90   TYR A C   1 
ATOM   500  O O   . TYR A 1 98  ? 1.865   -4.315  9.243   1.00 34.03 ? 90   TYR A O   1 
ATOM   501  C CB  . TYR A 1 98  ? -0.838  -5.234  10.592  1.00 35.63 ? 90   TYR A CB  1 
ATOM   502  C CG  . TYR A 1 98  ? -0.692  -5.908  11.983  1.00 38.62 ? 90   TYR A CG  1 
ATOM   503  C CD1 . TYR A 1 98  ? 0.465   -6.619  12.322  1.00 38.93 ? 90   TYR A CD1 1 
ATOM   504  C CD2 . TYR A 1 98  ? -1.700  -5.791  12.950  1.00 46.19 ? 90   TYR A CD2 1 
ATOM   505  C CE1 . TYR A 1 98  ? 0.617   -7.256  13.603  1.00 38.75 ? 90   TYR A CE1 1 
ATOM   506  C CE2 . TYR A 1 98  ? -1.568  -6.399  14.212  1.00 48.58 ? 90   TYR A CE2 1 
ATOM   507  C CZ  . TYR A 1 98  ? -0.405  -7.119  14.517  1.00 47.79 ? 90   TYR A CZ  1 
ATOM   508  O OH  . TYR A 1 98  ? -0.267  -7.718  15.743  1.00 45.24 ? 90   TYR A OH  1 
ATOM   509  N N   . THR A 1 99  ? 2.101   -4.260  11.478  1.00 32.91 ? 91   THR A N   1 
ATOM   510  C CA  . THR A 1 99  ? 3.548   -4.440  11.396  1.00 31.68 ? 91   THR A CA  1 
ATOM   511  C C   . THR A 1 99  ? 3.894   -5.811  11.966  1.00 33.00 ? 91   THR A C   1 
ATOM   512  O O   . THR A 1 99  ? 3.432   -6.167  13.064  1.00 34.88 ? 91   THR A O   1 
ATOM   513  C CB  . THR A 1 99  ? 4.244   -3.362  12.191  1.00 34.53 ? 91   THR A CB  1 
ATOM   514  O OG1 . THR A 1 99  ? 3.932   -2.088  11.603  1.00 36.44 ? 91   THR A OG1 1 
ATOM   515  C CG2 . THR A 1 99  ? 5.738   -3.484  11.995  1.00 34.43 ? 91   THR A CG2 1 
ATOM   516  N N   . TYR A 1 100 ? 4.686   -6.549  11.198  1.00 29.48 ? 92   TYR A N   1 
ATOM   517  C CA  . TYR A 1 100 ? 5.106   -7.905  11.546  1.00 29.18 ? 92   TYR A CA  1 
ATOM   518  C C   . TYR A 1 100 ? 6.611   -7.954  11.586  1.00 31.93 ? 92   TYR A C   1 
ATOM   519  O O   . TYR A 1 100 ? 7.275   -7.159  10.942  1.00 32.30 ? 92   TYR A O   1 
ATOM   520  C CB  . TYR A 1 100 ? 4.694   -8.956  10.474  1.00 29.13 ? 92   TYR A CB  1 
ATOM   521  C CG  . TYR A 1 100 ? 3.199   -9.079  10.259  1.00 29.15 ? 92   TYR A CG  1 
ATOM   522  C CD1 . TYR A 1 100 ? 2.559   -8.246  9.331   1.00 29.79 ? 92   TYR A CD1 1 
ATOM   523  C CD2 . TYR A 1 100 ? 2.434   -10.055 10.922  1.00 30.97 ? 92   TYR A CD2 1 
ATOM   524  C CE1 . TYR A 1 100 ? 1.188   -8.354  9.115   1.00 32.79 ? 92   TYR A CE1 1 
ATOM   525  C CE2 . TYR A 1 100 ? 1.090   -10.155 10.724  1.00 31.51 ? 92   TYR A CE2 1 
ATOM   526  C CZ  . TYR A 1 100 ? 0.474   -9.285  9.807   1.00 32.43 ? 92   TYR A CZ  1 
ATOM   527  O OH  . TYR A 1 100 ? -0.888  -9.376  9.573   1.00 33.58 ? 92   TYR A OH  1 
ATOM   528  N N   . SER A 1 101 ? 7.178   -8.924  12.319  1.00 28.37 ? 93   SER A N   1 
ATOM   529  C CA  . SER A 1 101 ? 8.642   -9.163  12.158  1.00 28.18 ? 93   SER A CA  1 
ATOM   530  C C   . SER A 1 101 ? 8.864   -10.361 11.259  1.00 31.05 ? 93   SER A C   1 
ATOM   531  O O   . SER A 1 101 ? 8.028   -11.272 11.180  1.00 32.06 ? 93   SER A O   1 
ATOM   532  C CB  . SER A 1 101 ? 9.343   -9.376  13.528  1.00 31.80 ? 93   SER A CB  1 
ATOM   533  O OG  . SER A 1 101 ? 9.008   -10.644 14.123  1.00 31.20 ? 93   SER A OG  1 
ATOM   534  N N   . VAL A 1 102 ? 10.017  -10.392 10.615  1.00 31.58 ? 94   VAL A N   1 
ATOM   535  C CA  . VAL A 1 102 ? 10.291  -11.468 9.671   1.00 31.18 ? 94   VAL A CA  1 
ATOM   536  C C   . VAL A 1 102 ? 11.009  -12.635 10.366  1.00 31.35 ? 94   VAL A C   1 
ATOM   537  O O   . VAL A 1 102 ? 12.109  -12.463 10.927  1.00 30.78 ? 94   VAL A O   1 
ATOM   538  C CB  . VAL A 1 102 ? 11.142  -10.951 8.527   1.00 29.09 ? 94   VAL A CB  1 
ATOM   539  C CG1 . VAL A 1 102 ? 11.461  -12.088 7.525   1.00 30.89 ? 94   VAL A CG1 1 
ATOM   540  C CG2 . VAL A 1 102 ? 10.397  -9.797  7.833   1.00 29.74 ? 94   VAL A CG2 1 
ATOM   541  N N   . LEU A 1 103 ? 10.354  -13.807 10.344  1.00 29.08 ? 95   LEU A N   1 
ATOM   542  C CA  . LEU A 1 103 ? 10.915  -15.043 10.914  1.00 26.99 ? 95   LEU A CA  1 
ATOM   543  C C   . LEU A 1 103 ? 11.771  -15.852 9.932   1.00 27.03 ? 95   LEU A C   1 
ATOM   544  O O   . LEU A 1 103 ? 12.684  -16.591 10.316  1.00 28.28 ? 95   LEU A O   1 
ATOM   545  C CB  . LEU A 1 103 ? 9.779   -15.983 11.362  1.00 28.61 ? 95   LEU A CB  1 
ATOM   546  C CG  . LEU A 1 103 ? 8.862   -15.391 12.395  1.00 28.41 ? 95   LEU A CG  1 
ATOM   547  C CD1 . LEU A 1 103 ? 7.642   -16.285 12.551  1.00 28.70 ? 95   LEU A CD1 1 
ATOM   548  C CD2 . LEU A 1 103 ? 9.585   -15.244 13.738  1.00 30.21 ? 95   LEU A CD2 1 
ATOM   549  N N   . ASP A 1 104 ? 11.465  -15.700 8.647   1.00 29.29 ? 96   ASP A N   1 
ATOM   550  C CA  . ASP A 1 104 ? 12.152  -16.480 7.626   1.00 27.83 ? 96   ASP A CA  1 
ATOM   551  C C   . ASP A 1 104 ? 11.765  -15.953 6.267   1.00 30.19 ? 96   ASP A C   1 
ATOM   552  O O   . ASP A 1 104 ? 10.710  -15.344 6.119   1.00 29.90 ? 96   ASP A O   1 
ATOM   553  C CB  . ASP A 1 104 ? 11.748  -17.957 7.698   1.00 29.70 ? 96   ASP A CB  1 
ATOM   554  C CG  . ASP A 1 104 ? 12.791  -18.892 7.115   1.00 31.33 ? 96   ASP A CG  1 
ATOM   555  O OD1 . ASP A 1 104 ? 13.857  -18.449 6.599   1.00 30.84 ? 96   ASP A OD1 1 
ATOM   556  O OD2 . ASP A 1 104 ? 12.663  -20.150 7.143   1.00 34.26 ? 96   ASP A OD2 1 
ATOM   557  N N   . ILE A 1 105 ? 12.644  -16.194 5.289   1.00 28.93 ? 97   ILE A N   1 
ATOM   558  C CA  . ILE A 1 105 ? 12.396  -15.918 3.891   1.00 30.79 ? 97   ILE A CA  1 
ATOM   559  C C   . ILE A 1 105 ? 12.739  -17.199 3.154   1.00 29.23 ? 97   ILE A C   1 
ATOM   560  O O   . ILE A 1 105 ? 13.843  -17.715 3.291   1.00 30.90 ? 97   ILE A O   1 
ATOM   561  C CB  . ILE A 1 105 ? 13.305  -14.774 3.376   1.00 30.45 ? 97   ILE A CB  1 
ATOM   562  C CG1 . ILE A 1 105 ? 13.089  -13.522 4.257   1.00 29.89 ? 97   ILE A CG1 1 
ATOM   563  C CG2 . ILE A 1 105 ? 13.000  -14.508 1.868   1.00 32.76 ? 97   ILE A CG2 1 
ATOM   564  C CD1 . ILE A 1 105 ? 14.099  -12.412 3.956   1.00 33.72 ? 97   ILE A CD1 1 
ATOM   565  N N   . GLN A 1 106 ? 11.798  -17.714 2.368   1.00 31.57 ? 98   GLN A N   1 
ATOM   566  C CA  . GLN A 1 106 ? 12.048  -18.965 1.634   1.00 33.19 ? 98   GLN A CA  1 
ATOM   567  C C   . GLN A 1 106 ? 11.707  -18.824 0.173   1.00 31.75 ? 98   GLN A C   1 
ATOM   568  O O   . GLN A 1 106 ? 10.612  -18.396 -0.152  1.00 32.39 ? 98   GLN A O   1 
ATOM   569  C CB  . GLN A 1 106 ? 11.235  -20.110 2.232   1.00 37.81 ? 98   GLN A CB  1 
ATOM   570  C CG  . GLN A 1 106 ? 11.739  -20.543 3.600   1.00 42.71 ? 98   GLN A CG  1 
ATOM   571  C CD  . GLN A 1 106 ? 11.869  -22.054 3.764   1.00 59.27 ? 98   GLN A CD  1 
ATOM   572  O OE1 . GLN A 1 106 ? 12.419  -22.740 2.897   1.00 60.73 ? 98   GLN A OE1 1 
ATOM   573  N NE2 . GLN A 1 106 ? 11.382  -22.572 4.895   1.00 61.51 ? 98   GLN A NE2 1 
ATOM   574  N N   . ALA A 1 107 ? 12.639  -19.179 -0.710  1.00 33.07 ? 99   ALA A N   1 
ATOM   575  C CA  . ALA A 1 107 ? 12.395  -19.029 -2.141  1.00 34.23 ? 99   ALA A CA  1 
ATOM   576  C C   . ALA A 1 107 ? 11.196  -19.873 -2.566  1.00 32.23 ? 99   ALA A C   1 
ATOM   577  O O   . ALA A 1 107 ? 10.925  -20.939 -1.991  1.00 35.58 ? 99   ALA A O   1 
ATOM   578  C CB  . ALA A 1 107 ? 13.633  -19.427 -2.942  1.00 37.96 ? 99   ALA A CB  1 
ATOM   579  N N   . ASN A 1 108 ? 10.463  -19.385 -3.547  1.00 33.39 ? 100  ASN A N   1 
ATOM   580  C CA  . ASN A 1 108 ? 9.429   -20.173 -4.189  1.00 36.49 ? 100  ASN A CA  1 
ATOM   581  C C   . ASN A 1 108 ? 10.021  -21.411 -4.895  1.00 38.15 ? 100  ASN A C   1 
ATOM   582  O O   . ASN A 1 108 ? 11.116  -21.329 -5.445  1.00 36.32 ? 100  ASN A O   1 
ATOM   583  C CB  . ASN A 1 108 ? 8.707   -19.273 -5.187  1.00 36.48 ? 100  ASN A CB  1 
ATOM   584  C CG  . ASN A 1 108 ? 7.384   -19.838 -5.634  1.00 42.93 ? 100  ASN A CG  1 
ATOM   585  O OD1 . ASN A 1 108 ? 7.320   -20.882 -6.285  1.00 46.64 ? 100  ASN A OD1 1 
ATOM   586  N ND2 . ASN A 1 108 ? 6.311   -19.143 -5.291  1.00 40.60 ? 100  ASN A ND2 1 
ATOM   587  N N   . GLU A 1 109 ? 9.295   -22.535 -4.862  1.00 40.14 ? 101  GLU A N   1 
ATOM   588  C CA  . GLU A 1 109 ? 9.623   -23.747 -5.655  1.00 43.66 ? 101  GLU A CA  1 
ATOM   589  C C   . GLU A 1 109 ? 9.886   -23.408 -7.115  1.00 43.22 ? 101  GLU A C   1 
ATOM   590  O O   . GLU A 1 109 ? 10.568  -24.157 -7.838  1.00 41.69 ? 101  GLU A O   1 
ATOM   591  C CB  . GLU A 1 109 ? 8.485   -24.776 -5.603  1.00 45.76 ? 101  GLU A CB  1 
ATOM   592  C CG  . GLU A 1 109 ? 8.232   -25.407 -4.241  1.00 55.31 ? 101  GLU A CG  1 
ATOM   593  C CD  . GLU A 1 109 ? 9.473   -26.020 -3.621  1.00 59.30 ? 101  GLU A CD  1 
ATOM   594  O OE1 . GLU A 1 109 ? 10.102  -26.877 -4.281  1.00 62.58 ? 101  GLU A OE1 1 
ATOM   595  O OE2 . GLU A 1 109 ? 9.810   -25.644 -2.468  1.00 60.81 ? 101  GLU A OE2 1 
ATOM   596  N N   . ASP A 1 110 ? 9.282   -22.304 -7.545  1.00 43.59 ? 102  ASP A N   1 
ATOM   597  C CA  . ASP A 1 110 ? 9.580   -21.652 -8.813  1.00 41.44 ? 102  ASP A CA  1 
ATOM   598  C C   . ASP A 1 110 ? 10.428  -20.415 -8.504  1.00 40.33 ? 102  ASP A C   1 
ATOM   599  O O   . ASP A 1 110 ? 9.895   -19.369 -8.098  1.00 39.89 ? 102  ASP A O   1 
ATOM   600  C CB  . ASP A 1 110 ? 8.288   -21.254 -9.529  1.00 42.83 ? 102  ASP A CB  1 
ATOM   601  C CG  . ASP A 1 110 ? 8.535   -20.684 -10.923 1.00 46.53 ? 102  ASP A CG  1 
ATOM   602  O OD1 . ASP A 1 110 ? 9.705   -20.383 -11.254 1.00 45.06 ? 102  ASP A OD1 1 
ATOM   603  O OD2 . ASP A 1 110 ? 7.618   -20.501 -11.756 1.00 49.07 ? 102  ASP A OD2 1 
ATOM   604  N N   . PRO A 1 111 ? 11.744  -20.541 -8.678  1.00 40.06 ? 103  PRO A N   1 
ATOM   605  C CA  . PRO A 1 111 ? 12.697  -19.466 -8.359  1.00 40.20 ? 103  PRO A CA  1 
ATOM   606  C C   . PRO A 1 111 ? 12.412  -18.128 -9.054  1.00 40.16 ? 103  PRO A C   1 
ATOM   607  O O   . PRO A 1 111 ? 12.929  -17.106 -8.608  1.00 41.22 ? 103  PRO A O   1 
ATOM   608  C CB  . PRO A 1 111 ? 14.039  -20.029 -8.848  1.00 41.50 ? 103  PRO A CB  1 
ATOM   609  C CG  . PRO A 1 111 ? 13.697  -21.185 -9.725  1.00 41.97 ? 103  PRO A CG  1 
ATOM   610  C CD  . PRO A 1 111 ? 12.420  -21.744 -9.206  1.00 35.91 ? 103  PRO A CD  1 
ATOM   611  N N   . SER A 1 112 ? 11.598  -18.128 -10.107 1.00 40.02 ? 104  SER A N   1 
ATOM   612  C CA  . SER A 1 112 ? 11.284  -16.887 -10.826 1.00 40.97 ? 104  SER A CA  1 
ATOM   613  C C   . SER A 1 112 ? 10.173  -16.051 -10.185 1.00 42.30 ? 104  SER A C   1 
ATOM   614  O O   . SER A 1 112 ? 9.912   -14.924 -10.595 1.00 43.37 ? 104  SER A O   1 
ATOM   615  C CB  . SER A 1 112 ? 10.953  -17.187 -12.293 1.00 39.33 ? 104  SER A CB  1 
ATOM   616  O OG  . SER A 1 112 ? 9.656   -17.748 -12.431 1.00 39.94 ? 104  SER A OG  1 
ATOM   617  N N   . LEU A 1 113 ? 9.536   -16.596 -9.152  1.00 43.00 ? 105  LEU A N   1 
ATOM   618  C CA  . LEU A 1 113 ? 8.434   -15.923 -8.482  1.00 40.86 ? 105  LEU A CA  1 
ATOM   619  C C   . LEU A 1 113 ? 8.923   -15.378 -7.125  1.00 39.07 ? 105  LEU A C   1 
ATOM   620  O O   . LEU A 1 113 ? 9.959   -15.830 -6.644  1.00 37.42 ? 105  LEU A O   1 
ATOM   621  C CB  . LEU A 1 113 ? 7.283   -16.911 -8.299  1.00 42.87 ? 105  LEU A CB  1 
ATOM   622  C CG  . LEU A 1 113 ? 6.531   -17.344 -9.559  1.00 44.08 ? 105  LEU A CG  1 
ATOM   623  C CD1 . LEU A 1 113 ? 5.746   -18.619 -9.273  1.00 45.71 ? 105  LEU A CD1 1 
ATOM   624  C CD2 . LEU A 1 113 ? 5.619   -16.214 -10.048 1.00 44.83 ? 105  LEU A CD2 1 
ATOM   625  N N   . PRO A 1 114 ? 8.205   -14.413 -6.529  1.00 37.83 ? 106  PRO A N   1 
ATOM   626  C CA  . PRO A 1 114 ? 8.586   -13.824 -5.225  1.00 37.37 ? 106  PRO A CA  1 
ATOM   627  C C   . PRO A 1 114 ? 8.753   -14.848 -4.106  1.00 34.81 ? 106  PRO A C   1 
ATOM   628  O O   . PRO A 1 114 ? 8.033   -15.851 -4.053  1.00 34.28 ? 106  PRO A O   1 
ATOM   629  C CB  . PRO A 1 114 ? 7.411   -12.883 -4.898  1.00 35.12 ? 106  PRO A CB  1 
ATOM   630  C CG  . PRO A 1 114 ? 6.813   -12.533 -6.256  1.00 41.71 ? 106  PRO A CG  1 
ATOM   631  C CD  . PRO A 1 114 ? 6.991   -13.775 -7.090  1.00 36.70 ? 106  PRO A CD  1 
ATOM   632  N N   . ALA A 1 115 ? 9.723   -14.601 -3.227  1.00 32.51 ? 107  ALA A N   1 
ATOM   633  C CA  . ALA A 1 115 ? 9.980   -15.493 -2.103  1.00 31.23 ? 107  ALA A CA  1 
ATOM   634  C C   . ALA A 1 115 ? 8.826   -15.420 -1.136  1.00 31.69 ? 107  ALA A C   1 
ATOM   635  O O   . ALA A 1 115 ? 8.119   -14.420 -1.088  1.00 30.31 ? 107  ALA A O   1 
ATOM   636  C CB  . ALA A 1 115 ? 11.281  -15.111 -1.394  1.00 30.23 ? 107  ALA A CB  1 
ATOM   637  N N   . HIS A 1 116 ? 8.646   -16.480 -0.352  1.00 29.21 ? 108  HIS A N   1 
ATOM   638  C CA  . HIS A 1 116 ? 7.614   -16.495 0.681   1.00 29.26 ? 108  HIS A CA  1 
ATOM   639  C C   . HIS A 1 116 ? 8.152   -15.902 1.985   1.00 30.96 ? 108  HIS A C   1 
ATOM   640  O O   . HIS A 1 116 ? 9.325   -16.072 2.306   1.00 32.05 ? 108  HIS A O   1 
ATOM   641  C CB  . HIS A 1 116 ? 7.169   -17.935 0.977   1.00 33.01 ? 108  HIS A CB  1 
ATOM   642  C CG  . HIS A 1 116 ? 6.706   -18.682 -0.226  1.00 32.47 ? 108  HIS A CG  1 
ATOM   643  N ND1 . HIS A 1 116 ? 5.636   -18.268 -0.995  1.00 34.30 ? 108  HIS A ND1 1 
ATOM   644  C CD2 . HIS A 1 116 ? 7.177   -19.812 -0.803  1.00 32.49 ? 108  HIS A CD2 1 
ATOM   645  C CE1 . HIS A 1 116 ? 5.463   -19.120 -1.997  1.00 35.95 ? 108  HIS A CE1 1 
ATOM   646  N NE2 . HIS A 1 116 ? 6.378   -20.070 -1.900  1.00 38.20 ? 108  HIS A NE2 1 
ATOM   647  N N   . LEU A 1 117 ? 7.290   -15.224 2.724   1.00 29.33 ? 109  LEU A N   1 
ATOM   648  C CA  . LEU A 1 117 ? 7.690   -14.681 4.020   1.00 30.78 ? 109  LEU A CA  1 
ATOM   649  C C   . LEU A 1 117 ? 7.002   -15.452 5.144   1.00 31.48 ? 109  LEU A C   1 
ATOM   650  O O   . LEU A 1 117 ? 5.868   -15.919 4.982   1.00 31.13 ? 109  LEU A O   1 
ATOM   651  C CB  . LEU A 1 117 ? 7.289   -13.198 4.149   1.00 30.00 ? 109  LEU A CB  1 
ATOM   652  C CG  . LEU A 1 117 ? 7.987   -12.215 3.230   1.00 32.94 ? 109  LEU A CG  1 
ATOM   653  C CD1 . LEU A 1 117 ? 7.398   -10.777 3.329   1.00 31.67 ? 109  LEU A CD1 1 
ATOM   654  C CD2 . LEU A 1 117 ? 9.524   -12.255 3.483   1.00 36.68 ? 109  LEU A CD2 1 
ATOM   655  N N   . SER A 1 118 ? 7.709   -15.650 6.262   1.00 29.00 ? 110  SER A N   1 
ATOM   656  C CA  . SER A 1 118 ? 7.069   -16.152 7.478   1.00 30.50 ? 110  SER A CA  1 
ATOM   657  C C   . SER A 1 118 ? 7.114   -14.961 8.428   1.00 31.49 ? 110  SER A C   1 
ATOM   658  O O   . SER A 1 118 ? 8.222   -14.382 8.659   1.00 31.15 ? 110  SER A O   1 
ATOM   659  C CB  . SER A 1 118 ? 7.861   -17.334 8.048   1.00 33.14 ? 110  SER A CB  1 
ATOM   660  O OG  . SER A 1 118 ? 7.240   -17.757 9.267   1.00 34.65 ? 110  SER A OG  1 
ATOM   661  N N   . LEU A 1 119 ? 5.948   -14.552 8.973   1.00 31.03 ? 111  LEU A N   1 
ATOM   662  C CA  . LEU A 1 119 ? 5.847   -13.247 9.659   1.00 29.29 ? 111  LEU A CA  1 
ATOM   663  C C   . LEU A 1 119 ? 5.228   -13.409 11.010  1.00 33.24 ? 111  LEU A C   1 
ATOM   664  O O   . LEU A 1 119 ? 4.275   -14.155 11.138  1.00 36.42 ? 111  LEU A O   1 
ATOM   665  C CB  . LEU A 1 119 ? 4.924   -12.278 8.854   1.00 31.18 ? 111  LEU A CB  1 
ATOM   666  C CG  . LEU A 1 119 ? 5.475   -11.974 7.450   1.00 30.47 ? 111  LEU A CG  1 
ATOM   667  C CD1 . LEU A 1 119 ? 4.488   -11.012 6.728   1.00 35.20 ? 111  LEU A CD1 1 
ATOM   668  C CD2 . LEU A 1 119 ? 6.856   -11.317 7.505   1.00 31.44 ? 111  LEU A CD2 1 
ATOM   669  N N   . MET A 1 120 ? 5.758   -12.721 12.019  1.00 30.10 ? 112  MET A N   1 
ATOM   670  C CA  . MET A 1 120 ? 5.233   -12.820 13.382  1.00 27.89 ? 112  MET A CA  1 
ATOM   671  C C   . MET A 1 120 ? 4.460   -11.582 13.789  1.00 28.84 ? 112  MET A C   1 
ATOM   672  O O   . MET A 1 120 ? 4.980   -10.448 13.660  1.00 30.29 ? 112  MET A O   1 
ATOM   673  C CB  . MET A 1 120 ? 6.430   -13.028 14.362  1.00 29.51 ? 112  MET A CB  1 
ATOM   674  C CG  . MET A 1 120 ? 5.997   -13.063 15.801  1.00 32.49 ? 112  MET A CG  1 
ATOM   675  S SD  . MET A 1 120 ? 5.101   -14.548 16.195  1.00 32.06 ? 112  MET A SD  1 
ATOM   676  C CE  . MET A 1 120 ? 6.440   -15.688 16.461  1.00 32.42 ? 112  MET A CE  1 
ATOM   677  N N   . ASP A 1 121 ? 3.234   -11.754 14.285  1.00 30.12 ? 113  ASP A N   1 
ATOM   678  C CA  . ASP A 1 121 ? 2.490   -10.613 14.759  1.00 29.52 ? 113  ASP A CA  1 
ATOM   679  C C   . ASP A 1 121 ? 2.797   -10.275 16.223  1.00 30.95 ? 113  ASP A C   1 
ATOM   680  O O   . ASP A 1 121 ? 3.655   -10.896 16.867  1.00 33.23 ? 113  ASP A O   1 
ATOM   681  C CB  . ASP A 1 121 ? 0.962   -10.716 14.458  1.00 29.99 ? 113  ASP A CB  1 
ATOM   682  C CG  . ASP A 1 121 ? 0.223   -11.668 15.356  1.00 29.99 ? 113  ASP A CG  1 
ATOM   683  O OD1 . ASP A 1 121 ? 0.718   -12.101 16.436  1.00 30.13 ? 113  ASP A OD1 1 
ATOM   684  O OD2 . ASP A 1 121 ? -0.968  -12.004 15.084  1.00 31.29 ? 113  ASP A OD2 1 
ATOM   685  N N   . ASP A 1 122 ? 2.103   -9.267  16.777  1.00 33.16 ? 114  ASP A N   1 
ATOM   686  C CA  . ASP A 1 122 ? 2.497   -8.838  18.110  1.00 34.43 ? 114  ASP A CA  1 
ATOM   687  C C   . ASP A 1 122 ? 1.864   -9.633  19.241  1.00 33.84 ? 114  ASP A C   1 
ATOM   688  O O   . ASP A 1 122 ? 2.085   -9.335  20.427  1.00 33.47 ? 114  ASP A O   1 
ATOM   689  C CB  . ASP A 1 122 ? 2.357   -7.316  18.291  1.00 40.35 ? 114  ASP A CB  1 
ATOM   690  C CG  . ASP A 1 122 ? 0.955   -6.811  18.078  1.00 50.84 ? 114  ASP A CG  1 
ATOM   691  O OD1 . ASP A 1 122 ? -0.018  -7.606  18.086  1.00 55.28 ? 114  ASP A OD1 1 
ATOM   692  O OD2 . ASP A 1 122 ? 0.732   -5.594  17.907  1.00 56.98 ? 114  ASP A OD2 1 
ATOM   693  N N   . GLU A 1 123 ? 1.096   -10.655 18.877  1.00 31.36 ? 115  GLU A N   1 
ATOM   694  C CA  . GLU A 1 123 ? 0.524   -11.580 19.847  1.00 28.73 ? 115  GLU A CA  1 
ATOM   695  C C   . GLU A 1 123 ? 1.115   -12.980 19.739  1.00 26.91 ? 115  GLU A C   1 
ATOM   696  O O   . GLU A 1 123 ? 0.526   -13.936 20.259  1.00 27.90 ? 115  GLU A O   1 
ATOM   697  C CB  . GLU A 1 123 ? -0.971  -11.739 19.615  1.00 32.45 ? 115  GLU A CB  1 
ATOM   698  C CG  . GLU A 1 123 ? -1.777  -10.486 19.651  1.00 38.37 ? 115  GLU A CG  1 
ATOM   699  C CD  . GLU A 1 123 ? -3.229  -10.821 19.800  1.00 34.47 ? 115  GLU A CD  1 
ATOM   700  O OE1 . GLU A 1 123 ? -3.757  -11.592 18.933  1.00 34.85 ? 115  GLU A OE1 1 
ATOM   701  O OE2 . GLU A 1 123 ? -3.840  -10.262 20.723  1.00 41.59 ? 115  GLU A OE2 1 
ATOM   702  N N   . GLY A 1 124 ? 2.272   -13.116 19.071  1.00 27.90 ? 116  GLY A N   1 
ATOM   703  C CA  . GLY A 1 124 ? 2.881   -14.433 19.039  1.00 31.17 ? 116  GLY A CA  1 
ATOM   704  C C   . GLY A 1 124 ? 2.301   -15.391 18.005  1.00 31.02 ? 116  GLY A C   1 
ATOM   705  O O   . GLY A 1 124 ? 2.651   -16.578 18.033  1.00 29.96 ? 116  GLY A O   1 
ATOM   706  N N   . GLU A 1 125 ? 1.488   -14.884 17.065  1.00 28.09 ? 117  GLU A N   1 
ATOM   707  C CA  . GLU A 1 125 ? 0.953   -15.764 16.009  1.00 29.52 ? 117  GLU A CA  1 
ATOM   708  C C   . GLU A 1 125 ? 1.656   -15.459 14.714  1.00 29.00 ? 117  GLU A C   1 
ATOM   709  O O   . GLU A 1 125 ? 1.835   -14.291 14.370  1.00 30.07 ? 117  GLU A O   1 
ATOM   710  C CB  . GLU A 1 125 ? -0.555  -15.571 15.823  1.00 28.58 ? 117  GLU A CB  1 
ATOM   711  C CG  . GLU A 1 125 ? -1.364  -15.962 17.067  1.00 30.14 ? 117  GLU A CG  1 
ATOM   712  C CD  . GLU A 1 125 ? -1.554  -17.481 17.262  1.00 41.36 ? 117  GLU A CD  1 
ATOM   713  O OE1 . GLU A 1 125 ? -1.081  -18.287 16.425  1.00 40.74 ? 117  GLU A OE1 1 
ATOM   714  O OE2 . GLU A 1 125 ? -2.152  -17.893 18.289  1.00 37.81 ? 117  GLU A OE2 1 
ATOM   715  N N   . SER A 1 126 ? 2.033   -16.494 13.964  1.00 30.66 ? 118  SER A N   1 
ATOM   716  C CA  . SER A 1 126 ? 2.698   -16.190 12.690  1.00 30.97 ? 118  SER A CA  1 
ATOM   717  C C   . SER A 1 126 ? 1.780   -16.438 11.521  1.00 31.13 ? 118  SER A C   1 
ATOM   718  O O   . SER A 1 126 ? 0.765   -17.140 11.621  1.00 33.54 ? 118  SER A O   1 
ATOM   719  C CB  . SER A 1 126 ? 3.993   -16.968 12.503  1.00 31.51 ? 118  SER A CB  1 
ATOM   720  O OG  . SER A 1 126 ? 3.674   -18.334 12.516  1.00 36.46 ? 118  SER A OG  1 
ATOM   721  N N   . ARG A 1 127 ? 2.140   -15.810 10.408  1.00 30.68 ? 119  ARG A N   1 
ATOM   722  C CA  . ARG A 1 127 ? 1.427   -16.082 9.166   1.00 33.81 ? 119  ARG A CA  1 
ATOM   723  C C   . ARG A 1 127 ? 2.413   -16.377 8.037   1.00 32.00 ? 119  ARG A C   1 
ATOM   724  O O   . ARG A 1 127 ? 3.487   -15.758 7.971   1.00 32.42 ? 119  ARG A O   1 
ATOM   725  C CB  . ARG A 1 127 ? 0.455   -14.969 8.809   1.00 36.11 ? 119  ARG A CB  1 
ATOM   726  C CG  . ARG A 1 127 ? 1.075   -13.643 8.460   1.00 34.97 ? 119  ARG A CG  1 
ATOM   727  C CD  . ARG A 1 127 ? 0.032   -12.531 8.258   1.00 36.78 ? 119  ARG A CD  1 
ATOM   728  N NE  . ARG A 1 127 ? -0.808  -12.757 7.073   1.00 36.14 ? 119  ARG A NE  1 
ATOM   729  C CZ  . ARG A 1 127 ? -1.688  -11.873 6.579   1.00 36.57 ? 119  ARG A CZ  1 
ATOM   730  N NH1 . ARG A 1 127 ? -1.864  -10.699 7.171   1.00 35.55 ? 119  ARG A NH1 1 
ATOM   731  N NH2 . ARG A 1 127 ? -2.395  -12.148 5.470   1.00 36.48 ? 119  ARG A NH2 1 
ATOM   732  N N   . GLU A 1 128 ? 2.041   -17.336 7.175   1.00 30.97 ? 120  GLU A N   1 
ATOM   733  C CA  . GLU A 1 128 ? 2.980   -17.759 6.133   1.00 32.66 ? 120  GLU A CA  1 
ATOM   734  C C   . GLU A 1 128 ? 2.415   -17.545 4.751   1.00 33.23 ? 120  GLU A C   1 
ATOM   735  O O   . GLU A 1 128 ? 2.998   -18.035 3.773   1.00 35.60 ? 120  GLU A O   1 
ATOM   736  C CB  . GLU A 1 128 ? 3.441   -19.221 6.306   1.00 34.85 ? 120  GLU A CB  1 
ATOM   737  C CG  . GLU A 1 128 ? 4.608   -19.335 7.315   1.00 37.68 ? 120  GLU A CG  1 
ATOM   738  C CD  . GLU A 1 128 ? 4.113   -19.211 8.734   1.00 47.52 ? 120  GLU A CD  1 
ATOM   739  O OE1 . GLU A 1 128 ? 2.990   -19.705 9.029   1.00 46.63 ? 120  GLU A OE1 1 
ATOM   740  O OE2 . GLU A 1 128 ? 4.833   -18.612 9.555   1.00 41.01 ? 120  GLU A OE2 1 
ATOM   741  N N   . ASP A 1 129 ? 1.299   -16.815 4.667   1.00 31.97 ? 121  ASP A N   1 
ATOM   742  C CA  . ASP A 1 129 ? 0.606   -16.665 3.392   1.00 30.33 ? 121  ASP A CA  1 
ATOM   743  C C   . ASP A 1 129 ? 1.056   -15.461 2.557   1.00 32.60 ? 121  ASP A C   1 
ATOM   744  O O   . ASP A 1 129 ? 0.643   -15.360 1.387   1.00 36.38 ? 121  ASP A O   1 
ATOM   745  C CB  . ASP A 1 129 ? -0.902  -16.594 3.595   1.00 32.81 ? 121  ASP A CB  1 
ATOM   746  C CG  . ASP A 1 129 ? -1.315  -15.395 4.418   1.00 37.32 ? 121  ASP A CG  1 
ATOM   747  O OD1 . ASP A 1 129 ? -0.676  -15.119 5.467   1.00 35.47 ? 121  ASP A OD1 1 
ATOM   748  O OD2 . ASP A 1 129 ? -2.242  -14.644 4.056   1.00 39.16 ? 121  ASP A OD2 1 
ATOM   749  N N   . LEU A 1 130 ? 1.871   -14.562 3.127   1.00 29.02 ? 122  LEU A N   1 
ATOM   750  C CA  . LEU A 1 130 ? 2.318   -13.390 2.367   1.00 30.82 ? 122  LEU A CA  1 
ATOM   751  C C   . LEU A 1 130 ? 3.692   -13.601 1.757   1.00 31.31 ? 122  LEU A C   1 
ATOM   752  O O   . LEU A 1 130 ? 4.510   -14.348 2.317   1.00 32.94 ? 122  LEU A O   1 
ATOM   753  C CB  . LEU A 1 130 ? 2.313   -12.093 3.212   1.00 30.71 ? 122  LEU A CB  1 
ATOM   754  C CG  . LEU A 1 130 ? 0.933   -11.713 3.723   1.00 31.82 ? 122  LEU A CG  1 
ATOM   755  C CD1 . LEU A 1 130 ? 1.035   -10.567 4.742   1.00 35.47 ? 122  LEU A CD1 1 
ATOM   756  C CD2 . LEU A 1 130 ? -0.044  -11.345 2.585   1.00 34.99 ? 122  LEU A CD2 1 
ATOM   757  N N   . ASP A 1 131 ? 3.929   -12.940 0.619   1.00 31.90 ? 123  ASP A N   1 
ATOM   758  C CA  . ASP A 1 131 ? 5.208   -13.090 -0.075  1.00 31.32 ? 123  ASP A CA  1 
ATOM   759  C C   . ASP A 1 131 ? 5.920   -11.761 -0.037  1.00 31.62 ? 123  ASP A C   1 
ATOM   760  O O   . ASP A 1 131 ? 5.347   -10.737 0.358   1.00 32.16 ? 123  ASP A O   1 
ATOM   761  C CB  . ASP A 1 131 ? 4.979   -13.425 -1.538  1.00 30.57 ? 123  ASP A CB  1 
ATOM   762  C CG  . ASP A 1 131 ? 4.434   -14.796 -1.738  1.00 33.42 ? 123  ASP A CG  1 
ATOM   763  O OD1 . ASP A 1 131 ? 4.600   -15.653 -0.835  1.00 32.68 ? 123  ASP A OD1 1 
ATOM   764  O OD2 . ASP A 1 131 ? 3.846   -15.085 -2.787  1.00 36.14 ? 123  ASP A OD2 1 
ATOM   765  N N   . MET A 1 132 ? 7.174   -11.780 -0.469  1.00 29.66 ? 124  MET A N   1 
ATOM   766  C CA  . MET A 1 132 ? 7.898   -10.541 -0.751  1.00 29.12 ? 124  MET A CA  1 
ATOM   767  C C   . MET A 1 132 ? 7.033   -9.681  -1.678  1.00 30.50 ? 124  MET A C   1 
ATOM   768  O O   . MET A 1 132 ? 6.345   -10.217 -2.568  1.00 29.96 ? 124  MET A O   1 
ATOM   769  C CB  . MET A 1 132 ? 9.195   -10.873 -1.489  1.00 30.48 ? 124  MET A CB  1 
ATOM   770  C CG  . MET A 1 132 ? 10.370  -11.309 -0.571  1.00 33.90 ? 124  MET A CG  1 
ATOM   771  S SD  . MET A 1 132 ? 10.876  -9.973  0.536   1.00 35.91 ? 124  MET A SD  1 
ATOM   772  C CE  . MET A 1 132 ? 12.492  -10.637 1.117   1.00 32.93 ? 124  MET A CE  1 
ATOM   773  N N   . PRO A 1 133 ? 7.114   -8.361  -1.508  1.00 31.73 ? 125  PRO A N   1 
ATOM   774  C CA  . PRO A 1 133 ? 6.316   -7.442  -2.344  1.00 32.67 ? 125  PRO A CA  1 
ATOM   775  C C   . PRO A 1 133 ? 6.821   -7.389  -3.788  1.00 30.91 ? 125  PRO A C   1 
ATOM   776  O O   . PRO A 1 133 ? 7.991   -7.692  -4.048  1.00 31.57 ? 125  PRO A O   1 
ATOM   777  C CB  . PRO A 1 133 ? 6.548   -6.097  -1.671  1.00 36.71 ? 125  PRO A CB  1 
ATOM   778  C CG  . PRO A 1 133 ? 7.863   -6.224  -1.018  1.00 32.52 ? 125  PRO A CG  1 
ATOM   779  C CD  . PRO A 1 133 ? 7.887   -7.622  -0.492  1.00 33.12 ? 125  PRO A CD  1 
ATOM   780  N N   . PRO A 1 134 ? 5.946   -7.005  -4.719  1.00 29.98 ? 126  PRO A N   1 
ATOM   781  C CA  . PRO A 1 134 ? 6.320   -6.789  -6.123  1.00 31.55 ? 126  PRO A CA  1 
ATOM   782  C C   . PRO A 1 134 ? 7.061   -5.452  -6.376  1.00 38.19 ? 126  PRO A C   1 
ATOM   783  O O   . PRO A 1 134 ? 6.764   -4.709  -7.331  1.00 44.33 ? 126  PRO A O   1 
ATOM   784  C CB  . PRO A 1 134 ? 4.968   -6.791  -6.850  1.00 33.82 ? 126  PRO A CB  1 
ATOM   785  C CG  . PRO A 1 134 ? 3.977   -6.288  -5.780  1.00 31.12 ? 126  PRO A CG  1 
ATOM   786  C CD  . PRO A 1 134 ? 4.502   -6.792  -4.472  1.00 29.75 ? 126  PRO A CD  1 
ATOM   787  N N   . ASP A 1 135 ? 8.034   -5.154  -5.534  1.00 36.14 ? 127  ASP A N   1 
ATOM   788  C CA  . ASP A 1 135 ? 8.800   -3.906  -5.578  1.00 33.50 ? 127  ASP A CA  1 
ATOM   789  C C   . ASP A 1 135 ? 10.215  -4.391  -5.332  1.00 36.87 ? 127  ASP A C   1 
ATOM   790  O O   . ASP A 1 135 ? 10.593  -4.698  -4.189  1.00 34.05 ? 127  ASP A O   1 
ATOM   791  C CB  . ASP A 1 135 ? 8.268   -2.995  -4.450  1.00 37.96 ? 127  ASP A CB  1 
ATOM   792  C CG  . ASP A 1 135 ? 9.041   -1.688  -4.282  1.00 41.36 ? 127  ASP A CG  1 
ATOM   793  O OD1 . ASP A 1 135 ? 10.225  -1.600  -4.651  1.00 35.63 ? 127  ASP A OD1 1 
ATOM   794  O OD2 . ASP A 1 135 ? 8.515   -0.690  -3.731  1.00 42.82 ? 127  ASP A OD2 1 
ATOM   795  N N   . PRO A 1 136 ? 10.970  -4.543  -6.407  1.00 35.95 ? 128  PRO A N   1 
ATOM   796  C CA  . PRO A 1 136 ? 12.288  -5.177  -6.337  1.00 36.63 ? 128  PRO A CA  1 
ATOM   797  C C   . PRO A 1 136 ? 13.224  -4.554  -5.303  1.00 36.30 ? 128  PRO A C   1 
ATOM   798  O O   . PRO A 1 136 ? 13.908  -5.298  -4.595  1.00 36.49 ? 128  PRO A O   1 
ATOM   799  C CB  . PRO A 1 136 ? 12.848  -4.970  -7.748  1.00 40.08 ? 128  PRO A CB  1 
ATOM   800  C CG  . PRO A 1 136 ? 11.960  -3.963  -8.371  1.00 38.57 ? 128  PRO A CG  1 
ATOM   801  C CD  . PRO A 1 136 ? 10.617  -4.160  -7.782  1.00 37.64 ? 128  PRO A CD  1 
ATOM   802  N N   . ALA A 1 137 ? 13.279  -3.222  -5.236  1.00 34.17 ? 129  ALA A N   1 
ATOM   803  C CA  . ALA A 1 137 ? 14.191  -2.568  -4.293  1.00 36.23 ? 129  ALA A CA  1 
ATOM   804  C C   . ALA A 1 137 ? 13.761  -2.843  -2.849  1.00 32.70 ? 129  ALA A C   1 
ATOM   805  O O   . ALA A 1 137 ? 14.605  -3.069  -1.973  1.00 34.90 ? 129  ALA A O   1 
ATOM   806  C CB  . ALA A 1 137 ? 14.251  -1.077  -4.555  1.00 35.57 ? 129  ALA A CB  1 
ATOM   807  N N   . LEU A 1 138 ? 12.452  -2.835  -2.608  1.00 31.27 ? 130  LEU A N   1 
ATOM   808  C CA  . LEU A 1 138 ? 11.945  -3.098  -1.265  1.00 29.13 ? 130  LEU A CA  1 
ATOM   809  C C   . LEU A 1 138 ? 12.213  -4.577  -0.869  1.00 32.67 ? 130  LEU A C   1 
ATOM   810  O O   . LEU A 1 138 ? 12.650  -4.862  0.264   1.00 33.47 ? 130  LEU A O   1 
ATOM   811  C CB  . LEU A 1 138 ? 10.456  -2.753  -1.167  1.00 32.01 ? 130  LEU A CB  1 
ATOM   812  C CG  . LEU A 1 138 ? 9.712   -3.076  0.133   1.00 33.63 ? 130  LEU A CG  1 
ATOM   813  C CD1 . LEU A 1 138 ? 10.386  -2.391  1.336   1.00 34.88 ? 130  LEU A CD1 1 
ATOM   814  C CD2 . LEU A 1 138 ? 8.251   -2.653  0.025   1.00 32.91 ? 130  LEU A CD2 1 
ATOM   815  N N   . ALA A 1 139 ? 11.954  -5.508  -1.792  1.00 31.29 ? 131  ALA A N   1 
ATOM   816  C CA  . ALA A 1 139 ? 12.233  -6.932  -1.542  1.00 32.22 ? 131  ALA A CA  1 
ATOM   817  C C   . ALA A 1 139 ? 13.707  -7.143  -1.266  1.00 30.93 ? 131  ALA A C   1 
ATOM   818  O O   . ALA A 1 139 ? 14.086  -7.888  -0.362  1.00 32.24 ? 131  ALA A O   1 
ATOM   819  C CB  . ALA A 1 139 ? 11.761  -7.784  -2.749  1.00 30.82 ? 131  ALA A CB  1 
ATOM   820  N N   . THR A 1 140 ? 14.571  -6.472  -2.034  1.00 32.93 ? 132  THR A N   1 
ATOM   821  C CA  . THR A 1 140 ? 16.018  -6.574  -1.807  1.00 29.79 ? 132  THR A CA  1 
ATOM   822  C C   . THR A 1 140 ? 16.415  -6.037  -0.427  1.00 32.06 ? 132  THR A C   1 
ATOM   823  O O   . THR A 1 140 ? 17.232  -6.648  0.288   1.00 31.81 ? 132  THR A O   1 
ATOM   824  C CB  . THR A 1 140 ? 16.763  -5.801  -2.915  1.00 30.97 ? 132  THR A CB  1 
ATOM   825  O OG1 . THR A 1 140 ? 16.621  -6.519  -4.139  1.00 35.82 ? 132  THR A OG1 1 
ATOM   826  C CG2 . THR A 1 140 ? 18.257  -5.832  -2.671  1.00 29.13 ? 132  THR A CG2 1 
ATOM   827  N N   . GLN A 1 141 ? 15.842  -4.892  -0.050  1.00 31.51 ? 133  GLN A N   1 
ATOM   828  C CA  . GLN A 1 141 ? 16.138  -4.298  1.254   1.00 35.26 ? 133  GLN A CA  1 
ATOM   829  C C   . GLN A 1 141 ? 15.754  -5.258  2.371   1.00 32.68 ? 133  GLN A C   1 
ATOM   830  O O   . GLN A 1 141 ? 16.530  -5.484  3.304   1.00 31.68 ? 133  GLN A O   1 
ATOM   831  C CB  . GLN A 1 141 ? 15.414  -2.946  1.413   1.00 34.45 ? 133  GLN A CB  1 
ATOM   832  C CG  . GLN A 1 141 ? 15.700  -2.205  2.726   1.00 35.53 ? 133  GLN A CG  1 
ATOM   833  C CD  . GLN A 1 141 ? 17.130  -1.689  2.876   1.00 35.66 ? 133  GLN A CD  1 
ATOM   834  O OE1 . GLN A 1 141 ? 17.519  -1.271  3.968   1.00 39.44 ? 133  GLN A OE1 1 
ATOM   835  N NE2 . GLN A 1 141 ? 17.917  -1.733  1.807   1.00 35.30 ? 133  GLN A NE2 1 
ATOM   836  N N   . ILE A 1 142 ? 14.566  -5.847  2.275   1.00 27.94 ? 134  ILE A N   1 
ATOM   837  C CA  . ILE A 1 142 ? 14.093  -6.752  3.355   1.00 27.65 ? 134  ILE A CA  1 
ATOM   838  C C   . ILE A 1 142 ? 15.071  -7.933  3.449   1.00 30.28 ? 134  ILE A C   1 
ATOM   839  O O   . ILE A 1 142 ? 15.546  -8.277  4.556   1.00 30.98 ? 134  ILE A O   1 
ATOM   840  C CB  . ILE A 1 142 ? 12.671  -7.222  3.087   1.00 30.32 ? 134  ILE A CB  1 
ATOM   841  C CG1 . ILE A 1 142 ? 11.662  -6.054  3.168   1.00 31.58 ? 134  ILE A CG1 1 
ATOM   842  C CG2 . ILE A 1 142 ? 12.290  -8.399  4.016   1.00 32.43 ? 134  ILE A CG2 1 
ATOM   843  C CD1 . ILE A 1 142 ? 10.333  -6.346  2.413   1.00 31.30 ? 134  ILE A CD1 1 
ATOM   844  N N   . LYS A 1 143 ? 15.429  -8.516  2.296   1.00 31.08 ? 135  LYS A N   1 
ATOM   845  C CA  . LYS A 1 143 ? 16.315  -9.685  2.322   1.00 31.83 ? 135  LYS A CA  1 
ATOM   846  C C   . LYS A 1 143 ? 17.730  -9.336  2.822   1.00 31.83 ? 135  LYS A C   1 
ATOM   847  O O   . LYS A 1 143 ? 18.340  -10.070 3.621   1.00 31.90 ? 135  LYS A O   1 
ATOM   848  C CB  . LYS A 1 143 ? 16.370  -10.361 0.950   1.00 30.47 ? 135  LYS A CB  1 
ATOM   849  C CG  . LYS A 1 143 ? 17.184  -11.658 0.957   1.00 35.48 ? 135  LYS A CG  1 
ATOM   850  C CD  . LYS A 1 143 ? 16.870  -12.473 -0.275  1.00 44.77 ? 135  LYS A CD  1 
ATOM   851  C CE  . LYS A 1 143 ? 18.026  -13.391 -0.637  1.00 51.20 ? 135  LYS A CE  1 
ATOM   852  N NZ  . LYS A 1 143 ? 18.402  -14.243 0.514   1.00 49.08 ? 135  LYS A NZ  1 
ATOM   853  N N   . GLU A 1 144 ? 18.258  -8.200  2.377   1.00 27.99 ? 136  GLU A N   1 
ATOM   854  C CA  . GLU A 1 144 ? 19.604  -7.822  2.825   1.00 31.48 ? 136  GLU A CA  1 
ATOM   855  C C   . GLU A 1 144 ? 19.645  -7.589  4.341   1.00 29.41 ? 136  GLU A C   1 
ATOM   856  O O   . GLU A 1 144 ? 20.552  -8.045  5.035   1.00 31.85 ? 136  GLU A O   1 
ATOM   857  C CB  . GLU A 1 144 ? 20.077  -6.584  2.053   1.00 31.48 ? 136  GLU A CB  1 
ATOM   858  C CG  . GLU A 1 144 ? 20.482  -6.932  0.635   1.00 35.93 ? 136  GLU A CG  1 
ATOM   859  C CD  . GLU A 1 144 ? 20.844  -5.711  -0.183  1.00 41.14 ? 136  GLU A CD  1 
ATOM   860  O OE1 . GLU A 1 144 ? 20.499  -4.597  0.250   1.00 41.40 ? 136  GLU A OE1 1 
ATOM   861  O OE2 . GLU A 1 144 ? 21.460  -5.874  -1.255  1.00 37.30 ? 136  GLU A OE2 1 
ATOM   862  N N   . GLN A 1 145 ? 18.641  -6.873  4.856   1.00 29.00 ? 137  GLN A N   1 
ATOM   863  C CA  . GLN A 1 145 ? 18.602  -6.632  6.293   1.00 30.73 ? 137  GLN A CA  1 
ATOM   864  C C   . GLN A 1 145 ? 18.427  -7.914  7.097   1.00 31.04 ? 137  GLN A C   1 
ATOM   865  O O   . GLN A 1 145 ? 19.109  -8.120  8.118   1.00 33.08 ? 137  GLN A O   1 
ATOM   866  C CB  . GLN A 1 145 ? 17.540  -5.589  6.629   1.00 30.29 ? 137  GLN A CB  1 
ATOM   867  C CG  . GLN A 1 145 ? 17.846  -4.218  6.004   1.00 31.25 ? 137  GLN A CG  1 
ATOM   868  C CD  . GLN A 1 145 ? 19.171  -3.645  6.452   1.00 37.20 ? 137  GLN A CD  1 
ATOM   869  O OE1 . GLN A 1 145 ? 19.388  -3.435  7.645   1.00 39.47 ? 137  GLN A OE1 1 
ATOM   870  N NE2 . GLN A 1 145 ? 20.071  -3.382  5.493   1.00 36.68 ? 137  GLN A NE2 1 
ATOM   871  N N   . PHE A 1 146 ? 17.542  -8.792  6.631   1.00 31.93 ? 138  PHE A N   1 
ATOM   872  C CA  . PHE A 1 146 ? 17.385  -10.112 7.271   1.00 30.81 ? 138  PHE A CA  1 
ATOM   873  C C   . PHE A 1 146 ? 18.680  -10.916 7.260   1.00 32.59 ? 138  PHE A C   1 
ATOM   874  O O   . PHE A 1 146 ? 19.083  -11.505 8.285   1.00 32.05 ? 138  PHE A O   1 
ATOM   875  C CB  . PHE A 1 146 ? 16.275  -10.859 6.560   1.00 33.07 ? 138  PHE A CB  1 
ATOM   876  C CG  . PHE A 1 146 ? 15.947  -12.186 7.181   1.00 32.54 ? 138  PHE A CG  1 
ATOM   877  C CD1 . PHE A 1 146 ? 15.118  -12.253 8.306   1.00 32.40 ? 138  PHE A CD1 1 
ATOM   878  C CD2 . PHE A 1 146 ? 16.421  -13.370 6.607   1.00 33.34 ? 138  PHE A CD2 1 
ATOM   879  C CE1 . PHE A 1 146 ? 14.798  -13.490 8.868   1.00 29.44 ? 138  PHE A CE1 1 
ATOM   880  C CE2 . PHE A 1 146 ? 16.081  -14.625 7.195   1.00 35.29 ? 138  PHE A CE2 1 
ATOM   881  C CZ  . PHE A 1 146 ? 15.288  -14.657 8.300   1.00 31.56 ? 138  PHE A CZ  1 
ATOM   882  N N   . ASP A 1 147 ? 19.386  -10.931 6.133   1.00 31.37 ? 139  ASP A N   1 
ATOM   883  C CA  . ASP A 1 147 ? 20.648  -11.672 6.097   1.00 31.45 ? 139  ASP A CA  1 
ATOM   884  C C   . ASP A 1 147 ? 21.739  -11.066 6.971   1.00 32.39 ? 139  ASP A C   1 
ATOM   885  O O   . ASP A 1 147 ? 22.656  -11.787 7.393   1.00 34.41 ? 139  ASP A O   1 
ATOM   886  C CB  . ASP A 1 147 ? 21.151  -11.832 4.664   1.00 31.61 ? 139  ASP A CB  1 
ATOM   887  C CG  . ASP A 1 147 ? 20.225  -12.657 3.803   1.00 33.77 ? 139  ASP A CG  1 
ATOM   888  O OD1 . ASP A 1 147 ? 19.409  -13.441 4.355   1.00 38.71 ? 139  ASP A OD1 1 
ATOM   889  O OD2 . ASP A 1 147 ? 20.233  -12.574 2.558   1.00 33.66 ? 139  ASP A OD2 1 
ATOM   890  N N   . SER A 1 148 ? 21.665  -9.760  7.238   1.00 32.52 ? 140  SER A N   1 
ATOM   891  C CA  . SER A 1 148 ? 22.644  -9.101  8.112   1.00 32.10 ? 140  SER A CA  1 
ATOM   892  C C   . SER A 1 148 ? 22.390  -9.379  9.610   1.00 33.38 ? 140  SER A C   1 
ATOM   893  O O   . SER A 1 148 ? 23.173  -8.938  10.455  1.00 37.79 ? 140  SER A O   1 
ATOM   894  C CB  . SER A 1 148 ? 22.743  -7.591  7.841   1.00 37.44 ? 140  SER A CB  1 
ATOM   895  O OG  . SER A 1 148 ? 21.672  -6.905  8.459   1.00 41.63 ? 140  SER A OG  1 
ATOM   896  N N   . GLY A 1 149 ? 21.299  -10.080 9.929   1.00 32.63 ? 141  GLY A N   1 
ATOM   897  C CA  . GLY A 1 149 ? 20.989  -10.440 11.320  1.00 38.78 ? 141  GLY A CA  1 
ATOM   898  C C   . GLY A 1 149 ? 20.281  -9.312  12.079  1.00 41.01 ? 141  GLY A C   1 
ATOM   899  O O   . GLY A 1 149 ? 20.478  -9.101  13.278  1.00 44.47 ? 141  GLY A O   1 
ATOM   900  N N   . LYS A 1 150 ? 19.482  -8.549  11.351  1.00 34.58 ? 142  LYS A N   1 
ATOM   901  C CA  . LYS A 1 150 ? 18.630  -7.532  11.962  1.00 36.08 ? 142  LYS A CA  1 
ATOM   902  C C   . LYS A 1 150 ? 17.275  -8.174  12.278  1.00 33.32 ? 142  LYS A C   1 
ATOM   903  O O   . LYS A 1 150 ? 16.879  -9.186  11.666  1.00 36.59 ? 142  LYS A O   1 
ATOM   904  C CB  . LYS A 1 150 ? 18.441  -6.347  11.021  1.00 35.02 ? 142  LYS A CB  1 
ATOM   905  C CG  . LYS A 1 150 ? 19.717  -5.513  10.737  1.00 36.81 ? 142  LYS A CG  1 
ATOM   906  C CD  . LYS A 1 150 ? 20.016  -4.509  11.847  1.00 43.00 ? 142  LYS A CD  1 
ATOM   907  C CE  . LYS A 1 150 ? 21.408  -3.859  11.668  1.00 44.43 ? 142  LYS A CE  1 
ATOM   908  N NZ  . LYS A 1 150 ? 21.519  -3.066  10.401  1.00 57.19 ? 142  LYS A NZ  1 
ATOM   909  N N   . ASP A 1 151 ? 16.576  -7.626  13.280  1.00 31.35 ? 143  ASP A N   1 
ATOM   910  C CA  . ASP A 1 151 ? 15.153  -7.921  13.468  1.00 28.63 ? 143  ASP A CA  1 
ATOM   911  C C   . ASP A 1 151 ? 14.377  -7.045  12.486  1.00 30.74 ? 143  ASP A C   1 
ATOM   912  O O   . ASP A 1 151 ? 14.154  -5.841  12.709  1.00 33.13 ? 143  ASP A O   1 
ATOM   913  C CB  . ASP A 1 151 ? 14.749  -7.533  14.866  1.00 29.23 ? 143  ASP A CB  1 
ATOM   914  C CG  . ASP A 1 151 ? 13.357  -7.967  15.213  1.00 31.30 ? 143  ASP A CG  1 
ATOM   915  O OD1 . ASP A 1 151 ? 12.779  -8.802  14.499  1.00 32.93 ? 143  ASP A OD1 1 
ATOM   916  O OD2 . ASP A 1 151 ? 12.806  -7.523  16.245  1.00 31.40 ? 143  ASP A OD2 1 
ATOM   917  N N   . VAL A 1 152 ? 13.980  -7.661  11.388  1.00 30.60 ? 144  VAL A N   1 
ATOM   918  C CA  . VAL A 1 152 ? 13.363  -6.906  10.285  1.00 31.28 ? 144  VAL A CA  1 
ATOM   919  C C   . VAL A 1 152 ? 11.876  -6.842  10.455  1.00 30.37 ? 144  VAL A C   1 
ATOM   920  O O   . VAL A 1 152 ? 11.193  -7.891  10.622  1.00 29.72 ? 144  VAL A O   1 
ATOM   921  C CB  . VAL A 1 152 ? 13.717  -7.561  8.935   1.00 29.56 ? 144  VAL A CB  1 
ATOM   922  C CG1 . VAL A 1 152 ? 13.036  -6.840  7.775   1.00 31.49 ? 144  VAL A CG1 1 
ATOM   923  C CG2 . VAL A 1 152 ? 15.231  -7.544  8.716   1.00 31.95 ? 144  VAL A CG2 1 
ATOM   924  N N   . LEU A 1 153 ? 11.354  -5.615  10.418  1.00 29.69 ? 145  LEU A N   1 
ATOM   925  C CA  . LEU A 1 153 ? 9.918   -5.425  10.486  1.00 29.71 ? 145  LEU A CA  1 
ATOM   926  C C   . LEU A 1 153 ? 9.395   -5.071  9.114   1.00 31.18 ? 145  LEU A C   1 
ATOM   927  O O   . LEU A 1 153 ? 10.077  -4.408  8.351   1.00 32.44 ? 145  LEU A O   1 
ATOM   928  C CB  . LEU A 1 153 ? 9.533   -4.298  11.453  1.00 30.10 ? 145  LEU A CB  1 
ATOM   929  C CG  . LEU A 1 153 ? 10.119  -4.351  12.853  1.00 30.09 ? 145  LEU A CG  1 
ATOM   930  C CD1 . LEU A 1 153 ? 9.572   -3.202  13.708  1.00 31.92 ? 145  LEU A CD1 1 
ATOM   931  C CD2 . LEU A 1 153 ? 9.812   -5.724  13.468  1.00 30.84 ? 145  LEU A CD2 1 
ATOM   932  N N   . VAL A 1 154 ? 8.201   -5.556  8.823   1.00 29.72 ? 146  VAL A N   1 
ATOM   933  C CA  . VAL A 1 154 ? 7.523   -5.213  7.568   1.00 30.91 ? 146  VAL A CA  1 
ATOM   934  C C   . VAL A 1 154 ? 6.169   -4.634  7.867   1.00 31.06 ? 146  VAL A C   1 
ATOM   935  O O   . VAL A 1 154 ? 5.440   -5.117  8.746   1.00 30.41 ? 146  VAL A O   1 
ATOM   936  C CB  . VAL A 1 154 ? 7.424   -6.382  6.578   1.00 31.35 ? 146  VAL A CB  1 
ATOM   937  C CG1 . VAL A 1 154 ? 8.801   -6.771  6.107   1.00 31.32 ? 146  VAL A CG1 1 
ATOM   938  C CG2 . VAL A 1 154 ? 6.670   -7.582  7.184   1.00 31.42 ? 146  VAL A CG2 1 
ATOM   939  N N   . VAL A 1 155 ? 5.833   -3.556  7.150   1.00 30.06 ? 147  VAL A N   1 
ATOM   940  C CA  . VAL A 1 155 ? 4.559   -2.904  7.379   1.00 30.47 ? 147  VAL A CA  1 
ATOM   941  C C   . VAL A 1 155 ? 3.691   -3.370  6.224   1.00 32.37 ? 147  VAL A C   1 
ATOM   942  O O   . VAL A 1 155 ? 4.000   -3.075  5.049   1.00 30.82 ? 147  VAL A O   1 
ATOM   943  C CB  . VAL A 1 155 ? 4.708   -1.388  7.304   1.00 30.98 ? 147  VAL A CB  1 
ATOM   944  C CG1 . VAL A 1 155 ? 3.364   -0.720  7.517   1.00 32.34 ? 147  VAL A CG1 1 
ATOM   945  C CG2 . VAL A 1 155 ? 5.756   -0.861  8.360   1.00 33.31 ? 147  VAL A CG2 1 
ATOM   946  N N   . VAL A 1 156 ? 2.621   -4.082  6.571   1.00 31.62 ? 148  VAL A N   1 
ATOM   947  C CA  . VAL A 1 156 ? 1.673   -4.655  5.623   1.00 30.46 ? 148  VAL A CA  1 
ATOM   948  C C   . VAL A 1 156 ? 0.442   -3.759  5.577   1.00 32.10 ? 148  VAL A C   1 
ATOM   949  O O   . VAL A 1 156 ? -0.190  -3.474  6.594   1.00 30.60 ? 148  VAL A O   1 
ATOM   950  C CB  . VAL A 1 156 ? 1.273   -6.079  6.046   1.00 32.36 ? 148  VAL A CB  1 
ATOM   951  C CG1 . VAL A 1 156 ? 0.140   -6.625  5.165   1.00 34.06 ? 148  VAL A CG1 1 
ATOM   952  C CG2 . VAL A 1 156 ? 2.505   -7.020  5.987   1.00 34.65 ? 148  VAL A CG2 1 
ATOM   953  N N   . VAL A 1 157 ? 0.102   -3.297  4.375   1.00 29.85 ? 149  VAL A N   1 
ATOM   954  C CA  . VAL A 1 157 ? -1.056  -2.415  4.229   1.00 29.52 ? 149  VAL A CA  1 
ATOM   955  C C   . VAL A 1 157 ? -2.140  -3.175  3.444   1.00 29.01 ? 149  VAL A C   1 
ATOM   956  O O   . VAL A 1 157 ? -1.824  -3.879  2.469   1.00 27.68 ? 149  VAL A O   1 
ATOM   957  C CB  . VAL A 1 157 ? -0.631  -1.147  3.476   1.00 29.43 ? 149  VAL A CB  1 
ATOM   958  C CG1 . VAL A 1 157 ? -1.845  -0.239  3.162   1.00 29.77 ? 149  VAL A CG1 1 
ATOM   959  C CG2 . VAL A 1 157 ? 0.451   -0.407  4.268   1.00 30.15 ? 149  VAL A CG2 1 
ATOM   960  N N   . SER A 1 158 ? -3.392  -3.028  3.875   1.00 29.43 ? 150  SER A N   1 
ATOM   961  C CA  . SER A 1 158 ? -4.546  -3.716  3.312   1.00 29.31 ? 150  SER A CA  1 
ATOM   962  C C   . SER A 1 158 ? -5.553  -2.676  2.852   1.00 29.47 ? 150  SER A C   1 
ATOM   963  O O   . SER A 1 158 ? -5.968  -1.776  3.632   1.00 26.42 ? 150  SER A O   1 
ATOM   964  C CB  . SER A 1 158 ? -5.284  -4.595  4.354   1.00 34.35 ? 150  SER A CB  1 
ATOM   965  O OG  . SER A 1 158 ? -4.375  -5.372  5.117   1.00 47.56 ? 150  SER A OG  1 
ATOM   966  N N   . ALA A 1 159 ? -6.033  -2.805  1.621   1.00 27.55 ? 151  ALA A N   1 
ATOM   967  C CA  . ALA A 1 159 ? -7.105  -1.968  1.102   1.00 24.65 ? 151  ALA A CA  1 
ATOM   968  C C   . ALA A 1 159 ? -7.731  -2.645  -0.109  1.00 23.61 ? 151  ALA A C   1 
ATOM   969  O O   . ALA A 1 159 ? -6.992  -3.224  -0.931  1.00 26.20 ? 151  ALA A O   1 
ATOM   970  C CB  . ALA A 1 159 ? -6.543  -0.600  0.688   1.00 26.94 ? 151  ALA A CB  1 
ATOM   971  N N   . MET A 1 160 ? -9.036  -2.525  -0.278  1.00 24.78 ? 152  MET A N   1 
ATOM   972  C CA  . MET A 1 160 ? -9.733  -3.009  -1.466  1.00 24.89 ? 152  MET A CA  1 
ATOM   973  C C   . MET A 1 160 ? -9.403  -4.493  -1.770  1.00 29.10 ? 152  MET A C   1 
ATOM   974  O O   . MET A 1 160 ? -9.416  -4.901  -2.940  1.00 32.31 ? 152  MET A O   1 
ATOM   975  C CB  . MET A 1 160 ? -9.423  -2.128  -2.690  1.00 25.06 ? 152  MET A CB  1 
ATOM   976  C CG  . MET A 1 160 ? -9.706  -0.666  -2.462  1.00 28.57 ? 152  MET A CG  1 
ATOM   977  S SD  . MET A 1 160 ? -11.364 -0.309  -2.065  1.00 28.96 ? 152  MET A SD  1 
ATOM   978  C CE  . MET A 1 160 ? -12.156 -0.701  -3.569  1.00 24.92 ? 152  MET A CE  1 
ATOM   979  N N   . GLY A 1 161 ? -9.203  -5.271  -0.720  1.00 31.73 ? 153  GLY A N   1 
ATOM   980  C CA  . GLY A 1 161 ? -9.044  -6.713  -0.852  1.00 34.27 ? 153  GLY A CA  1 
ATOM   981  C C   . GLY A 1 161 ? -7.613  -7.151  -1.097  1.00 36.65 ? 153  GLY A C   1 
ATOM   982  O O   . GLY A 1 161 ? -7.332  -8.350  -1.152  1.00 39.67 ? 153  GLY A O   1 
ATOM   983  N N   . THR A 1 162 ? -6.696  -6.193  -1.234  1.00 29.08 ? 154  THR A N   1 
ATOM   984  C CA  . THR A 1 162 ? -5.274  -6.523  -1.399  1.00 30.03 ? 154  THR A CA  1 
ATOM   985  C C   . THR A 1 162 ? -4.496  -6.274  -0.121  1.00 33.02 ? 154  THR A C   1 
ATOM   986  O O   . THR A 1 162 ? -4.787  -5.330  0.600   1.00 33.51 ? 154  THR A O   1 
ATOM   987  C CB  . THR A 1 162 ? -4.683  -5.637  -2.506  1.00 30.51 ? 154  THR A CB  1 
ATOM   988  O OG1 . THR A 1 162 ? -5.295  -5.939  -3.765  1.00 31.74 ? 154  THR A OG1 1 
ATOM   989  C CG2 . THR A 1 162 ? -3.158  -5.885  -2.691  1.00 34.03 ? 154  THR A CG2 1 
ATOM   990  N N   . GLU A 1 163 ? -3.487  -7.111  0.166   1.00 30.57 ? 155  GLU A N   1 
ATOM   991  C CA  . GLU A 1 163 ? -2.604  -6.928  1.317   1.00 30.40 ? 155  GLU A CA  1 
ATOM   992  C C   . GLU A 1 163 ? -1.188  -7.046  0.790   1.00 31.96 ? 155  GLU A C   1 
ATOM   993  O O   . GLU A 1 163 ? -0.896  -7.998  0.069   1.00 36.25 ? 155  GLU A O   1 
ATOM   994  C CB  . GLU A 1 163 ? -2.738  -8.052  2.342   1.00 41.92 ? 155  GLU A CB  1 
ATOM   995  C CG  . GLU A 1 163 ? -3.909  -8.057  3.290   1.00 49.12 ? 155  GLU A CG  1 
ATOM   996  C CD  . GLU A 1 163 ? -3.637  -9.112  4.353   1.00 53.37 ? 155  GLU A CD  1 
ATOM   997  O OE1 . GLU A 1 163 ? -3.741  -10.316 4.018   1.00 47.06 ? 155  GLU A OE1 1 
ATOM   998  O OE2 . GLU A 1 163 ? -3.245  -8.759  5.494   1.00 47.72 ? 155  GLU A OE2 1 
ATOM   999  N N   . GLN A 1 164 ? -0.317  -6.107  1.123   1.00 30.57 ? 156  GLN A N   1 
ATOM   1000 C CA  . GLN A 1 164 ? 1.031   -6.118  0.559   1.00 28.08 ? 156  GLN A CA  1 
ATOM   1001 C C   . GLN A 1 164 ? 1.966   -5.407  1.519   1.00 30.53 ? 156  GLN A C   1 
ATOM   1002 O O   . GLN A 1 164 ? 1.574   -4.414  2.186   1.00 30.98 ? 156  GLN A O   1 
ATOM   1003 C CB  . GLN A 1 164 ? 0.957   -5.387  -0.783  1.00 28.40 ? 156  GLN A CB  1 
ATOM   1004 C CG  . GLN A 1 164 ? 2.239   -5.391  -1.607  1.00 28.92 ? 156  GLN A CG  1 
ATOM   1005 C CD  . GLN A 1 164 ? 1.929   -4.862  -3.009  1.00 27.70 ? 156  GLN A CD  1 
ATOM   1006 O OE1 . GLN A 1 164 ? 1.031   -5.392  -3.724  1.00 29.84 ? 156  GLN A OE1 1 
ATOM   1007 N NE2 . GLN A 1 164 ? 2.616   -3.771  -3.410  1.00 28.40 ? 156  GLN A NE2 1 
ATOM   1008 N N   . VAL A 1 165 ? 3.212   -5.891  1.596   1.00 30.11 ? 157  VAL A N   1 
ATOM   1009 C CA  . VAL A 1 165 ? 4.257   -5.186  2.325   1.00 28.93 ? 157  VAL A CA  1 
ATOM   1010 C C   . VAL A 1 165 ? 4.600   -3.916  1.554   1.00 29.51 ? 157  VAL A C   1 
ATOM   1011 O O   . VAL A 1 165 ? 4.978   -3.957  0.353   1.00 30.90 ? 157  VAL A O   1 
ATOM   1012 C CB  . VAL A 1 165 ? 5.529   -6.062  2.447   1.00 30.49 ? 157  VAL A CB  1 
ATOM   1013 C CG1 . VAL A 1 165 ? 6.681   -5.244  3.017   1.00 31.44 ? 157  VAL A CG1 1 
ATOM   1014 C CG2 . VAL A 1 165 ? 5.235   -7.292  3.289   1.00 31.80 ? 157  VAL A CG2 1 
ATOM   1015 N N   . LEU A 1 166 ? 4.446   -2.771  2.224   1.00 30.70 ? 158  LEU A N   1 
ATOM   1016 C CA  . LEU A 1 166 ? 4.769   -1.471  1.624   1.00 28.45 ? 158  LEU A CA  1 
ATOM   1017 C C   . LEU A 1 166 ? 6.000   -0.756  2.182   1.00 29.09 ? 158  LEU A C   1 
ATOM   1018 O O   . LEU A 1 166 ? 6.552   0.165   1.525   1.00 31.47 ? 158  LEU A O   1 
ATOM   1019 C CB  . LEU A 1 166 ? 3.560   -0.540  1.685   1.00 30.05 ? 158  LEU A CB  1 
ATOM   1020 C CG  . LEU A 1 166 ? 2.308   -0.925  0.907   1.00 31.84 ? 158  LEU A CG  1 
ATOM   1021 C CD1 . LEU A 1 166 ? 1.403   0.295   0.767   1.00 32.04 ? 158  LEU A CD1 1 
ATOM   1022 C CD2 . LEU A 1 166 ? 2.672   -1.451  -0.486  1.00 32.78 ? 158  LEU A CD2 1 
ATOM   1023 N N   . GLN A 1 167 ? 6.449   -1.176  3.384   1.00 30.65 ? 159  GLN A N   1 
ATOM   1024 C CA  . GLN A 1 167 ? 7.607   -0.565  4.016   1.00 30.80 ? 159  GLN A CA  1 
ATOM   1025 C C   . GLN A 1 167 ? 8.342   -1.615  4.837   1.00 29.35 ? 159  GLN A C   1 
ATOM   1026 O O   . GLN A 1 167 ? 7.764   -2.615  5.241   1.00 31.05 ? 159  GLN A O   1 
ATOM   1027 C CB  A GLN A 1 167 ? 7.203   0.570   4.973   0.65 29.71 ? 159  GLN A CB  1 
ATOM   1028 C CG  A GLN A 1 167 ? 8.380   1.521   5.299   0.65 42.33 ? 159  GLN A CG  1 
ATOM   1029 C CD  A GLN A 1 167 ? 8.301   2.278   6.643   0.65 44.75 ? 159  GLN A CD  1 
ATOM   1030 O OE1 A GLN A 1 167 ? 7.215   2.502   7.194   0.65 52.38 ? 159  GLN A OE1 1 
ATOM   1031 N NE2 A GLN A 1 167 ? 9.466   2.696   7.151   0.65 47.00 ? 159  GLN A NE2 1 
ATOM   1032 N N   . THR A 1 168 ? 9.626   -1.348  5.060   1.00 33.22 ? 160  THR A N   1 
ATOM   1033 C CA  . THR A 1 168 ? 10.420  -2.080  6.032   1.00 30.93 ? 160  THR A CA  1 
ATOM   1034 C C   . THR A 1 168 ? 11.262  -1.136  6.891   1.00 30.48 ? 160  THR A C   1 
ATOM   1035 O O   . THR A 1 168 ? 11.581  -0.011  6.496   1.00 30.39 ? 160  THR A O   1 
ATOM   1036 C CB  . THR A 1 168 ? 11.289  -3.151  5.323   1.00 29.37 ? 160  THR A CB  1 
ATOM   1037 O OG1 . THR A 1 168 ? 11.944  -3.995  6.290   1.00 31.82 ? 160  THR A OG1 1 
ATOM   1038 C CG2 . THR A 1 168 ? 12.449  -2.510  4.550   1.00 32.11 ? 160  THR A CG2 1 
ATOM   1039 N N   . LYS A 1 169 ? 11.598  -1.618  8.085   1.00 31.04 ? 161  LYS A N   1 
ATOM   1040 C CA  . LYS A 1 169 ? 12.457  -0.907  9.014   1.00 32.50 ? 161  LYS A CA  1 
ATOM   1041 C C   . LYS A 1 169 ? 12.947  -1.955  10.012  1.00 28.98 ? 161  LYS A C   1 
ATOM   1042 O O   . LYS A 1 169 ? 12.346  -3.032  10.116  1.00 31.55 ? 161  LYS A O   1 
ATOM   1043 C CB  . LYS A 1 169 ? 11.686  0.215   9.743   1.00 32.29 ? 161  LYS A CB  1 
ATOM   1044 C CG  . LYS A 1 169 ? 10.493  -0.319  10.557  1.00 34.12 ? 161  LYS A CG  1 
ATOM   1045 C CD  . LYS A 1 169 ? 9.617   0.796   11.089  1.00 42.02 ? 161  LYS A CD  1 
ATOM   1046 C CE  . LYS A 1 169 ? 8.242   0.258   11.475  1.00 44.71 ? 161  LYS A CE  1 
ATOM   1047 N NZ  . LYS A 1 169 ? 7.335   1.344   11.977  1.00 47.69 ? 161  LYS A NZ  1 
ATOM   1048 N N   . ASN A 1 170 ? 14.031  -1.640  10.707  1.00 32.01 ? 162  ASN A N   1 
ATOM   1049 C CA  . ASN A 1 170 ? 14.537  -2.575  11.693  1.00 32.14 ? 162  ASN A CA  1 
ATOM   1050 C C   . ASN A 1 170 ? 14.049  -2.253  13.097  1.00 34.60 ? 162  ASN A C   1 
ATOM   1051 O O   . ASN A 1 170 ? 13.875  -1.085  13.448  1.00 34.61 ? 162  ASN A O   1 
ATOM   1052 C CB  . ASN A 1 170 ? 16.061  -2.639  11.604  1.00 33.81 ? 162  ASN A CB  1 
ATOM   1053 C CG  . ASN A 1 170 ? 16.542  -3.138  10.238  1.00 35.79 ? 162  ASN A CG  1 
ATOM   1054 O OD1 . ASN A 1 170 ? 15.887  -3.968  9.600   1.00 35.18 ? 162  ASN A OD1 1 
ATOM   1055 N ND2 . ASN A 1 170 ? 17.700  -2.640  9.793   1.00 34.67 ? 162  ASN A ND2 1 
ATOM   1056 N N   . ALA A 1 171 ? 13.857  -3.292  13.920  1.00 33.02 ? 163  ALA A N   1 
ATOM   1057 C CA  . ALA A 1 171 ? 13.418  -3.078  15.291  1.00 34.80 ? 163  ALA A CA  1 
ATOM   1058 C C   . ALA A 1 171 ? 14.581  -2.685  16.181  1.00 42.98 ? 163  ALA A C   1 
ATOM   1059 O O   . ALA A 1 171 ? 15.719  -3.107  15.966  1.00 46.68 ? 163  ALA A O   1 
ATOM   1060 C CB  . ALA A 1 171 ? 12.773  -4.359  15.841  1.00 36.94 ? 163  ALA A CB  1 
ATOM   1061 N N   . ALA A 1 172 ? 14.276  -1.891  17.195  1.00 44.77 ? 164  ALA A N   1 
ATOM   1062 C CA  . ALA A 1 172 ? 15.192  -1.706  18.323  1.00 46.12 ? 164  ALA A CA  1 
ATOM   1063 C C   . ALA A 1 172 ? 14.620  -2.384  19.574  1.00 44.23 ? 164  ALA A C   1 
ATOM   1064 O O   . ALA A 1 172 ? 13.412  -2.634  19.657  1.00 45.87 ? 164  ALA A O   1 
ATOM   1065 C CB  . ALA A 1 172 ? 15.404  -0.226  18.576  1.00 46.90 ? 164  ALA A CB  1 
ATOM   1066 N N   . GLU A 1 173 ? 15.481  -2.695  20.541  1.00 43.12 ? 165  GLU A N   1 
ATOM   1067 C CA  . GLU A 1 173 ? 15.011  -3.044  21.884  1.00 45.00 ? 165  GLU A CA  1 
ATOM   1068 C C   . GLU A 1 173 ? 14.253  -1.851  22.496  1.00 47.28 ? 165  GLU A C   1 
ATOM   1069 O O   . GLU A 1 173 ? 13.081  -1.964  22.892  1.00 52.09 ? 165  GLU A O   1 
ATOM   1070 C CB  . GLU A 1 173 ? 16.187  -3.424  22.771  1.00 41.64 ? 165  GLU A CB  1 
HETATM 1071 C C1  . PEG B 2 .   ? -18.100 18.943  -13.728 0.50 33.79 ? 3802 PEG A C1  1 
HETATM 1072 O O1  . PEG B 2 .   ? -17.617 20.134  -13.097 0.50 43.37 ? 3802 PEG A O1  1 
HETATM 1073 C C2  . PEG B 2 .   ? -17.053 17.838  -13.671 0.50 31.16 ? 3802 PEG A C2  1 
HETATM 1074 O O2  . PEG B 2 .   ? -17.343 16.760  -14.541 0.50 16.21 ? 3802 PEG A O2  1 
HETATM 1075 C C3  . PEG B 2 .   ? -17.817 17.238  -15.797 0.50 27.83 ? 3802 PEG A C3  1 
HETATM 1076 C C4  . PEG B 2 .   ? -17.094 16.643  -16.988 0.50 30.49 ? 3802 PEG A C4  1 
HETATM 1077 O O4  . PEG B 2 .   ? -16.613 17.664  -17.865 0.50 35.07 ? 3802 PEG A O4  1 
HETATM 1078 O O   . HOH C 3 .   ? 3.511   -14.420 5.460   1.00 14.53 ? 3803 HOH A O   1 
HETATM 1079 O O   . HOH C 3 .   ? -4.700  19.851  -1.877  1.00 17.33 ? 3804 HOH A O   1 
HETATM 1080 O O   . HOH C 3 .   ? -3.706  22.116  -6.281  1.00 15.73 ? 3805 HOH A O   1 
HETATM 1081 O O   . HOH C 3 .   ? -12.659 6.576   -13.896 1.00 16.75 ? 3806 HOH A O   1 
HETATM 1082 O O   . HOH C 3 .   ? 3.778   -8.377  0.010   1.00 19.07 ? 3807 HOH A O   1 
HETATM 1083 O O   . HOH C 3 .   ? 5.121   -11.059 19.177  1.00 25.32 ? 3808 HOH A O   1 
HETATM 1084 O O   . HOH C 3 .   ? 1.142   18.607  -6.642  1.00 19.41 ? 3809 HOH A O   1 
HETATM 1085 O O   . HOH C 3 .   ? -8.253  13.904  1.222   1.00 16.72 ? 3810 HOH A O   1 
HETATM 1086 O O   . HOH C 3 .   ? -2.933  0.200   -10.854 1.00 16.27 ? 3811 HOH A O   1 
HETATM 1087 O O   . HOH C 3 .   ? -21.310 15.526  -2.107  1.00 19.61 ? 3812 HOH A O   1 
HETATM 1088 O O   . HOH C 3 .   ? -2.589  20.737  -3.846  0.50 11.44 ? 3813 HOH A O   1 
HETATM 1089 O O   . HOH C 3 .   ? -8.991  11.177  1.312   1.00 17.16 ? 3814 HOH A O   1 
HETATM 1090 O O   . HOH C 3 .   ? -6.892  14.346  -13.961 1.00 21.28 ? 3815 HOH A O   1 
HETATM 1091 O O   . HOH C 3 .   ? -7.145  10.120  3.164   1.00 19.95 ? 3816 HOH A O   1 
HETATM 1092 O O   . HOH C 3 .   ? -10.562 18.621  -4.063  1.00 22.97 ? 3817 HOH A O   1 
HETATM 1093 O O   . HOH C 3 .   ? -10.410 -0.854  1.631   1.00 18.21 ? 3818 HOH A O   1 
HETATM 1094 O O   . HOH C 3 .   ? 8.441   -9.832  16.690  1.00 19.45 ? 3819 HOH A O   1 
HETATM 1095 O O   . HOH C 3 .   ? 10.569  -8.143  17.359  1.00 22.51 ? 3820 HOH A O   1 
HETATM 1096 O O   . HOH C 3 .   ? -12.947 5.973   -10.999 1.00 19.82 ? 3821 HOH A O   1 
HETATM 1097 O O   . HOH C 3 .   ? 5.209   -3.084  -2.305  1.00 21.78 ? 3822 HOH A O   1 
HETATM 1098 O O   . HOH C 3 .   ? -10.509 10.856  3.582   1.00 22.50 ? 3823 HOH A O   1 
HETATM 1099 O O   . HOH C 3 .   ? -4.619  17.591  -11.301 1.00 23.01 ? 3824 HOH A O   1 
HETATM 1100 O O   . HOH C 3 .   ? -10.407 20.550  -13.165 1.00 22.74 ? 3825 HOH A O   1 
HETATM 1101 O O   . HOH C 3 .   ? -10.097 15.319  2.913   1.00 21.61 ? 3826 HOH A O   1 
HETATM 1102 O O   . HOH C 3 .   ? -13.277 3.534   -7.936  1.00 26.00 ? 3827 HOH A O   1 
HETATM 1103 O O   . HOH C 3 .   ? -14.119 7.113   -6.503  1.00 21.59 ? 3828 HOH A O   1 
HETATM 1104 O O   . HOH C 3 .   ? -3.618  15.009  2.851   1.00 24.86 ? 3829 HOH A O   1 
HETATM 1105 O O   . HOH C 3 .   ? 4.110   -10.459 -4.091  1.00 32.37 ? 3830 HOH A O   1 
HETATM 1106 O O   . HOH C 3 .   ? -9.600  -2.389  -10.622 1.00 23.96 ? 3831 HOH A O   1 
HETATM 1107 O O   . HOH C 3 .   ? 10.613  0.865   3.337   1.00 26.18 ? 3832 HOH A O   1 
HETATM 1108 O O   . HOH C 3 .   ? -16.057 11.356  -11.485 1.00 20.95 ? 3833 HOH A O   1 
HETATM 1109 O O   . HOH C 3 .   ? -6.242  14.256  3.179   1.00 25.90 ? 3834 HOH A O   1 
HETATM 1110 O O   . HOH C 3 .   ? 11.438  -11.600 14.250  1.00 25.37 ? 3835 HOH A O   1 
HETATM 1111 O O   . HOH C 3 .   ? 15.736  -1.028  6.314   1.00 27.66 ? 3836 HOH A O   1 
HETATM 1112 O O   . HOH C 3 .   ? 18.372  -13.328 10.274  1.00 25.13 ? 3837 HOH A O   1 
HETATM 1113 O O   . HOH C 3 .   ? 14.514  -3.250  7.281   1.00 25.00 ? 3838 HOH A O   1 
HETATM 1114 O O   . HOH C 3 .   ? -18.745 3.122   4.149   1.00 22.50 ? 3839 HOH A O   1 
HETATM 1115 O O   . HOH C 3 .   ? 3.692   8.860   -6.677  1.00 24.76 ? 3840 HOH A O   1 
HETATM 1116 O O   . HOH C 3 .   ? 1.732   -11.749 -0.897  1.00 26.46 ? 3841 HOH A O   1 
HETATM 1117 O O   . HOH C 3 .   ? 1.579   4.299   -14.651 1.00 31.18 ? 3842 HOH A O   1 
HETATM 1118 O O   . HOH C 3 .   ? -6.114  6.865   -15.520 1.00 29.36 ? 3843 HOH A O   1 
HETATM 1119 O O   . HOH C 3 .   ? 17.384  -5.005  14.545  1.00 27.83 ? 3844 HOH A O   1 
HETATM 1120 O O   . HOH C 3 .   ? 3.129   15.353  -6.146  1.00 31.34 ? 3845 HOH A O   1 
HETATM 1121 O O   . HOH C 3 .   ? -8.928  6.002   4.463   1.00 24.75 ? 3846 HOH A O   1 
HETATM 1122 O O   . HOH C 3 .   ? -12.454 -0.789  -12.705 1.00 23.87 ? 3847 HOH A O   1 
HETATM 1123 O O   . HOH C 3 .   ? -22.022 5.588   2.441   1.00 21.84 ? 3848 HOH A O   1 
HETATM 1124 O O   . HOH C 3 .   ? 0.775   6.013   -3.564  1.00 23.81 ? 3849 HOH A O   1 
HETATM 1125 O O   . HOH C 3 .   ? 0.854   12.867  -2.203  1.00 28.66 ? 3850 HOH A O   1 
HETATM 1126 O O   . HOH C 3 .   ? 0.379   -5.299  -6.370  1.00 24.06 ? 3851 HOH A O   1 
HETATM 1127 O O   . HOH C 3 .   ? -8.935  -4.749  2.377   1.00 27.30 ? 3852 HOH A O   1 
HETATM 1128 O O   . HOH C 3 .   ? 2.065   -4.848  -8.522  1.00 26.67 ? 3853 HOH A O   1 
HETATM 1129 O O   . HOH C 3 .   ? 2.976   14.595  -10.079 1.00 24.54 ? 3854 HOH A O   1 
HETATM 1130 O O   . HOH C 3 .   ? -2.340  -4.969  -6.831  1.00 24.29 ? 3855 HOH A O   1 
HETATM 1131 O O   . HOH C 3 .   ? 5.936   -0.573  -2.849  1.00 26.70 ? 3856 HOH A O   1 
HETATM 1132 O O   . HOH C 3 .   ? 8.808   -19.858 9.949   1.00 27.93 ? 3857 HOH A O   1 
HETATM 1133 O O   . HOH C 3 .   ? 13.977  -10.559 11.016  1.00 27.41 ? 3858 HOH A O   1 
HETATM 1134 O O   . HOH C 3 .   ? 11.590  -12.261 -3.768  1.00 37.23 ? 3859 HOH A O   1 
HETATM 1135 O O   . HOH C 3 .   ? 16.706  -11.951 11.985  1.00 29.71 ? 3860 HOH A O   1 
HETATM 1136 O O   . HOH C 3 .   ? 0.367   -7.926  -3.222  1.00 28.14 ? 3861 HOH A O   1 
HETATM 1137 O O   . HOH C 3 .   ? 3.905   -17.274 1.343   1.00 30.01 ? 3862 HOH A O   1 
HETATM 1138 O O   . HOH C 3 .   ? -19.820 5.667   -1.893  1.00 29.54 ? 3863 HOH A O   1 
HETATM 1139 O O   . HOH C 3 .   ? 2.715   2.543   -1.797  1.00 27.08 ? 3864 HOH A O   1 
HETATM 1140 O O   . HOH C 3 .   ? 5.955   -8.658  15.969  1.00 28.13 ? 3865 HOH A O   1 
HETATM 1141 O O   . HOH C 3 .   ? 1.971   7.905   -10.284 1.00 29.86 ? 3866 HOH A O   1 
HETATM 1142 O O   . HOH C 3 .   ? 22.160  -10.079 14.984  1.00 28.12 ? 3867 HOH A O   1 
HETATM 1143 O O   . HOH C 3 .   ? 2.137   20.542  -2.504  1.00 33.04 ? 3868 HOH A O   1 
HETATM 1144 O O   . HOH C 3 .   ? -9.702  20.383  -0.999  1.00 32.63 ? 3869 HOH A O   1 
HETATM 1145 O O   . HOH C 3 .   ? -3.424  -9.545  -1.518  1.00 31.14 ? 3870 HOH A O   1 
HETATM 1146 O O   . HOH C 3 .   ? -15.824 8.438   -8.178  1.00 24.97 ? 3871 HOH A O   1 
HETATM 1147 O O   . HOH C 3 .   ? -8.043  -4.316  -9.315  1.00 31.78 ? 3872 HOH A O   1 
HETATM 1148 O O   . HOH C 3 .   ? -17.980 4.531   -0.607  1.00 32.28 ? 3873 HOH A O   1 
HETATM 1149 O O   . HOH C 3 .   ? -11.000 19.052  2.674   1.00 30.72 ? 3874 HOH A O   1 
HETATM 1150 O O   . HOH C 3 .   ? 5.958   -19.544 13.609  1.00 26.56 ? 3875 HOH A O   1 
HETATM 1151 O O   . HOH C 3 .   ? -8.665  -2.412  4.789   1.00 33.07 ? 3876 HOH A O   1 
HETATM 1152 O O   . HOH C 3 .   ? 17.122  -2.096  -2.360  1.00 33.03 ? 3877 HOH A O   1 
HETATM 1153 O O   . HOH C 3 .   ? -9.098  4.120   6.690   1.00 33.98 ? 3878 HOH A O   1 
HETATM 1154 O O   . HOH C 3 .   ? -20.571 3.252   2.313   1.00 31.98 ? 3879 HOH A O   1 
HETATM 1155 O O   . HOH C 3 .   ? -2.100  4.861   5.979   1.00 36.49 ? 3880 HOH A O   1 
HETATM 1156 O O   . HOH C 3 .   ? -9.522  5.488   -16.453 1.00 29.15 ? 3881 HOH A O   1 
HETATM 1157 O O   . HOH C 3 .   ? 1.515   -0.971  11.400  1.00 37.75 ? 3882 HOH A O   1 
HETATM 1158 O O   . HOH C 3 .   ? -0.321  -18.772 7.579   1.00 30.58 ? 3883 HOH A O   1 
HETATM 1159 O O   . HOH C 3 .   ? -0.320  3.327   2.207   1.00 33.39 ? 3884 HOH A O   1 
HETATM 1160 O O   . HOH C 3 .   ? -12.635 -2.988  4.873   1.00 49.95 ? 3885 HOH A O   1 
HETATM 1161 O O   . HOH C 3 .   ? -12.366 11.240  -16.789 1.00 33.84 ? 3886 HOH A O   1 
HETATM 1162 O O   . HOH C 3 .   ? 23.024  -8.568  3.891   1.00 38.88 ? 3887 HOH A O   1 
HETATM 1163 O O   . HOH C 3 .   ? -2.663  -4.791  7.202   1.00 31.66 ? 3888 HOH A O   1 
HETATM 1164 O O   . HOH C 3 .   ? -2.650  19.516  -10.642 1.00 31.85 ? 3889 HOH A O   1 
HETATM 1165 O O   . HOH C 3 .   ? -3.020  -12.928 16.417  1.00 28.70 ? 3890 HOH A O   1 
HETATM 1166 O O   . HOH C 3 .   ? -10.342 7.664   -15.044 1.00 31.07 ? 3891 HOH A O   1 
HETATM 1167 O O   . HOH C 3 .   ? -12.521 15.317  -17.750 1.00 28.91 ? 3892 HOH A O   1 
HETATM 1168 O O   . HOH C 3 .   ? -11.882 -3.712  -9.198  1.00 35.18 ? 3893 HOH A O   1 
HETATM 1169 O O   . HOH C 3 .   ? -9.939  27.687  -7.819  1.00 33.72 ? 3894 HOH A O   1 
HETATM 1170 O O   . HOH C 3 .   ? 2.860   2.801   -4.947  1.00 30.97 ? 3895 HOH A O   1 
HETATM 1171 O O   . HOH C 3 .   ? 6.592   -22.508 -3.435  1.00 40.50 ? 3896 HOH A O   1 
HETATM 1172 O O   . HOH C 3 .   ? 13.746  -22.354 7.582   1.00 37.63 ? 3897 HOH A O   1 
HETATM 1173 O O   . HOH C 3 .   ? -5.090  16.326  -14.164 1.00 32.57 ? 3898 HOH A O   1 
HETATM 1174 O O   . HOH C 3 .   ? 2.187   8.351   -3.346  1.00 40.35 ? 3899 HOH A O   1 
HETATM 1175 O O   . HOH C 3 .   ? 14.941  -10.259 -2.409  1.00 34.92 ? 3900 HOH A O   1 
HETATM 1176 O O   . HOH C 3 .   ? -7.250  4.381   -16.225 1.00 34.35 ? 3901 HOH A O   1 
HETATM 1177 O O   . HOH C 3 .   ? 15.238  0.902   10.187  1.00 34.14 ? 3902 HOH A O   1 
HETATM 1178 O O   . HOH C 3 .   ? 11.370  -17.216 -4.722  1.00 39.62 ? 3903 HOH A O   1 
HETATM 1179 O O   . HOH C 3 .   ? -11.372 21.506  -4.124  1.00 31.06 ? 3904 HOH A O   1 
HETATM 1180 O O   . HOH C 3 .   ? -5.639  11.924  4.558   1.00 34.13 ? 3905 HOH A O   1 
HETATM 1181 O O   . HOH C 3 .   ? 1.528   -9.224  -1.463  1.00 35.51 ? 3906 HOH A O   1 
HETATM 1182 O O   . HOH C 3 .   ? -11.936 -2.927  -6.665  1.00 32.48 ? 3907 HOH A O   1 
HETATM 1183 O O   . HOH C 3 .   ? 20.405  -3.258  2.568   1.00 34.62 ? 3908 HOH A O   1 
HETATM 1184 O O   . HOH C 3 .   ? 0.427   -7.975  22.156  1.00 36.55 ? 3909 HOH A O   1 
HETATM 1185 O O   . HOH C 3 .   ? 0.995   -3.293  14.005  1.00 35.35 ? 3910 HOH A O   1 
HETATM 1186 O O   . HOH C 3 .   ? -2.122  -8.789  22.803  1.00 35.24 ? 3911 HOH A O   1 
HETATM 1187 O O   . HOH C 3 .   ? 3.374   9.955   -11.681 1.00 38.06 ? 3912 HOH A O   1 
HETATM 1188 O O   . HOH C 3 .   ? -4.610  0.328   10.633  1.00 34.75 ? 3913 HOH A O   1 
HETATM 1189 O O   . HOH C 3 .   ? -2.361  18.352  1.320   1.00 35.89 ? 3914 HOH A O   1 
HETATM 1190 O O   . HOH C 3 .   ? 3.402   13.386  -3.722  1.00 34.81 ? 3915 HOH A O   1 
HETATM 1191 O O   . HOH C 3 .   ? -13.157 22.487  -0.886  1.00 52.97 ? 3916 HOH A O   1 
HETATM 1192 O O   . HOH C 3 .   ? 1.370   14.855  -0.222  1.00 34.58 ? 3917 HOH A O   1 
HETATM 1193 O O   . HOH C 3 .   ? 8.920   1.379   1.092   1.00 33.44 ? 3918 HOH A O   1 
HETATM 1194 O O   . HOH C 3 .   ? -14.626 10.505  -9.496  1.00 33.48 ? 3919 HOH A O   1 
HETATM 1195 O O   . HOH C 3 .   ? -8.428  -2.955  -6.115  1.00 32.60 ? 3920 HOH A O   1 
HETATM 1196 O O   . HOH C 3 .   ? 13.809  -12.339 -1.837  1.00 38.29 ? 3921 HOH A O   1 
HETATM 1197 O O   . HOH C 3 .   ? 18.868  -2.449  -0.614  1.00 42.93 ? 3922 HOH A O   1 
HETATM 1198 O O   . HOH C 3 .   ? 9.131   -18.332 4.658   1.00 33.79 ? 3923 HOH A O   1 
HETATM 1199 O O   . HOH C 3 .   ? 20.784  -10.613 1.040   1.00 34.27 ? 3924 HOH A O   1 
HETATM 1200 O O   . HOH C 3 .   ? -11.567 -4.584  -4.827  1.00 37.67 ? 3925 HOH A O   1 
HETATM 1201 O O   . HOH C 3 .   ? -8.307  22.050  -13.518 1.00 34.97 ? 3926 HOH A O   1 
HETATM 1202 O O   . HOH C 3 .   ? 3.541   6.121   -11.177 1.00 42.06 ? 3927 HOH A O   1 
HETATM 1203 O O   . HOH C 3 .   ? 3.852   0.064   -4.458  1.00 33.94 ? 3928 HOH A O   1 
HETATM 1204 O O   . HOH C 3 .   ? -13.814 22.478  -5.191  1.00 35.54 ? 3929 HOH A O   1 
HETATM 1205 O O   . HOH C 3 .   ? 5.102   0.024   12.666  1.00 44.72 ? 3930 HOH A O   1 
HETATM 1206 O O   . HOH C 3 .   ? 6.124   -18.795 4.205   1.00 35.11 ? 3931 HOH A O   1 
HETATM 1207 O O   . HOH C 3 .   ? -19.759 7.381   -4.335  1.00 35.33 ? 3932 HOH A O   1 
HETATM 1208 O O   . HOH C 3 .   ? 14.807  -15.110 -1.675  1.00 39.59 ? 3933 HOH A O   1 
HETATM 1209 O O   . HOH C 3 .   ? 24.514  -8.757  14.129  1.00 36.85 ? 3934 HOH A O   1 
HETATM 1210 O O   . HOH C 3 .   ? 20.193  -15.068 7.056   1.00 40.31 ? 3935 HOH A O   1 
HETATM 1211 O O   . HOH C 3 .   ? 5.007   11.177  -7.481  1.00 39.75 ? 3936 HOH A O   1 
HETATM 1212 O O   . HOH C 3 .   ? 14.056  0.822   4.949   1.00 43.05 ? 3937 HOH A O   1 
HETATM 1213 O O   . HOH C 3 .   ? 11.267  -3.970  19.355  1.00 44.09 ? 3938 HOH A O   1 
HETATM 1214 O O   . HOH C 3 .   ? 23.311  -6.703  12.202  1.00 49.40 ? 3939 HOH A O   1 
HETATM 1215 O O   . HOH C 3 .   ? 5.686   1.265   -0.966  1.00 45.46 ? 3940 HOH A O   1 
HETATM 1216 O O   . HOH C 3 .   ? 2.969   -12.985 -4.496  1.00 44.51 ? 3941 HOH A O   1 
HETATM 1217 O O   . HOH C 3 .   ? 10.092  -21.217 8.199   1.00 33.50 ? 3942 HOH A O   1 
HETATM 1218 O O   . HOH C 3 .   ? -1.440  -10.932 -0.433  1.00 42.58 ? 3943 HOH A O   1 
HETATM 1219 O O   . HOH C 3 .   ? 9.527   -9.374  -5.224  1.00 42.08 ? 3944 HOH A O   1 
HETATM 1220 O O   . HOH C 3 .   ? -8.580  10.828  -17.269 1.00 40.56 ? 3945 HOH A O   1 
HETATM 1221 O O   . HOH C 3 .   ? 14.390  -12.839 12.739  1.00 28.08 ? 3946 HOH A O   1 
HETATM 1222 O O   . HOH C 3 .   ? 16.542  -18.871 5.664   1.00 40.29 ? 3947 HOH A O   1 
HETATM 1223 O O   . HOH C 3 .   ? 19.222  -0.767  11.548  1.00 44.79 ? 3948 HOH A O   1 
HETATM 1224 O O   . HOH C 3 .   ? -6.349  -10.663 21.044  1.00 45.80 ? 3949 HOH A O   1 
HETATM 1225 O O   . HOH C 3 .   ? -2.027  -7.376  7.756   1.00 33.18 ? 3950 HOH A O   1 
HETATM 1226 O O   . HOH C 3 .   ? -4.378  -6.217  -6.239  1.00 42.23 ? 3951 HOH A O   1 
HETATM 1227 O O   . HOH C 3 .   ? -23.739 14.747  -5.320  1.00 46.13 ? 3952 HOH A O   1 
HETATM 1228 O O   . HOH C 3 .   ? -13.004 7.697   -9.112  1.00 34.28 ? 3953 HOH A O   1 
HETATM 1229 O O   . HOH C 3 .   ? 4.068   1.368   -12.097 1.00 42.90 ? 3954 HOH A O   1 
HETATM 1230 O O   . HOH C 3 .   ? 9.189   -5.547  17.365  1.00 40.80 ? 3955 HOH A O   1 
HETATM 1231 O O   . HOH C 3 .   ? 2.120   -18.268 -0.337  1.00 53.19 ? 3956 HOH A O   1 
HETATM 1232 O O   . HOH C 3 .   ? -1.747  8.423   -16.020 1.00 43.65 ? 3957 HOH A O   1 
HETATM 1233 O O   . HOH C 3 .   ? -16.850 0.610   -2.786  1.00 43.31 ? 3958 HOH A O   1 
HETATM 1234 O O   . HOH C 3 .   ? 5.096   -20.642 2.774   1.00 48.39 ? 3959 HOH A O   1 
HETATM 1235 O O   . HOH C 3 .   ? 24.800  -10.025 5.419   1.00 47.74 ? 3960 HOH A O   1 
HETATM 1236 O O   . HOH C 3 .   ? 21.591  -8.296  -2.355  1.00 48.97 ? 3961 HOH A O   1 
HETATM 1237 O O   . HOH C 3 .   ? -1.827  -9.328  -3.853  1.00 49.76 ? 3962 HOH A O   1 
HETATM 1238 O O   . HOH C 3 .   ? -2.428  -11.321 10.905  1.00 40.43 ? 3963 HOH A O   1 
HETATM 1239 O O   . HOH C 3 .   ? 19.589  -9.810  -1.446  1.00 48.25 ? 3964 HOH A O   1 
HETATM 1240 O O   . HOH C 3 .   ? 10.862  -21.561 -13.164 1.00 41.29 ? 3965 HOH A O   1 
HETATM 1241 O O   . HOH C 3 .   ? 18.458  -2.753  20.360  1.00 41.50 ? 3966 HOH A O   1 
HETATM 1242 O O   . HOH C 3 .   ? 4.873   4.384   -5.756  1.00 36.31 ? 3967 HOH A O   1 
HETATM 1243 O O   . HOH C 3 .   ? 14.287  -8.211  -5.378  1.00 48.22 ? 3968 HOH A O   1 
HETATM 1244 O O   . HOH C 3 .   ? -4.381  -4.984  9.114   1.00 46.53 ? 3969 HOH A O   1 
HETATM 1245 O O   . HOH C 3 .   ? 12.136  -0.815  -7.169  1.00 44.00 ? 3970 HOH A O   1 
HETATM 1246 O O   . HOH C 3 .   ? 22.319  -14.349 8.048   1.00 40.34 ? 3971 HOH A O   1 
HETATM 1247 O O   . HOH C 3 .   ? 17.073  -4.698  -6.252  1.00 44.23 ? 3972 HOH A O   1 
HETATM 1248 O O   . HOH C 3 .   ? -1.400  -1.791  13.577  1.00 60.22 ? 3973 HOH A O   1 
HETATM 1249 O O   . HOH C 3 .   ? -1.390  -18.375 13.090  1.00 56.76 ? 3974 HOH A O   1 
HETATM 1250 O O   . HOH C 3 .   ? 5.188   17.458  -3.956  1.00 40.21 ? 3975 HOH A O   1 
HETATM 1251 O O   . HOH C 3 .   ? -0.541  -13.384 12.267  1.00 38.22 ? 3976 HOH A O   1 
HETATM 1252 O O   . HOH C 3 .   ? 2.571   -17.284 -2.974  1.00 44.75 ? 3977 HOH A O   1 
HETATM 1253 O O   . HOH C 3 .   ? 19.404  -7.070  15.600  1.00 45.66 ? 3978 HOH A O   1 
HETATM 1254 O O   . HOH C 3 .   ? -13.841 25.172  -6.089  1.00 40.87 ? 3979 HOH A O   1 
HETATM 1255 O O   . HOH C 3 .   ? -3.321  -15.399 7.214   1.00 47.88 ? 3980 HOH A O   1 
HETATM 1256 O O   . HOH C 3 .   ? 16.146  0.255   -0.901  1.00 58.38 ? 3981 HOH A O   1 
HETATM 1257 O O   . HOH C 3 .   ? -4.672  24.166  -12.628 1.00 34.60 ? 3982 HOH A O   1 
HETATM 1258 O O   . HOH C 3 .   ? -2.492  -9.927  13.700  1.00 44.06 ? 3983 HOH A O   1 
HETATM 1259 O O   . HOH C 3 .   ? -4.545  -3.664  11.403  1.00 54.50 ? 3984 HOH A O   1 
HETATM 1260 O O   . HOH C 3 .   ? -2.885  9.052   2.690   1.00 45.24 ? 3985 HOH A O   1 
HETATM 1261 O O   . HOH C 3 .   ? -7.054  -6.412  1.999   1.00 56.21 ? 3986 HOH A O   1 
HETATM 1262 O O   . HOH C 3 .   ? -9.246  1.702   8.478   1.00 49.87 ? 3987 HOH A O   1 
HETATM 1263 O O   . HOH C 3 .   ? -12.745 26.717  -7.919  1.00 46.42 ? 3988 HOH A O   1 
HETATM 1264 O O   . HOH C 3 .   ? -16.467 -1.759  -1.843  1.00 41.93 ? 3989 HOH A O   1 
HETATM 1265 O O   . HOH C 3 .   ? 4.635   -1.843  -6.432  1.00 43.08 ? 3990 HOH A O   1 
HETATM 1266 O O   . HOH C 3 .   ? 12.189  2.605   7.184   1.00 48.20 ? 3991 HOH A O   1 
HETATM 1267 O O   . HOH C 3 .   ? 1.931   -20.015 11.573  1.00 49.16 ? 3992 HOH A O   1 
HETATM 1268 O O   . HOH C 3 .   ? 23.137  -9.688  1.527   1.00 42.81 ? 3993 HOH A O   1 
HETATM 1269 O O   . HOH C 3 .   ? -18.943 22.468  -4.311  1.00 43.57 ? 3994 HOH A O   1 
HETATM 1270 O O   . HOH C 3 .   ? 3.576   -2.557  -10.959 1.00 42.76 ? 3995 HOH A O   1 
HETATM 1271 O O   . HOH C 3 .   ? 17.652  -10.045 -2.798  1.00 46.20 ? 3996 HOH A O   1 
HETATM 1272 O O   . HOH C 3 .   ? -18.781 1.111   6.119   1.00 40.19 ? 3997 HOH A O   1 
HETATM 1273 O O   . HOH C 3 .   ? 4.309   -3.455  -8.249  1.00 51.22 ? 3998 HOH A O   1 
HETATM 1274 O O   . HOH C 3 .   ? 18.078  -8.587  -4.878  1.00 44.40 ? 3999 HOH A O   1 
HETATM 1275 O O   . HOH C 3 .   ? 11.561  -0.950  17.078  1.00 50.12 ? 4000 HOH A O   1 
HETATM 1276 O O   . HOH C 3 .   ? 5.473   6.952   -7.447  1.00 36.89 ? 4001 HOH A O   1 
HETATM 1277 O O   . HOH C 3 .   ? -19.868 0.545   -2.697  1.00 48.17 ? 4002 HOH A O   1 
HETATM 1278 O O   . HOH C 3 .   ? 6.143   0.209   -7.346  1.00 47.29 ? 4003 HOH A O   1 
HETATM 1279 O O   . HOH C 3 .   ? 5.232   2.432   6.301   1.00 44.97 ? 4004 HOH A O   1 
HETATM 1280 O O   . HOH C 3 .   ? -1.906  -15.653 12.143  1.00 43.42 ? 4005 HOH A O   1 
HETATM 1281 O O   . HOH C 3 .   ? 21.835  -6.217  14.539  1.00 41.12 ? 4006 HOH A O   1 
HETATM 1282 O O   . HOH C 3 .   ? 17.871  -2.204  -5.012  1.00 43.86 ? 4007 HOH A O   1 
HETATM 1283 O O   . HOH C 3 .   ? 3.687   1.852   4.456   1.00 41.77 ? 4008 HOH A O   1 
HETATM 1284 O O   . HOH C 3 .   ? -18.311 20.398  -2.884  1.00 43.18 ? 4009 HOH A O   1 
HETATM 1285 O O   . HOH C 3 .   ? 5.144   4.665   -8.551  1.00 42.26 ? 4010 HOH A O   1 
HETATM 1286 O O   . HOH C 3 .   ? -21.934 20.372  -9.178  1.00 43.05 ? 4011 HOH A O   1 
HETATM 1287 O O   . HOH C 3 .   ? -0.558  -17.813 0.138   1.00 46.83 ? 4012 HOH A O   1 
HETATM 1288 O O   . HOH C 3 .   ? -14.400 1.740   -5.712  1.00 48.15 ? 4013 HOH A O   1 
HETATM 1289 O O   . HOH C 3 .   ? 13.033  0.382   2.050   1.00 42.74 ? 4014 HOH A O   1 
HETATM 1290 O O   . HOH C 3 .   ? 9.736   -0.008  15.180  1.00 58.21 ? 4015 HOH A O   1 
HETATM 1291 O O   . HOH C 3 .   ? 1.986   3.830   0.903   1.00 39.12 ? 4016 HOH A O   1 
HETATM 1292 O O   . HOH C 3 .   ? -2.725  20.706  -13.824 0.50 49.75 ? 4017 HOH A O   1 
HETATM 1293 O O   . HOH C 3 .   ? 9.717   -2.926  17.508  1.00 57.03 ? 4018 HOH A O   1 
HETATM 1294 O O   . HOH C 3 .   ? 4.395   3.477   2.394   1.00 47.45 ? 4019 HOH A O   1 
HETATM 1295 O O   . HOH C 3 .   ? 17.644  -0.641  -6.962  1.00 54.85 ? 4020 HOH A O   1 
HETATM 1296 O O   . HOH C 3 .   ? 12.210  -14.735 -7.978  1.00 46.11 ? 4021 HOH A O   1 
HETATM 1297 O O   . HOH C 3 .   ? 19.347  1.039   1.143   1.00 48.07 ? 4022 HOH A O   1 
HETATM 1298 O O   . HOH C 3 .   ? -6.743  -3.670  -4.381  1.00 47.30 ? 4023 HOH A O   1 
HETATM 1299 O O   . HOH C 3 .   ? -0.201  2.886   6.271   1.00 45.31 ? 4024 HOH A O   1 
HETATM 1300 O O   . HOH C 3 .   ? 14.976  -20.720 0.676   1.00 38.55 ? 4025 HOH A O   1 
HETATM 1301 O O   . HOH C 3 .   ? -19.628 3.385   -3.259  1.00 41.25 ? 4026 HOH A O   1 
HETATM 1302 O O   . HOH C 3 .   ? -4.379  4.792   6.969   1.00 44.54 ? 4027 HOH A O   1 
HETATM 1303 O O   . HOH C 3 .   ? -3.968  -11.456 1.771   1.00 41.60 ? 4028 HOH A O   1 
HETATM 1304 O O   . HOH C 3 .   ? 1.439   3.003   4.200   1.00 47.60 ? 4029 HOH A O   1 
HETATM 1305 O O   . HOH C 3 .   ? -6.222  18.971  -15.425 1.00 47.12 ? 4030 HOH A O   1 
HETATM 1306 O O   . HOH C 3 .   ? 10.996  3.367   4.734   1.00 48.50 ? 4031 HOH A O   1 
HETATM 1307 O O   . HOH C 3 .   ? 14.653  -20.861 5.345   1.00 62.03 ? 4032 HOH A O   1 
HETATM 1308 O O   . HOH C 3 .   ? -2.534  20.375  -0.345  0.50 37.67 ? 4033 HOH A O   1 
HETATM 1309 O O   . HOH C 3 .   ? -11.657 21.630  -15.616 1.00 44.01 ? 4034 HOH A O   1 
HETATM 1310 O O   . HOH C 3 .   ? 19.161  -16.838 -0.207  1.00 50.93 ? 4035 HOH A O   1 
HETATM 1311 O O   . HOH C 3 .   ? -15.177 -3.687  -3.136  1.00 43.07 ? 4036 HOH A O   1 
HETATM 1312 O O   . HOH C 3 .   ? -13.047 30.564  -9.582  1.00 59.75 ? 4037 HOH A O   1 
HETATM 1313 O O   . HOH C 3 .   ? -0.741  -11.906 -4.289  1.00 54.02 ? 4038 HOH A O   1 
HETATM 1314 O O   . HOH C 3 .   ? -13.888 22.662  -16.413 1.00 43.32 ? 4039 HOH A O   1 
HETATM 1315 O O   . HOH C 3 .   ? 0.753   13.516  2.652   1.00 48.81 ? 4040 HOH A O   1 
HETATM 1316 O O   . HOH C 3 .   ? 16.507  -17.371 3.419   1.00 50.11 ? 4041 HOH A O   1 
HETATM 1317 O O   . HOH C 3 .   ? -15.779 23.445  -15.033 1.00 52.46 ? 4042 HOH A O   1 
HETATM 1318 O O   . HOH C 3 .   ? -7.685  8.489   -17.123 1.00 48.31 ? 4043 HOH A O   1 
HETATM 1319 O O   . HOH C 3 .   ? 9.619   1.362   -1.580  1.00 45.63 ? 4044 HOH A O   1 
HETATM 1320 O O   . HOH C 3 .   ? 2.061   10.492  -1.903  1.00 56.89 ? 4045 HOH A O   1 
HETATM 1321 O O   . HOH C 3 .   ? 6.107   -0.827  14.885  1.00 56.08 ? 4046 HOH A O   1 
HETATM 1322 O O   . HOH C 3 .   ? 2.060   5.416   4.344   1.00 54.70 ? 4047 HOH A O   1 
HETATM 1323 O O   . HOH C 3 .   ? 4.283   8.660   -13.950 1.00 63.67 ? 4048 HOH A O   1 
HETATM 1324 O O   . HOH C 3 .   ? 9.487   5.253   4.133   1.00 46.06 ? 4049 HOH A O   1 
HETATM 1325 O O   . HOH C 3 .   ? 20.141  0.114   4.377   1.00 52.38 ? 4050 HOH A O   1 
HETATM 1326 O O   . HOH C 3 .   ? -2.472  -8.219  17.113  1.00 49.40 ? 4051 HOH A O   1 
HETATM 1327 O O   . HOH C 3 .   ? 9.557   -20.771 5.445   1.00 57.80 ? 4052 HOH A O   1 
HETATM 1328 O O   . HOH C 3 .   ? 3.551   10.605  0.339   1.00 43.42 ? 4053 HOH A O   1 
HETATM 1329 O O   . HOH C 3 .   ? -0.162  -19.898 9.854   1.00 52.92 ? 4054 HOH A O   1 
HETATM 1330 O O   . HOH C 3 .   ? 3.026   7.050   -15.698 1.00 56.36 ? 4055 HOH A O   1 
HETATM 1331 O O   . HOH C 3 .   ? 0.947   -7.924  -6.907  1.00 52.81 ? 4056 HOH A O   1 
HETATM 1332 O O   . HOH C 3 .   ? 18.646  -1.215  -9.605  1.00 59.48 ? 4057 HOH A O   1 
HETATM 1333 O O   . HOH C 3 .   ? 1.993   -9.628  -5.350  1.00 49.33 ? 4058 HOH A O   1 
HETATM 1334 O O   . HOH C 3 .   ? -8.644  17.803  -16.245 1.00 41.53 ? 4059 HOH A O   1 
HETATM 1335 O O   . HOH C 3 .   ? -15.464 22.651  -3.128  1.00 47.36 ? 4060 HOH A O   1 
HETATM 1336 O O   . HOH C 3 .   ? 23.989  -5.870  4.020   1.00 48.53 ? 4061 HOH A O   1 
HETATM 1337 O O   . HOH C 3 .   ? 24.990  -6.502  0.016   1.00 59.32 ? 4062 HOH A O   1 
HETATM 1338 O O   . HOH C 3 .   ? 16.640  0.195   -11.389 1.00 71.50 ? 4063 HOH A O   1 
HETATM 1339 O O   . HOH C 3 .   ? -9.480  -10.193 -1.348  1.00 52.13 ? 4064 HOH A O   1 
HETATM 1340 O O   . HOH C 3 .   ? -3.600  2.734   7.989   1.00 50.17 ? 4065 HOH A O   1 
HETATM 1341 O O   . HOH C 3 .   ? -11.943 -9.093  -0.998  1.00 51.78 ? 4066 HOH A O   1 
HETATM 1342 O O   . HOH C 3 .   ? -6.575  -12.461 18.583  1.00 61.29 ? 4067 HOH A O   1 
HETATM 1343 O O   . HOH C 3 .   ? -4.317  -14.976 15.563  1.00 60.25 ? 4068 HOH A O   1 
HETATM 1344 O O   . HOH C 3 .   ? 13.330  -1.596  25.502  1.00 48.83 ? 4069 HOH A O   1 
HETATM 1345 O O   . HOH C 3 .   ? 17.566  -14.940 3.299   1.00 58.96 ? 4070 HOH A O   1 
HETATM 1346 O O   . HOH C 3 .   ? 5.581   -8.038  20.143  1.00 52.65 ? 4071 HOH A O   1 
HETATM 1347 O O   . HOH C 3 .   ? -2.961  3.270   10.337  1.00 59.92 ? 4072 HOH A O   1 
HETATM 1348 O O   . HOH C 3 .   ? -0.822  -13.431 -0.624  1.00 51.94 ? 4073 HOH A O   1 
HETATM 1349 O O   . HOH C 3 .   ? 8.174   4.267   2.004   1.00 46.87 ? 4074 HOH A O   1 
HETATM 1350 O O   . HOH C 3 .   ? 20.964  -2.604  -4.229  1.00 46.36 ? 4075 HOH A O   1 
HETATM 1351 O O   . HOH C 3 .   ? -5.715  -10.479 -2.137  1.00 56.60 ? 4076 HOH A O   1 
HETATM 1352 O O   . HOH C 3 .   ? -21.497 0.394   5.688   1.00 53.55 ? 4077 HOH A O   1 
HETATM 1353 O O   . HOH C 3 .   ? 11.819  0.525   13.608  1.00 52.82 ? 4078 HOH A O   1 
HETATM 1354 O O   . HOH C 3 .   ? 9.713   -1.941  22.458  1.00 59.83 ? 4079 HOH A O   1 
HETATM 1355 O O   . HOH C 3 .   ? 12.529  -18.197 -15.146 1.00 46.07 ? 4080 HOH A O   1 
HETATM 1356 O O   . HOH C 3 .   ? -5.399  -9.278  7.573   1.00 53.11 ? 4081 HOH A O   1 
HETATM 1357 O O   . HOH C 3 .   ? -8.010  -6.392  -4.366  1.00 51.47 ? 4082 HOH A O   1 
HETATM 1358 O O   . HOH C 3 .   ? 13.085  0.174   -0.629  1.00 55.16 ? 4083 HOH A O   1 
HETATM 1359 O O   . HOH C 3 .   ? -6.744  -5.270  8.844   1.00 53.81 ? 4084 HOH A O   1 
HETATM 1360 O O   . HOH C 3 .   ? 7.182   -18.040 -13.503 1.00 62.95 ? 4085 HOH A O   1 
HETATM 1361 O O   . HOH C 3 .   ? 5.896   -1.481  -11.860 1.00 55.59 ? 4086 HOH A O   1 
HETATM 1362 O O   . HOH C 3 .   ? 8.770   3.403   13.332  1.00 52.37 ? 4087 HOH A O   1 
HETATM 1363 O O   . HOH C 3 .   ? 12.962  -19.867 -12.940 1.00 62.64 ? 4088 HOH A O   1 
HETATM 1364 O O   . HOH C 3 .   ? -17.409 20.076  -17.946 1.00 54.30 ? 4089 HOH A O   1 
HETATM 1365 O O   . HOH C 3 .   ? -0.742  -20.240 5.116   1.00 51.87 ? 4090 HOH A O   1 
HETATM 1366 O O   . HOH C 3 .   ? 25.762  -8.222  9.956   1.00 61.79 ? 4091 HOH A O   1 
HETATM 1367 O O   . HOH C 3 .   ? -11.863 26.167  -5.037  1.00 49.99 ? 4092 HOH A O   1 
HETATM 1368 O O   . HOH C 3 .   ? 0.108   -20.229 2.950   1.00 48.49 ? 4093 HOH A O   1 
HETATM 1369 O O   . HOH C 3 .   ? -3.092  6.418   -16.131 1.00 41.75 ? 4094 HOH A O   1 
HETATM 1370 O O   . HOH C 3 .   ? -4.408  8.198   -16.865 1.00 58.28 ? 4095 HOH A O   1 
HETATM 1371 O O   . HOH C 3 .   ? 0.990   -19.137 14.574  1.00 40.41 ? 4096 HOH A O   1 
HETATM 1372 O O   . HOH C 3 .   ? -15.643 16.138  -19.713 1.00 48.40 ? 4097 HOH A O   1 
HETATM 1373 O O   . HOH C 3 .   ? 6.448   2.247   -9.287  1.00 58.48 ? 4098 HOH A O   1 
HETATM 1374 O O   . HOH C 3 .   ? 3.021   2.224   10.523  1.00 41.80 ? 4099 HOH A O   1 
HETATM 1375 O O   . HOH C 3 .   ? -10.264 29.387  -9.976  1.00 69.90 ? 4100 HOH A O   1 
HETATM 1376 O O   . HOH C 3 .   ? 1.261   4.880   -0.944  1.00 48.42 ? 4101 HOH A O   1 
HETATM 1377 O O   . HOH C 3 .   ? 14.391  -22.014 -5.592  1.00 51.82 ? 4102 HOH A O   1 
HETATM 1378 O O   . HOH C 3 .   ? -15.477 5.025   -10.537 1.00 44.36 ? 4103 HOH A O   1 
HETATM 1379 O O   . HOH C 3 .   ? -2.640  -13.874 1.234   1.00 55.56 ? 4104 HOH A O   1 
HETATM 1380 O O   . HOH C 3 .   ? 11.374  0.692   -3.469  1.00 65.96 ? 4105 HOH A O   1 
HETATM 1381 O O   . HOH C 3 .   ? 8.545   -7.700  -8.725  1.00 53.05 ? 4106 HOH A O   1 
HETATM 1382 O O   . HOH C 3 .   ? -2.880  15.096  -15.546 1.00 55.59 ? 4107 HOH A O   1 
HETATM 1383 O O   . HOH C 3 .   ? -7.079  25.379  -12.999 1.00 55.33 ? 4108 HOH A O   1 
HETATM 1384 O O   . HOH C 3 .   ? 15.873  -16.372 0.420   1.00 55.39 ? 4109 HOH A O   1 
HETATM 1385 O O   . HOH C 3 .   ? 27.355  -11.476 1.711   0.50 40.30 ? 4110 HOH A O   1 
HETATM 1386 O O   . HOH C 3 .   ? 28.091  -6.575  1.665   1.00 56.00 ? 4111 HOH A O   1 
HETATM 1387 O O   . HOH C 3 .   ? 15.781  -19.549 -5.570  1.00 47.00 ? 4112 HOH A O   1 
HETATM 1388 O O   . HOH C 3 .   ? -0.776  -20.317 -3.963  1.00 50.72 ? 4113 HOH A O   1 
HETATM 1389 O O   . HOH C 3 .   ? 3.243   6.888   0.175   1.00 56.05 ? 4114 HOH A O   1 
HETATM 1390 O O   . HOH C 3 .   ? 27.728  -14.034 3.859   1.00 48.70 ? 4115 HOH A O   1 
HETATM 1391 O O   . HOH C 3 .   ? 7.957   7.492   -6.249  1.00 47.74 ? 4116 HOH A O   1 
HETATM 1392 O O   . HOH C 3 .   ? 18.338  -18.344 1.755   1.00 53.28 ? 4117 HOH A O   1 
HETATM 1393 O O   . HOH C 3 .   ? 24.569  -2.010  12.125  1.00 52.54 ? 4118 HOH A O   1 
HETATM 1394 O O   . HOH C 3 .   ? -25.220 19.012  -5.743  1.00 56.27 ? 4119 HOH A O   1 
HETATM 1395 O O   . HOH C 3 .   ? 22.067  3.484   2.349   1.00 60.90 ? 4120 HOH A O   1 
HETATM 1396 O O   . HOH C 3 .   ? 26.477  -7.486  7.491   1.00 49.09 ? 4121 HOH A O   1 
HETATM 1397 O O   . HOH C 3 .   ? -0.793  7.564   4.943   1.00 55.23 ? 4122 HOH A O   1 
HETATM 1398 O O   . HOH C 3 .   ? 16.934  0.903   8.268   1.00 49.49 ? 4123 HOH A O   1 
HETATM 1399 O O   . HOH C 3 .   ? -2.449  12.359  -19.177 1.00 57.32 ? 4124 HOH A O   1 
HETATM 1400 O O   . HOH C 3 .   ? -23.408 28.835  -11.765 1.00 68.24 ? 4125 HOH A O   1 
HETATM 1401 O O   . HOH C 3 .   ? -15.859 -10.223 -0.693  1.00 65.42 ? 4126 HOH A O   1 
HETATM 1402 O O   . HOH C 3 .   ? -4.228  17.474  4.448   1.00 45.73 ? 4127 HOH A O   1 
# 
